data_1S40
#
_entry.id   1S40
#
loop_
_entity.id
_entity.type
_entity.pdbx_description
1 polymer "5'-D(*GP*TP*GP*TP*GP*GP*GP*TP*GP*TP*G)-3'"
2 polymer 'Cell division control protein 13'
#
loop_
_entity_poly.entity_id
_entity_poly.type
_entity_poly.pdbx_seq_one_letter_code
_entity_poly.pdbx_strand_id
1 'polydeoxyribonucleotide' (DG)(DT)(DG)(DT)(DG)(DG)(DG)(DT)(DG)(DT)(DG) B
2 'polypeptide(L)'
;MRMSKMARKDPTIEFCQLGLDTFETKYITMFGMLVSCSFDKPAFISFVFSDFTKNDIVQNYLYDRYLIDYENKLELNEGF
KAIMYKNQFETFDSKLRKIFNNGLRDLQNGRDENLSQYGIVCKMNIKVKMYNGKLNAIVRECEPVPHSQISSIASPSQCE
HLRLFYQRAFKRIGESAISRYFEEYRRFFPIHRNGSHLA
;
A
#
loop_
_chem_comp.id
_chem_comp.type
_chem_comp.name
_chem_comp.formula
DG DNA linking 2'-DEOXYGUANOSINE-5'-MONOPHOSPHATE 'C10 H14 N5 O7 P'
DT DNA linking THYMIDINE-5'-MONOPHOSPHATE 'C10 H15 N2 O8 P'
#
# COMPACT_ATOMS: atom_id res chain seq x y z
N LYS B 5 -27.80 -2.58 11.56
CA LYS B 5 -27.84 -3.87 12.29
C LYS B 5 -26.42 -4.34 12.63
N MET B 6 -26.22 -5.62 12.75
CA MET B 6 -24.85 -6.13 13.07
C MET B 6 -24.50 -7.29 12.13
N ALA B 7 -24.33 -7.01 10.87
CA ALA B 7 -23.98 -8.08 9.90
C ALA B 7 -23.63 -7.48 8.54
N ARG B 8 -22.37 -7.42 8.21
CA ARG B 8 -21.97 -6.85 6.90
C ARG B 8 -20.79 -7.63 6.32
N LYS B 9 -20.47 -7.42 5.08
CA LYS B 9 -19.34 -8.18 4.46
C LYS B 9 -18.17 -7.24 4.13
N ASP B 10 -17.15 -7.76 3.48
CA ASP B 10 -15.98 -6.92 3.12
C ASP B 10 -15.90 -6.75 1.60
N PRO B 11 -16.30 -5.61 1.15
CA PRO B 11 -16.29 -5.31 -0.31
C PRO B 11 -14.86 -5.05 -0.79
N THR B 12 -14.72 -4.49 -1.97
CA THR B 12 -13.36 -4.21 -2.52
C THR B 12 -13.44 -3.21 -3.67
N ILE B 13 -12.53 -2.29 -3.73
CA ILE B 13 -12.55 -1.29 -4.83
C ILE B 13 -11.13 -0.77 -5.05
N GLU B 14 -10.97 0.36 -5.68
CA GLU B 14 -9.59 0.88 -5.91
C GLU B 14 -9.61 2.30 -6.47
N PHE B 15 -9.75 3.28 -5.62
CA PHE B 15 -9.78 4.70 -6.10
C PHE B 15 -10.94 4.91 -7.06
N CYS B 16 -10.83 4.42 -8.26
CA CYS B 16 -11.94 4.57 -9.24
C CYS B 16 -13.13 3.73 -8.81
N GLN B 17 -12.87 2.61 -8.19
CA GLN B 17 -13.98 1.74 -7.73
C GLN B 17 -14.52 2.21 -6.38
N LEU B 18 -14.13 3.40 -5.96
CA LEU B 18 -14.61 3.94 -4.67
C LEU B 18 -16.14 3.98 -4.61
N GLY B 19 -16.67 4.92 -3.87
CA GLY B 19 -18.17 5.03 -3.77
C GLY B 19 -18.58 5.75 -2.48
N LEU B 20 -17.64 6.00 -1.61
CA LEU B 20 -17.96 6.69 -0.33
C LEU B 20 -18.81 7.93 -0.58
N ASP B 21 -19.11 8.65 0.47
CA ASP B 21 -19.90 9.90 0.33
C ASP B 21 -19.76 10.72 1.61
N THR B 22 -20.00 12.00 1.54
CA THR B 22 -19.86 12.86 2.75
C THR B 22 -20.41 12.16 3.99
N PHE B 23 -21.68 12.20 4.16
CA PHE B 23 -22.32 11.56 5.35
C PHE B 23 -22.09 10.05 5.34
N GLU B 24 -21.55 9.54 4.29
CA GLU B 24 -21.32 8.08 4.21
C GLU B 24 -20.23 7.60 5.14
N THR B 25 -19.69 6.49 4.76
CA THR B 25 -18.59 5.80 5.52
C THR B 25 -18.74 4.28 5.30
N LYS B 26 -17.67 3.54 5.34
CA LYS B 26 -17.79 2.06 5.14
C LYS B 26 -16.43 1.37 5.27
N TYR B 27 -16.34 0.19 4.74
CA TYR B 27 -15.06 -0.57 4.80
C TYR B 27 -14.66 -0.97 3.37
N ILE B 28 -13.40 -0.96 3.06
CA ILE B 28 -12.98 -1.33 1.68
C ILE B 28 -11.57 -1.93 1.68
N THR B 29 -11.30 -2.80 0.74
CA THR B 29 -9.96 -3.44 0.67
C THR B 29 -9.15 -2.86 -0.50
N MET B 30 -8.08 -2.19 -0.22
CA MET B 30 -7.25 -1.61 -1.32
C MET B 30 -5.95 -2.41 -1.48
N PHE B 31 -5.58 -2.70 -2.69
CA PHE B 31 -4.32 -3.46 -2.92
C PHE B 31 -3.27 -2.51 -3.53
N GLY B 32 -2.06 -2.51 -3.03
CA GLY B 32 -1.05 -1.59 -3.62
C GLY B 32 0.33 -1.84 -2.99
N MET B 33 1.32 -1.16 -3.48
CA MET B 33 2.70 -1.33 -2.94
C MET B 33 3.02 -0.19 -1.97
N LEU B 34 3.62 -0.49 -0.86
CA LEU B 34 3.98 0.59 0.11
C LEU B 34 5.10 1.43 -0.51
N VAL B 35 5.04 2.72 -0.32
CA VAL B 35 6.10 3.59 -0.90
C VAL B 35 6.73 4.45 0.20
N SER B 36 5.97 4.76 1.22
CA SER B 36 6.53 5.59 2.32
C SER B 36 6.01 5.10 3.68
N CYS B 37 6.50 5.68 4.74
CA CYS B 37 6.04 5.27 6.10
C CYS B 37 6.47 6.30 7.14
N SER B 38 5.79 6.36 8.25
CA SER B 38 6.17 7.35 9.30
C SER B 38 5.81 6.80 10.69
N PHE B 39 6.72 6.10 11.31
CA PHE B 39 6.44 5.54 12.66
C PHE B 39 6.78 6.56 13.74
N ASP B 40 7.26 7.72 13.35
CA ASP B 40 7.62 8.76 14.36
C ASP B 40 6.37 9.19 15.14
N LYS B 41 5.27 9.37 14.48
CA LYS B 41 4.03 9.80 15.19
C LYS B 41 3.70 8.78 16.30
N PRO B 42 3.45 9.31 17.46
CA PRO B 42 3.11 8.46 18.63
C PRO B 42 1.70 7.90 18.52
N ALA B 43 1.02 8.13 17.43
CA ALA B 43 -0.37 7.61 17.31
C ALA B 43 -0.42 6.45 16.31
N PHE B 44 0.61 6.26 15.55
CA PHE B 44 0.60 5.14 14.55
C PHE B 44 1.83 5.19 13.65
N ILE B 45 1.78 4.53 12.52
CA ILE B 45 2.94 4.56 11.58
C ILE B 45 2.44 4.99 10.19
N SER B 46 2.21 6.26 10.03
CA SER B 46 1.70 6.78 8.72
C SER B 46 2.29 5.98 7.54
N PHE B 47 1.45 5.56 6.63
CA PHE B 47 1.94 4.77 5.46
C PHE B 47 1.33 5.33 4.16
N VAL B 48 2.04 5.20 3.08
CA VAL B 48 1.49 5.68 1.78
C VAL B 48 1.62 4.58 0.73
N PHE B 49 0.52 3.99 0.37
CA PHE B 49 0.54 2.91 -0.64
C PHE B 49 0.28 3.46 -2.04
N SER B 50 0.28 2.61 -3.02
CA SER B 50 0.01 3.08 -4.42
C SER B 50 -0.38 1.91 -5.32
N ASP B 51 -1.04 2.20 -6.41
CA ASP B 51 -1.45 1.10 -7.34
C ASP B 51 -1.99 1.70 -8.65
N PHE B 52 -3.03 1.13 -9.19
CA PHE B 52 -3.59 1.67 -10.47
C PHE B 52 -4.79 2.58 -10.22
N THR B 53 -5.77 2.53 -11.08
CA THR B 53 -6.99 3.37 -10.90
C THR B 53 -6.60 4.81 -10.55
N LYS B 54 -7.58 5.64 -10.24
CA LYS B 54 -7.27 7.04 -9.88
C LYS B 54 -8.26 7.52 -8.80
N ASN B 55 -7.76 7.96 -7.68
CA ASN B 55 -8.67 8.43 -6.60
C ASN B 55 -9.55 9.58 -7.10
N ASP B 56 -10.81 9.54 -6.78
CA ASP B 56 -11.73 10.64 -7.22
C ASP B 56 -12.20 11.42 -6.00
N ILE B 57 -11.89 10.94 -4.83
CA ILE B 57 -12.32 11.63 -3.59
C ILE B 57 -11.43 12.83 -3.34
N VAL B 58 -11.80 13.61 -2.38
CA VAL B 58 -11.02 14.82 -2.06
C VAL B 58 -9.80 14.49 -1.22
N GLN B 59 -9.93 13.51 -0.38
CA GLN B 59 -8.80 13.08 0.51
C GLN B 59 -7.94 14.29 0.90
N ASN B 60 -6.69 14.05 1.17
CA ASN B 60 -5.77 15.16 1.55
C ASN B 60 -4.58 15.20 0.60
N TYR B 61 -3.53 15.91 0.94
CA TYR B 61 -2.35 15.97 0.03
C TYR B 61 -1.87 14.57 -0.30
N LEU B 62 -2.00 13.65 0.61
CA LEU B 62 -1.53 12.27 0.33
C LEU B 62 -0.05 12.31 -0.07
N TYR B 63 0.64 13.36 0.29
CA TYR B 63 2.07 13.48 -0.06
C TYR B 63 2.27 13.17 -1.54
N ASP B 64 3.44 12.74 -1.91
CA ASP B 64 3.68 12.40 -3.34
C ASP B 64 4.50 11.11 -3.42
N ARG B 65 4.61 10.40 -2.32
CA ARG B 65 5.39 9.13 -2.30
C ARG B 65 6.60 9.23 -3.24
N TYR B 66 7.34 10.31 -3.12
CA TYR B 66 8.55 10.51 -3.99
C TYR B 66 9.13 9.19 -4.47
N LEU B 67 8.74 8.75 -5.63
CA LEU B 67 9.26 7.46 -6.17
C LEU B 67 10.77 7.38 -5.94
N ILE B 68 11.37 6.24 -6.20
CA ILE B 68 12.83 6.11 -6.00
C ILE B 68 13.55 7.34 -6.52
N ASP B 69 13.05 7.90 -7.59
CA ASP B 69 13.69 9.11 -8.16
C ASP B 69 13.19 10.36 -7.43
N TYR B 70 14.08 11.10 -6.82
CA TYR B 70 13.63 12.33 -6.09
C TYR B 70 13.66 13.52 -7.03
N GLU B 71 13.46 13.28 -8.30
CA GLU B 71 13.47 14.38 -9.29
C GLU B 71 12.04 14.86 -9.55
N ASN B 72 11.16 13.95 -9.87
CA ASN B 72 9.75 14.35 -10.12
C ASN B 72 8.81 13.65 -9.15
N LYS B 73 7.56 14.02 -9.15
CA LYS B 73 6.58 13.37 -8.24
C LYS B 73 5.35 12.92 -9.04
N LEU B 74 4.36 12.41 -8.37
CA LEU B 74 3.14 11.96 -9.10
C LEU B 74 1.90 12.61 -8.47
N GLU B 75 0.74 12.37 -9.01
CA GLU B 75 -0.49 13.00 -8.45
C GLU B 75 -0.90 12.34 -7.14
N LEU B 76 -1.79 12.96 -6.43
CA LEU B 76 -2.27 12.39 -5.15
C LEU B 76 -3.44 11.44 -5.45
N ASN B 77 -3.74 11.24 -6.70
CA ASN B 77 -4.87 10.33 -7.06
C ASN B 77 -4.35 8.92 -7.34
N GLU B 78 -3.06 8.72 -7.27
CA GLU B 78 -2.51 7.35 -7.53
C GLU B 78 -2.14 6.66 -6.21
N GLY B 79 -1.78 7.41 -5.21
CA GLY B 79 -1.41 6.79 -3.90
C GLY B 79 -2.39 7.23 -2.82
N PHE B 80 -2.25 6.73 -1.63
CA PHE B 80 -3.17 7.12 -0.53
C PHE B 80 -2.51 6.82 0.82
N LYS B 81 -3.01 7.41 1.88
CA LYS B 81 -2.38 7.18 3.20
C LYS B 81 -3.07 6.02 3.93
N ALA B 82 -2.29 5.22 4.61
CA ALA B 82 -2.88 4.09 5.37
C ALA B 82 -2.31 4.08 6.79
N ILE B 83 -3.11 3.82 7.77
CA ILE B 83 -2.60 3.83 9.17
C ILE B 83 -3.20 2.68 9.98
N MET B 84 -2.64 2.42 11.11
CA MET B 84 -3.17 1.35 11.99
C MET B 84 -2.46 1.44 13.35
N TYR B 85 -3.21 1.41 14.42
CA TYR B 85 -2.58 1.52 15.76
C TYR B 85 -1.28 0.73 15.81
N LYS B 86 -0.30 1.20 16.53
CA LYS B 86 0.98 0.45 16.59
C LYS B 86 0.70 -1.03 16.83
N ASN B 87 -0.22 -1.35 17.70
CA ASN B 87 -0.54 -2.78 17.92
C ASN B 87 -1.00 -3.37 16.59
N GLN B 88 -1.82 -2.66 15.88
CA GLN B 88 -2.29 -3.14 14.56
C GLN B 88 -1.09 -3.21 13.62
N PHE B 89 -0.15 -2.32 13.80
CA PHE B 89 1.05 -2.32 12.93
C PHE B 89 1.94 -3.52 13.30
N GLU B 90 2.08 -3.80 14.57
CA GLU B 90 2.90 -4.97 14.97
C GLU B 90 2.30 -6.21 14.32
N THR B 91 1.03 -6.38 14.49
CA THR B 91 0.35 -7.54 13.86
C THR B 91 0.65 -7.55 12.36
N PHE B 92 0.63 -6.39 11.75
CA PHE B 92 0.93 -6.31 10.29
C PHE B 92 2.41 -6.63 10.05
N ASP B 93 3.29 -5.98 10.77
CA ASP B 93 4.74 -6.26 10.59
C ASP B 93 5.00 -7.74 10.85
N SER B 94 4.29 -8.32 11.77
CA SER B 94 4.48 -9.77 12.05
C SER B 94 4.23 -10.56 10.76
N LYS B 95 3.23 -10.20 10.01
CA LYS B 95 2.96 -10.92 8.73
C LYS B 95 4.16 -10.75 7.81
N LEU B 96 4.80 -9.62 7.87
CA LEU B 96 5.98 -9.36 7.02
C LEU B 96 7.22 -10.06 7.59
N ARG B 97 7.41 -10.00 8.88
CA ARG B 97 8.60 -10.65 9.48
C ARG B 97 8.70 -12.11 9.00
N LYS B 98 7.63 -12.70 8.56
CA LYS B 98 7.72 -14.12 8.09
C LYS B 98 8.20 -14.16 6.65
N ILE B 99 8.10 -13.07 5.97
CA ILE B 99 8.58 -13.00 4.57
C ILE B 99 9.93 -12.29 4.54
N PHE B 100 10.31 -11.71 5.64
CA PHE B 100 11.59 -10.98 5.69
C PHE B 100 12.36 -11.34 6.97
N ASN B 101 11.79 -12.18 7.80
CA ASN B 101 12.47 -12.58 9.08
C ASN B 101 12.74 -11.35 9.97
N ASN B 102 12.26 -10.22 9.58
CA ASN B 102 12.47 -8.98 10.40
C ASN B 102 11.26 -8.06 10.28
N GLY B 103 11.17 -7.05 11.11
CA GLY B 103 10.01 -6.13 11.03
C GLY B 103 10.34 -4.97 10.09
N LEU B 104 9.36 -4.22 9.68
CA LEU B 104 9.64 -3.07 8.76
C LEU B 104 10.87 -2.31 9.25
N ARG B 105 10.94 -2.05 10.52
CA ARG B 105 12.13 -1.32 11.06
C ARG B 105 13.41 -1.99 10.58
N ASP B 106 13.44 -3.29 10.56
CA ASP B 106 14.65 -4.02 10.09
C ASP B 106 14.81 -3.82 8.58
N LEU B 107 13.75 -3.44 7.92
CA LEU B 107 13.83 -3.23 6.44
C LEU B 107 14.50 -1.89 6.13
N GLN B 108 14.00 -0.82 6.68
CA GLN B 108 14.63 0.51 6.42
C GLN B 108 16.12 0.46 6.75
N ASN B 109 16.90 1.33 6.18
CA ASN B 109 18.36 1.33 6.46
C ASN B 109 18.64 1.79 7.89
N GLY B 110 17.62 2.17 8.61
CA GLY B 110 17.84 2.62 10.01
C GLY B 110 17.68 4.14 10.10
N ARG B 111 17.66 4.81 8.97
CA ARG B 111 17.49 6.28 8.98
C ARG B 111 16.03 6.64 8.76
N ASP B 112 15.67 6.97 7.56
CA ASP B 112 14.24 7.32 7.28
C ASP B 112 13.38 6.06 7.43
N GLU B 113 12.12 6.15 7.10
CA GLU B 113 11.24 4.96 7.24
C GLU B 113 10.46 4.71 5.93
N ASN B 114 10.54 5.61 5.00
CA ASN B 114 9.81 5.42 3.72
C ASN B 114 10.49 4.33 2.89
N LEU B 115 9.72 3.41 2.35
CA LEU B 115 10.33 2.31 1.54
C LEU B 115 9.62 2.22 0.18
N SER B 116 10.37 2.30 -0.89
CA SER B 116 9.75 2.23 -2.24
C SER B 116 10.63 1.38 -3.17
N GLN B 117 11.59 0.68 -2.63
CA GLN B 117 12.47 -0.17 -3.48
C GLN B 117 12.18 -1.64 -3.24
N TYR B 118 11.36 -1.95 -2.28
CA TYR B 118 11.03 -3.38 -1.99
C TYR B 118 9.67 -3.75 -2.59
N GLY B 119 8.78 -2.80 -2.67
CA GLY B 119 7.43 -3.09 -3.24
C GLY B 119 6.50 -3.53 -2.11
N ILE B 120 6.72 -4.69 -1.57
CA ILE B 120 5.86 -5.18 -0.45
C ILE B 120 4.37 -5.04 -0.81
N VAL B 121 3.96 -5.55 -1.93
CA VAL B 121 2.52 -5.45 -2.32
C VAL B 121 1.68 -6.27 -1.33
N CYS B 122 0.69 -5.65 -0.72
CA CYS B 122 -0.16 -6.41 0.25
C CYS B 122 -1.61 -5.90 0.19
N LYS B 123 -2.53 -6.70 0.68
CA LYS B 123 -3.96 -6.28 0.68
C LYS B 123 -4.36 -5.85 2.09
N MET B 124 -5.29 -4.93 2.23
CA MET B 124 -5.67 -4.49 3.61
C MET B 124 -7.07 -3.90 3.62
N ASN B 125 -7.89 -4.31 4.55
CA ASN B 125 -9.27 -3.75 4.64
C ASN B 125 -9.18 -2.42 5.40
N ILE B 126 -9.67 -1.35 4.82
CA ILE B 126 -9.56 -0.03 5.52
C ILE B 126 -10.93 0.56 5.82
N LYS B 127 -11.05 1.26 6.91
CA LYS B 127 -12.35 1.91 7.28
C LYS B 127 -12.31 3.36 6.83
N VAL B 128 -13.10 3.72 5.84
CA VAL B 128 -13.07 5.13 5.34
C VAL B 128 -14.18 5.98 5.94
N LYS B 129 -13.99 7.27 5.96
CA LYS B 129 -15.01 8.20 6.51
C LYS B 129 -14.61 9.64 6.19
N MET B 130 -15.53 10.56 6.27
CA MET B 130 -15.19 11.98 5.96
C MET B 130 -14.74 12.73 7.21
N TYR B 131 -13.45 12.93 7.35
CA TYR B 131 -12.96 13.68 8.53
C TYR B 131 -13.03 15.18 8.24
N ASN B 132 -14.14 15.80 8.57
CA ASN B 132 -14.31 17.26 8.30
C ASN B 132 -14.52 17.49 6.81
N GLY B 133 -14.58 16.44 6.02
CA GLY B 133 -14.80 16.62 4.56
C GLY B 133 -13.76 15.79 3.78
N LYS B 134 -12.74 15.32 4.45
CA LYS B 134 -11.71 14.53 3.76
C LYS B 134 -11.90 13.04 4.00
N LEU B 135 -11.39 12.23 3.12
CA LEU B 135 -11.55 10.76 3.29
C LEU B 135 -10.54 10.22 4.32
N ASN B 136 -11.01 9.94 5.51
CA ASN B 136 -10.08 9.38 6.54
C ASN B 136 -10.09 7.86 6.44
N ALA B 137 -9.04 7.29 5.91
CA ALA B 137 -9.01 5.81 5.76
C ALA B 137 -8.05 5.16 6.75
N ILE B 138 -8.52 4.19 7.49
CA ILE B 138 -7.64 3.48 8.47
C ILE B 138 -7.41 2.05 7.97
N VAL B 139 -6.54 1.31 8.59
CA VAL B 139 -6.31 -0.08 8.11
C VAL B 139 -6.81 -1.10 9.13
N ARG B 140 -7.75 -1.94 8.72
CA ARG B 140 -8.29 -2.97 9.66
C ARG B 140 -7.40 -4.22 9.61
N GLU B 141 -6.88 -4.54 8.45
CA GLU B 141 -6.02 -5.76 8.36
C GLU B 141 -4.67 -5.38 7.73
N CYS B 142 -3.95 -6.35 7.21
CA CYS B 142 -2.63 -6.03 6.58
C CYS B 142 -1.94 -7.33 6.16
N GLU B 143 -2.57 -8.09 5.31
CA GLU B 143 -1.95 -9.36 4.85
C GLU B 143 -1.05 -9.10 3.64
N PRO B 144 0.14 -9.64 3.70
CA PRO B 144 1.11 -9.47 2.60
C PRO B 144 0.67 -10.25 1.36
N VAL B 145 0.93 -9.72 0.19
CA VAL B 145 0.52 -10.44 -1.05
C VAL B 145 1.67 -10.43 -2.06
N PRO B 146 2.75 -11.05 -1.67
CA PRO B 146 3.95 -11.13 -2.54
C PRO B 146 3.69 -12.03 -3.76
N HIS B 147 3.93 -13.30 -3.63
CA HIS B 147 3.70 -14.22 -4.78
C HIS B 147 3.23 -15.60 -4.30
N SER B 148 3.81 -16.10 -3.24
CA SER B 148 3.38 -17.44 -2.73
C SER B 148 2.12 -17.31 -1.89
N GLN B 149 1.59 -16.13 -1.77
CA GLN B 149 0.35 -15.93 -0.96
C GLN B 149 -0.75 -15.31 -1.82
N ILE B 150 -0.38 -14.51 -2.78
CA ILE B 150 -1.40 -13.88 -3.66
C ILE B 150 -2.45 -14.91 -4.11
N SER B 151 -2.01 -16.04 -4.58
CA SER B 151 -2.97 -17.08 -5.03
C SER B 151 -3.70 -17.71 -3.85
N SER B 152 -3.36 -17.31 -2.65
CA SER B 152 -4.04 -17.88 -1.45
C SER B 152 -4.83 -16.76 -0.75
N ILE B 153 -4.63 -15.55 -1.18
CA ILE B 153 -5.34 -14.40 -0.57
C ILE B 153 -6.32 -13.83 -1.60
N ALA B 154 -5.96 -13.88 -2.84
CA ALA B 154 -6.86 -13.34 -3.90
C ALA B 154 -7.03 -14.39 -5.01
N SER B 155 -7.88 -14.13 -5.97
CA SER B 155 -8.08 -15.11 -7.06
C SER B 155 -9.16 -14.63 -8.03
N PRO B 156 -10.34 -14.41 -7.50
CA PRO B 156 -11.48 -13.95 -8.33
C PRO B 156 -11.30 -12.48 -8.74
N SER B 157 -10.89 -12.23 -9.96
CA SER B 157 -10.71 -10.82 -10.42
C SER B 157 -9.56 -10.15 -9.70
N GLN B 158 -9.59 -10.10 -8.39
CA GLN B 158 -8.49 -9.45 -7.63
C GLN B 158 -7.13 -10.01 -8.04
N CYS B 159 -7.08 -11.25 -8.46
CA CYS B 159 -5.77 -11.85 -8.87
C CYS B 159 -5.22 -11.14 -10.11
N GLU B 160 -6.00 -11.07 -11.17
CA GLU B 160 -5.51 -10.39 -12.39
C GLU B 160 -5.22 -8.92 -12.07
N HIS B 161 -6.11 -8.28 -11.37
CA HIS B 161 -5.88 -6.85 -11.00
C HIS B 161 -4.50 -6.72 -10.34
N LEU B 162 -4.15 -7.65 -9.50
CA LEU B 162 -2.82 -7.61 -8.84
C LEU B 162 -1.74 -7.85 -9.89
N ARG B 163 -1.95 -8.79 -10.77
CA ARG B 163 -0.95 -9.07 -11.83
C ARG B 163 -0.80 -7.84 -12.74
N LEU B 164 -1.88 -7.18 -13.03
CA LEU B 164 -1.83 -5.97 -13.90
C LEU B 164 -1.05 -4.86 -13.19
N PHE B 165 -1.02 -4.88 -11.90
CA PHE B 165 -0.28 -3.82 -11.14
C PHE B 165 1.22 -4.00 -11.36
N TYR B 166 1.72 -5.21 -11.25
CA TYR B 166 3.18 -5.43 -11.46
C TYR B 166 3.58 -4.98 -12.87
N GLN B 167 2.73 -5.17 -13.83
CA GLN B 167 3.07 -4.76 -15.23
C GLN B 167 3.26 -3.24 -15.29
N ARG B 168 2.38 -2.50 -14.65
CA ARG B 168 2.49 -1.02 -14.68
C ARG B 168 3.75 -0.56 -13.95
N ALA B 169 3.92 -0.97 -12.72
CA ALA B 169 5.13 -0.55 -11.95
C ALA B 169 6.42 -0.87 -12.73
N PHE B 170 6.45 -1.97 -13.41
CA PHE B 170 7.69 -2.32 -14.17
C PHE B 170 8.05 -1.19 -15.14
N LYS B 171 7.09 -0.62 -15.80
CA LYS B 171 7.40 0.47 -16.77
C LYS B 171 7.13 1.85 -16.15
N ARG B 172 6.24 1.93 -15.19
CA ARG B 172 5.93 3.25 -14.57
C ARG B 172 6.93 3.59 -13.45
N ILE B 173 7.14 2.70 -12.53
CA ILE B 173 8.09 3.00 -11.42
C ILE B 173 9.45 3.44 -11.98
N GLY B 174 9.71 3.17 -13.23
CA GLY B 174 11.01 3.59 -13.82
C GLY B 174 11.93 2.38 -13.97
N GLU B 175 12.29 2.04 -15.18
CA GLU B 175 13.18 0.86 -15.40
C GLU B 175 14.59 1.17 -14.88
N SER B 176 14.98 2.42 -14.91
CA SER B 176 16.34 2.79 -14.41
C SER B 176 16.43 2.56 -12.90
N ALA B 177 15.35 2.75 -12.19
CA ALA B 177 15.37 2.54 -10.72
C ALA B 177 15.51 1.05 -10.39
N ILE B 178 14.73 0.22 -11.05
CA ILE B 178 14.83 -1.25 -10.78
C ILE B 178 16.27 -1.71 -10.97
N SER B 179 17.06 -0.94 -11.67
CA SER B 179 18.48 -1.32 -11.88
C SER B 179 19.28 -0.99 -10.61
N ARG B 180 18.86 0.01 -9.89
CA ARG B 180 19.56 0.39 -8.65
C ARG B 180 19.39 -0.70 -7.58
N TYR B 181 18.26 -1.36 -7.57
CA TYR B 181 18.03 -2.44 -6.58
C TYR B 181 17.30 -3.59 -7.27
N PHE B 182 17.74 -3.94 -8.44
CA PHE B 182 17.07 -5.02 -9.19
C PHE B 182 16.87 -6.26 -8.32
N GLU B 183 17.91 -6.69 -7.65
CA GLU B 183 17.79 -7.90 -6.78
C GLU B 183 16.84 -7.63 -5.61
N GLU B 184 16.87 -6.45 -5.07
CA GLU B 184 15.98 -6.12 -3.93
C GLU B 184 14.53 -6.02 -4.40
N TYR B 185 14.32 -5.56 -5.61
CA TYR B 185 12.94 -5.43 -6.14
C TYR B 185 12.43 -6.75 -6.71
N ARG B 186 13.27 -7.48 -7.40
CA ARG B 186 12.84 -8.76 -8.00
C ARG B 186 12.42 -9.76 -6.93
N ARG B 187 12.67 -9.45 -5.69
CA ARG B 187 12.27 -10.40 -4.59
C ARG B 187 12.62 -11.83 -4.99
N PHE B 188 11.69 -12.54 -5.57
CA PHE B 188 11.95 -13.95 -5.99
C PHE B 188 11.54 -14.16 -7.45
N PHE B 189 11.55 -13.11 -8.23
CA PHE B 189 11.17 -13.23 -9.65
C PHE B 189 12.39 -13.07 -10.55
N PRO B 190 12.30 -13.62 -11.73
CA PRO B 190 13.42 -13.52 -12.70
C PRO B 190 13.43 -12.15 -13.40
N ILE B 191 13.18 -11.09 -12.67
CA ILE B 191 13.17 -9.73 -13.28
C ILE B 191 12.56 -9.77 -14.68
N LYS B 5 -15.13 -9.86 15.45
CA LYS B 5 -16.49 -9.27 15.66
C LYS B 5 -17.41 -9.63 14.50
N MET B 6 -18.56 -9.00 14.42
CA MET B 6 -19.50 -9.31 13.32
C MET B 6 -18.97 -8.73 11.99
N ALA B 7 -18.20 -7.69 12.06
CA ALA B 7 -17.65 -7.07 10.81
C ALA B 7 -16.92 -8.13 9.98
N ARG B 8 -17.63 -8.83 9.14
CA ARG B 8 -16.98 -9.87 8.29
C ARG B 8 -17.08 -9.50 6.81
N LYS B 9 -16.91 -10.45 5.94
CA LYS B 9 -17.01 -10.15 4.47
C LYS B 9 -16.14 -8.93 4.13
N ASP B 10 -16.16 -8.51 2.89
CA ASP B 10 -15.35 -7.34 2.48
C ASP B 10 -15.31 -7.23 0.95
N PRO B 11 -15.82 -6.14 0.45
CA PRO B 11 -15.84 -5.94 -1.02
C PRO B 11 -14.46 -5.53 -1.52
N THR B 12 -14.34 -5.21 -2.77
CA THR B 12 -13.02 -4.80 -3.32
C THR B 12 -13.22 -3.77 -4.42
N ILE B 13 -12.66 -2.60 -4.25
CA ILE B 13 -12.81 -1.56 -5.30
C ILE B 13 -11.45 -1.19 -5.88
N GLU B 14 -11.37 -0.98 -7.16
CA GLU B 14 -10.06 -0.62 -7.77
C GLU B 14 -9.82 0.88 -7.61
N PHE B 15 -9.77 1.36 -6.39
CA PHE B 15 -9.56 2.82 -6.16
C PHE B 15 -10.66 3.60 -6.87
N CYS B 16 -10.57 3.74 -8.16
CA CYS B 16 -11.63 4.47 -8.90
C CYS B 16 -12.98 3.85 -8.53
N GLN B 17 -12.98 2.64 -8.03
CA GLN B 17 -14.25 1.98 -7.64
C GLN B 17 -14.81 2.58 -6.35
N LEU B 18 -14.22 3.64 -5.85
CA LEU B 18 -14.69 4.28 -4.60
C LEU B 18 -16.19 4.59 -4.66
N GLY B 19 -16.60 5.57 -3.90
CA GLY B 19 -18.04 5.94 -3.89
C GLY B 19 -18.49 6.46 -2.53
N LEU B 20 -17.59 6.81 -1.67
CA LEU B 20 -17.98 7.33 -0.33
C LEU B 20 -18.96 8.49 -0.50
N ASP B 21 -19.20 9.22 0.55
CA ASP B 21 -20.13 10.38 0.47
C ASP B 21 -19.59 11.50 1.37
N THR B 22 -20.43 12.43 1.74
CA THR B 22 -19.94 13.54 2.62
C THR B 22 -19.82 13.06 4.07
N PHE B 23 -20.90 13.13 4.77
CA PHE B 23 -20.90 12.69 6.19
C PHE B 23 -20.79 11.17 6.29
N GLU B 24 -20.76 10.52 5.17
CA GLU B 24 -20.69 9.04 5.16
C GLU B 24 -19.50 8.53 5.94
N THR B 25 -19.05 7.39 5.53
CA THR B 25 -17.90 6.66 6.14
C THR B 25 -18.12 5.16 5.95
N LYS B 26 -17.48 4.54 5.00
CA LYS B 26 -17.71 3.08 4.79
C LYS B 26 -16.45 2.26 5.01
N TYR B 27 -16.52 1.03 4.60
CA TYR B 27 -15.37 0.09 4.75
C TYR B 27 -15.02 -0.50 3.38
N ILE B 28 -13.76 -0.65 3.07
CA ILE B 28 -13.39 -1.22 1.74
C ILE B 28 -11.99 -1.85 1.76
N THR B 29 -11.69 -2.66 0.78
CA THR B 29 -10.36 -3.32 0.70
C THR B 29 -9.53 -2.71 -0.43
N MET B 30 -8.40 -2.16 -0.10
CA MET B 30 -7.54 -1.56 -1.16
C MET B 30 -6.13 -2.14 -1.10
N PHE B 31 -5.56 -2.50 -2.21
CA PHE B 31 -4.19 -3.08 -2.19
C PHE B 31 -3.16 -1.95 -2.15
N GLY B 32 -1.92 -2.27 -1.90
CA GLY B 32 -0.88 -1.20 -1.84
C GLY B 32 0.51 -1.83 -1.81
N MET B 33 1.41 -1.32 -2.60
CA MET B 33 2.79 -1.88 -2.63
C MET B 33 3.66 -1.19 -1.57
N LEU B 34 3.03 -0.50 -0.66
CA LEU B 34 3.77 0.21 0.40
C LEU B 34 4.92 1.04 -0.18
N VAL B 35 4.76 2.33 -0.18
CA VAL B 35 5.84 3.21 -0.72
C VAL B 35 6.72 3.70 0.43
N SER B 36 6.13 3.91 1.57
CA SER B 36 6.94 4.39 2.73
C SER B 36 6.14 4.25 4.03
N CYS B 37 6.81 4.36 5.16
CA CYS B 37 6.08 4.24 6.45
C CYS B 37 6.67 5.22 7.47
N SER B 38 5.85 5.99 8.12
CA SER B 38 6.37 6.95 9.13
C SER B 38 6.02 6.47 10.54
N PHE B 39 6.98 6.48 11.43
CA PHE B 39 6.70 6.02 12.83
C PHE B 39 6.52 7.22 13.75
N ASP B 40 6.78 8.40 13.27
CA ASP B 40 6.63 9.62 14.13
C ASP B 40 5.25 9.64 14.78
N LYS B 41 4.20 9.77 14.01
CA LYS B 41 2.83 9.80 14.60
C LYS B 41 2.66 8.67 15.62
N PRO B 42 2.39 9.05 16.83
CA PRO B 42 2.20 8.05 17.91
C PRO B 42 0.84 7.35 17.76
N ALA B 43 -0.01 7.87 16.92
CA ALA B 43 -1.36 7.24 16.74
C ALA B 43 -1.27 6.04 15.80
N PHE B 44 -0.17 5.90 15.13
CA PHE B 44 -0.02 4.76 14.18
C PHE B 44 1.22 4.98 13.29
N ILE B 45 1.37 4.19 12.26
CA ILE B 45 2.54 4.37 11.36
C ILE B 45 2.07 4.84 9.98
N SER B 46 2.17 6.11 9.71
CA SER B 46 1.72 6.64 8.38
C SER B 46 2.20 5.74 7.25
N PHE B 47 1.29 5.16 6.51
CA PHE B 47 1.69 4.28 5.37
C PHE B 47 1.14 4.85 4.06
N VAL B 48 1.99 5.09 3.11
CA VAL B 48 1.51 5.65 1.81
C VAL B 48 1.82 4.66 0.67
N PHE B 49 0.81 4.29 -0.06
CA PHE B 49 1.01 3.35 -1.18
C PHE B 49 -0.22 3.39 -2.09
N SER B 50 -0.25 2.57 -3.11
CA SER B 50 -1.39 2.60 -4.05
C SER B 50 -1.45 1.32 -4.88
N ASP B 51 -2.37 1.23 -5.79
CA ASP B 51 -2.48 0.01 -6.64
C ASP B 51 -2.34 0.39 -8.12
N PHE B 52 -3.38 0.90 -8.73
CA PHE B 52 -3.31 1.28 -10.16
C PHE B 52 -4.68 1.74 -10.65
N THR B 53 -5.00 3.00 -10.44
CA THR B 53 -6.33 3.51 -10.89
C THR B 53 -6.38 5.03 -10.74
N LYS B 54 -7.56 5.58 -10.61
CA LYS B 54 -7.68 7.06 -10.47
C LYS B 54 -8.63 7.40 -9.31
N ASN B 55 -8.11 8.00 -8.27
CA ASN B 55 -8.96 8.35 -7.11
C ASN B 55 -9.79 9.60 -7.42
N ASP B 56 -10.97 9.71 -6.86
CA ASP B 56 -11.82 10.89 -7.12
C ASP B 56 -12.03 11.67 -5.82
N ILE B 57 -11.68 11.06 -4.71
CA ILE B 57 -11.85 11.74 -3.41
C ILE B 57 -10.69 12.70 -3.18
N VAL B 58 -10.85 13.52 -2.20
CA VAL B 58 -9.79 14.53 -1.91
C VAL B 58 -8.79 13.99 -0.90
N GLN B 59 -9.22 13.06 -0.11
CA GLN B 59 -8.32 12.45 0.92
C GLN B 59 -7.36 13.50 1.49
N ASN B 60 -6.17 13.09 1.83
CA ASN B 60 -5.18 14.05 2.39
C ASN B 60 -3.94 14.10 1.49
N TYR B 61 -3.00 14.95 1.80
CA TYR B 61 -1.77 15.04 0.96
C TYR B 61 -0.84 13.87 1.24
N LEU B 62 -0.70 12.97 0.29
CA LEU B 62 0.22 11.82 0.52
C LEU B 62 1.63 12.33 0.75
N TYR B 63 2.14 12.14 1.93
CA TYR B 63 3.51 12.62 2.24
C TYR B 63 4.41 11.44 2.62
N ASP B 64 5.62 11.72 3.03
CA ASP B 64 6.55 10.61 3.43
C ASP B 64 6.65 9.58 2.32
N ARG B 65 6.87 10.01 1.11
CA ARG B 65 6.98 9.03 -0.03
C ARG B 65 7.70 9.69 -1.20
N TYR B 66 7.05 10.59 -1.90
CA TYR B 66 7.69 11.27 -3.06
C TYR B 66 8.09 10.25 -4.14
N LEU B 67 7.71 9.00 -3.99
CA LEU B 67 8.07 7.97 -5.01
C LEU B 67 9.58 7.97 -5.28
N ILE B 68 10.09 6.91 -5.87
CA ILE B 68 11.56 6.87 -6.16
C ILE B 68 11.92 8.05 -7.07
N ASP B 69 11.42 8.06 -8.27
CA ASP B 69 11.73 9.18 -9.21
C ASP B 69 11.35 10.52 -8.57
N TYR B 70 12.26 11.44 -8.53
CA TYR B 70 11.95 12.76 -7.91
C TYR B 70 11.45 13.73 -8.98
N GLU B 71 10.90 13.19 -10.02
CA GLU B 71 10.40 14.04 -11.13
C GLU B 71 8.87 13.95 -11.26
N ASN B 72 8.35 12.77 -11.49
CA ASN B 72 6.88 12.61 -11.67
C ASN B 72 6.12 12.92 -10.38
N LYS B 73 6.78 12.81 -9.26
CA LYS B 73 6.09 13.07 -7.96
C LYS B 73 4.67 12.53 -7.99
N LEU B 74 4.48 11.32 -7.53
CA LEU B 74 3.12 10.70 -7.53
C LEU B 74 2.03 11.74 -7.30
N GLU B 75 0.89 11.55 -7.91
CA GLU B 75 -0.23 12.52 -7.72
C GLU B 75 -1.11 12.11 -6.56
N LEU B 76 -2.01 12.96 -6.16
CA LEU B 76 -2.91 12.63 -5.04
C LEU B 76 -4.10 11.82 -5.58
N ASN B 77 -4.05 11.47 -6.84
CA ASN B 77 -5.16 10.68 -7.44
C ASN B 77 -4.68 9.29 -7.83
N GLU B 78 -4.06 8.58 -6.91
CA GLU B 78 -3.56 7.21 -7.21
C GLU B 78 -3.42 6.40 -5.93
N GLY B 79 -2.59 6.84 -5.02
CA GLY B 79 -2.40 6.09 -3.74
C GLY B 79 -2.99 6.91 -2.60
N PHE B 80 -2.62 6.62 -1.39
CA PHE B 80 -3.18 7.39 -0.23
C PHE B 80 -2.42 7.05 1.05
N LYS B 81 -2.67 7.78 2.10
CA LYS B 81 -1.97 7.50 3.38
C LYS B 81 -2.87 6.71 4.32
N ALA B 82 -2.54 5.48 4.59
CA ALA B 82 -3.40 4.65 5.49
C ALA B 82 -2.73 4.49 6.86
N ILE B 83 -3.49 4.09 7.84
CA ILE B 83 -2.91 3.91 9.21
C ILE B 83 -3.54 2.70 9.89
N MET B 84 -2.89 2.16 10.88
CA MET B 84 -3.45 0.98 11.59
C MET B 84 -2.91 0.95 13.03
N TYR B 85 -3.76 0.69 13.98
CA TYR B 85 -3.30 0.65 15.41
C TYR B 85 -1.92 0.00 15.48
N LYS B 86 -1.01 0.58 16.22
CA LYS B 86 0.36 -0.01 16.31
C LYS B 86 0.25 -1.50 16.57
N ASN B 87 -0.78 -1.94 17.23
CA ASN B 87 -0.92 -3.41 17.47
C ASN B 87 -1.16 -4.09 16.13
N GLN B 88 -2.02 -3.55 15.32
CA GLN B 88 -2.27 -4.15 13.98
C GLN B 88 -1.00 -3.95 13.14
N PHE B 89 -0.19 -3.01 13.51
CA PHE B 89 1.08 -2.77 12.76
C PHE B 89 2.09 -3.84 13.17
N GLU B 90 2.22 -4.10 14.44
CA GLU B 90 3.17 -5.15 14.88
C GLU B 90 2.77 -6.45 14.20
N THR B 91 1.50 -6.67 14.15
CA THR B 91 0.98 -7.90 13.49
C THR B 91 1.45 -7.94 12.03
N PHE B 92 1.43 -6.81 11.36
CA PHE B 92 1.88 -6.77 9.94
C PHE B 92 3.41 -6.95 9.88
N ASP B 93 4.11 -6.39 10.84
CA ASP B 93 5.60 -6.54 10.83
C ASP B 93 5.97 -8.00 11.06
N SER B 94 5.41 -8.61 12.06
CA SER B 94 5.73 -10.04 12.32
C SER B 94 5.54 -10.84 11.03
N LYS B 95 4.56 -10.48 10.24
CA LYS B 95 4.35 -11.19 8.95
C LYS B 95 5.55 -10.94 8.04
N LEU B 96 6.11 -9.77 8.14
CA LEU B 96 7.28 -9.41 7.30
C LEU B 96 8.57 -9.95 7.93
N ARG B 97 8.68 -9.88 9.23
CA ARG B 97 9.92 -10.37 9.91
C ARG B 97 10.24 -11.80 9.46
N LYS B 98 9.26 -12.60 9.17
CA LYS B 98 9.54 -13.99 8.74
C LYS B 98 9.93 -14.01 7.27
N ILE B 99 9.65 -12.96 6.59
CA ILE B 99 10.01 -12.87 5.15
C ILE B 99 11.18 -11.90 5.00
N PHE B 100 11.54 -11.22 6.06
CA PHE B 100 12.65 -10.24 6.01
C PHE B 100 13.56 -10.39 7.23
N ASN B 101 13.27 -11.34 8.10
CA ASN B 101 14.11 -11.56 9.31
C ASN B 101 14.20 -10.29 10.18
N ASN B 102 13.46 -9.29 9.88
CA ASN B 102 13.51 -8.04 10.69
C ASN B 102 12.20 -7.27 10.58
N GLY B 103 12.13 -6.11 11.18
CA GLY B 103 10.88 -5.30 11.12
C GLY B 103 11.07 -4.14 10.13
N LEU B 104 10.01 -3.45 9.83
CA LEU B 104 10.12 -2.30 8.88
C LEU B 104 11.28 -1.39 9.30
N ARG B 105 11.33 -1.02 10.55
CA ARG B 105 12.43 -0.14 11.03
C ARG B 105 13.78 -0.66 10.52
N ASP B 106 13.96 -1.95 10.52
CA ASP B 106 15.24 -2.52 10.03
C ASP B 106 15.31 -2.39 8.51
N LEU B 107 14.18 -2.18 7.88
CA LEU B 107 14.18 -2.05 6.39
C LEU B 107 14.62 -0.64 5.97
N GLN B 108 14.72 0.27 6.92
CA GLN B 108 15.15 1.65 6.56
C GLN B 108 15.93 2.28 7.71
N ASN B 109 15.83 3.58 7.86
CA ASN B 109 16.57 4.24 8.98
C ASN B 109 18.07 3.93 8.88
N GLY B 110 18.53 3.55 7.72
CA GLY B 110 19.98 3.22 7.57
C GLY B 110 20.43 3.43 6.12
N ARG B 111 19.66 2.97 5.17
CA ARG B 111 20.05 3.13 3.75
C ARG B 111 19.19 4.21 3.08
N ASP B 112 18.19 3.80 2.35
CA ASP B 112 17.32 4.80 1.67
C ASP B 112 16.16 5.21 2.59
N GLU B 113 15.37 6.16 2.16
CA GLU B 113 14.22 6.60 3.01
C GLU B 113 12.90 6.34 2.28
N ASN B 114 12.84 5.34 1.46
CA ASN B 114 11.57 5.04 0.73
C ASN B 114 11.44 3.53 0.48
N LEU B 115 10.71 2.84 1.32
CA LEU B 115 10.55 1.37 1.13
C LEU B 115 9.54 1.10 0.00
N SER B 116 9.97 1.21 -1.22
CA SER B 116 9.04 0.95 -2.36
C SER B 116 9.72 0.08 -3.41
N GLN B 117 10.88 -0.43 -3.11
CA GLN B 117 11.60 -1.29 -4.10
C GLN B 117 11.06 -2.73 -4.04
N TYR B 118 10.98 -3.29 -2.86
CA TYR B 118 10.46 -4.69 -2.73
C TYR B 118 9.00 -4.76 -3.18
N GLY B 119 8.21 -3.79 -2.81
CA GLY B 119 6.78 -3.81 -3.21
C GLY B 119 5.91 -4.14 -2.00
N ILE B 120 6.35 -5.06 -1.18
CA ILE B 120 5.56 -5.43 0.02
C ILE B 120 4.07 -5.50 -0.32
N VAL B 121 3.74 -5.86 -1.52
CA VAL B 121 2.30 -5.96 -1.92
C VAL B 121 1.51 -6.62 -0.80
N CYS B 122 0.41 -6.03 -0.41
CA CYS B 122 -0.42 -6.62 0.69
C CYS B 122 -1.86 -6.12 0.61
N LYS B 123 -2.81 -6.96 0.94
CA LYS B 123 -4.24 -6.52 0.89
C LYS B 123 -4.60 -5.86 2.22
N MET B 124 -5.69 -5.14 2.29
CA MET B 124 -6.03 -4.48 3.59
C MET B 124 -7.42 -3.86 3.55
N ASN B 125 -8.23 -4.15 4.53
CA ASN B 125 -9.59 -3.55 4.57
C ASN B 125 -9.48 -2.18 5.25
N ILE B 126 -9.55 -1.13 4.49
CA ILE B 126 -9.41 0.22 5.09
C ILE B 126 -10.77 0.87 5.33
N LYS B 127 -10.88 1.65 6.37
CA LYS B 127 -12.17 2.33 6.66
C LYS B 127 -12.08 3.80 6.20
N VAL B 128 -12.90 4.19 5.27
CA VAL B 128 -12.83 5.60 4.78
C VAL B 128 -13.94 6.45 5.39
N LYS B 129 -13.63 7.64 5.78
CA LYS B 129 -14.66 8.54 6.37
C LYS B 129 -14.28 10.00 6.11
N MET B 130 -15.22 10.89 6.23
CA MET B 130 -14.91 12.32 5.97
C MET B 130 -14.45 13.01 7.25
N TYR B 131 -13.39 13.76 7.16
CA TYR B 131 -12.88 14.48 8.35
C TYR B 131 -13.32 15.93 8.31
N ASN B 132 -14.58 16.18 8.10
CA ASN B 132 -15.04 17.58 8.05
C ASN B 132 -14.35 18.30 6.88
N GLY B 133 -13.76 17.56 5.98
CA GLY B 133 -13.06 18.23 4.84
C GLY B 133 -12.53 17.23 3.80
N LYS B 134 -12.07 16.07 4.19
CA LYS B 134 -11.52 15.13 3.20
C LYS B 134 -11.84 13.67 3.56
N LEU B 135 -10.86 12.81 3.54
CA LEU B 135 -11.13 11.37 3.86
C LEU B 135 -10.07 10.78 4.81
N ASN B 136 -10.49 10.32 5.96
CA ASN B 136 -9.54 9.67 6.92
C ASN B 136 -9.47 8.17 6.57
N ALA B 137 -8.36 7.71 6.07
CA ALA B 137 -8.28 6.27 5.69
C ALA B 137 -7.51 5.45 6.74
N ILE B 138 -8.16 4.48 7.32
CA ILE B 138 -7.47 3.62 8.32
C ILE B 138 -7.34 2.20 7.77
N VAL B 139 -6.67 1.32 8.48
CA VAL B 139 -6.50 -0.06 7.98
C VAL B 139 -7.10 -1.07 8.97
N ARG B 140 -8.01 -1.88 8.53
CA ARG B 140 -8.62 -2.89 9.44
C ARG B 140 -7.73 -4.14 9.53
N GLU B 141 -7.07 -4.48 8.46
CA GLU B 141 -6.18 -5.68 8.50
C GLU B 141 -4.87 -5.39 7.75
N CYS B 142 -3.99 -6.34 7.71
CA CYS B 142 -2.69 -6.13 7.01
C CYS B 142 -2.01 -7.46 6.71
N GLU B 143 -2.12 -7.94 5.50
CA GLU B 143 -1.50 -9.24 5.15
C GLU B 143 -0.51 -9.04 3.99
N PRO B 144 0.72 -9.40 4.22
CA PRO B 144 1.76 -9.24 3.18
C PRO B 144 1.53 -10.25 2.05
N VAL B 145 1.76 -9.86 0.84
CA VAL B 145 1.55 -10.78 -0.30
C VAL B 145 2.73 -10.74 -1.26
N PRO B 146 3.57 -11.73 -1.15
CA PRO B 146 4.77 -11.82 -2.00
C PRO B 146 4.38 -12.20 -3.44
N HIS B 147 4.34 -13.47 -3.73
CA HIS B 147 3.97 -13.89 -5.11
C HIS B 147 3.98 -15.41 -5.22
N SER B 148 4.85 -16.05 -4.49
CA SER B 148 4.93 -17.54 -4.56
C SER B 148 3.53 -18.15 -4.37
N GLN B 149 2.73 -17.57 -3.52
CA GLN B 149 1.36 -18.12 -3.30
C GLN B 149 0.31 -17.02 -3.47
N ILE B 150 0.64 -15.98 -4.19
CA ILE B 150 -0.33 -14.89 -4.41
C ILE B 150 -1.69 -15.45 -4.87
N SER B 151 -1.66 -16.36 -5.81
CA SER B 151 -2.94 -16.95 -6.31
C SER B 151 -3.58 -17.86 -5.25
N SER B 152 -2.94 -18.01 -4.12
CA SER B 152 -3.53 -18.87 -3.06
C SER B 152 -4.01 -17.99 -1.91
N ILE B 153 -3.68 -16.73 -1.96
CA ILE B 153 -4.11 -15.79 -0.89
C ILE B 153 -5.14 -14.83 -1.44
N ALA B 154 -4.94 -14.36 -2.64
CA ALA B 154 -5.90 -13.40 -3.24
C ALA B 154 -6.86 -14.13 -4.19
N SER B 155 -8.14 -13.95 -4.00
CA SER B 155 -9.12 -14.63 -4.89
C SER B 155 -8.86 -14.22 -6.34
N PRO B 156 -9.74 -14.63 -7.22
CA PRO B 156 -9.57 -14.30 -8.66
C PRO B 156 -9.84 -12.81 -8.88
N SER B 157 -9.78 -12.36 -10.10
CA SER B 157 -10.02 -10.90 -10.37
C SER B 157 -8.89 -10.07 -9.77
N GLN B 158 -8.74 -10.09 -8.48
CA GLN B 158 -7.64 -9.29 -7.84
C GLN B 158 -6.28 -9.86 -8.24
N CYS B 159 -6.17 -11.15 -8.39
CA CYS B 159 -4.87 -11.75 -8.79
C CYS B 159 -4.37 -11.13 -10.09
N GLU B 160 -5.23 -10.96 -11.05
CA GLU B 160 -4.80 -10.34 -12.34
C GLU B 160 -4.52 -8.85 -12.14
N HIS B 161 -5.38 -8.16 -11.44
CA HIS B 161 -5.15 -6.71 -11.21
C HIS B 161 -3.73 -6.50 -10.69
N LEU B 162 -3.24 -7.41 -9.89
CA LEU B 162 -1.86 -7.29 -9.37
C LEU B 162 -0.85 -7.56 -10.49
N ARG B 163 -1.07 -8.61 -11.24
CA ARG B 163 -0.15 -8.92 -12.36
C ARG B 163 -0.08 -7.73 -13.32
N LEU B 164 -1.19 -7.09 -13.55
CA LEU B 164 -1.19 -5.91 -14.45
C LEU B 164 -0.39 -4.77 -13.81
N PHE B 165 -0.48 -4.64 -12.51
CA PHE B 165 0.28 -3.57 -11.82
C PHE B 165 1.76 -3.70 -12.18
N TYR B 166 2.30 -4.88 -12.08
CA TYR B 166 3.73 -5.08 -12.44
C TYR B 166 3.98 -4.54 -13.85
N GLN B 167 3.07 -4.77 -14.75
CA GLN B 167 3.24 -4.27 -16.14
C GLN B 167 3.12 -2.74 -16.18
N ARG B 168 2.12 -2.20 -15.54
CA ARG B 168 1.95 -0.71 -15.55
C ARG B 168 3.04 -0.03 -14.71
N ALA B 169 3.39 -0.60 -13.59
CA ALA B 169 4.44 0.04 -12.75
C ALA B 169 5.78 0.03 -13.49
N PHE B 170 5.96 -0.87 -14.42
CA PHE B 170 7.24 -0.92 -15.18
C PHE B 170 7.44 0.37 -15.97
N LYS B 171 6.44 0.77 -16.72
CA LYS B 171 6.56 2.03 -17.51
C LYS B 171 6.32 3.25 -16.63
N ARG B 172 5.53 3.11 -15.60
CA ARG B 172 5.25 4.27 -14.70
C ARG B 172 6.40 4.49 -13.72
N ILE B 173 6.83 3.47 -13.04
CA ILE B 173 7.95 3.64 -12.07
C ILE B 173 9.23 4.05 -12.80
N GLY B 174 9.51 3.42 -13.92
CA GLY B 174 10.74 3.78 -14.68
C GLY B 174 11.76 2.64 -14.57
N GLU B 175 12.09 2.03 -15.67
CA GLU B 175 13.08 0.91 -15.62
C GLU B 175 14.33 1.35 -14.85
N SER B 176 14.65 2.61 -14.91
CA SER B 176 15.85 3.11 -14.17
C SER B 176 15.71 2.79 -12.69
N ALA B 177 14.60 3.11 -12.10
CA ALA B 177 14.41 2.82 -10.65
C ALA B 177 14.61 1.32 -10.41
N ILE B 178 14.09 0.50 -11.26
CA ILE B 178 14.25 -0.97 -11.09
C ILE B 178 15.74 -1.33 -11.07
N SER B 179 16.55 -0.54 -11.73
CA SER B 179 18.01 -0.83 -11.74
C SER B 179 18.63 -0.40 -10.40
N ARG B 180 18.09 0.61 -9.78
CA ARG B 180 18.63 1.08 -8.49
C ARG B 180 18.49 -0.03 -7.44
N TYR B 181 17.46 -0.82 -7.54
CA TYR B 181 17.26 -1.92 -6.56
C TYR B 181 16.98 -3.19 -7.35
N PHE B 182 17.61 -3.32 -8.48
CA PHE B 182 17.37 -4.51 -9.33
C PHE B 182 17.42 -5.79 -8.52
N GLU B 183 18.49 -6.00 -7.83
CA GLU B 183 18.63 -7.25 -7.01
C GLU B 183 17.66 -7.20 -5.83
N GLU B 184 17.53 -6.06 -5.24
CA GLU B 184 16.61 -5.93 -4.06
C GLU B 184 15.15 -6.10 -4.49
N TYR B 185 14.80 -5.63 -5.66
CA TYR B 185 13.38 -5.75 -6.12
C TYR B 185 13.11 -7.12 -6.76
N ARG B 186 14.08 -7.67 -7.44
CA ARG B 186 13.87 -8.98 -8.10
C ARG B 186 13.63 -10.09 -7.09
N ARG B 187 13.78 -9.80 -5.83
CA ARG B 187 13.54 -10.85 -4.79
C ARG B 187 12.29 -11.65 -5.14
N PHE B 188 12.33 -12.94 -4.94
CA PHE B 188 11.14 -13.78 -5.26
C PHE B 188 10.79 -13.65 -6.74
N PHE B 189 10.75 -14.74 -7.46
CA PHE B 189 10.41 -14.67 -8.91
C PHE B 189 11.53 -13.99 -9.69
N PRO B 190 11.72 -14.45 -10.90
CA PRO B 190 12.78 -13.89 -11.76
C PRO B 190 12.28 -12.60 -12.44
N ILE B 191 13.18 -11.75 -12.86
CA ILE B 191 12.76 -10.48 -13.51
C ILE B 191 13.14 -10.51 -15.00
N LYS B 5 -22.76 -11.47 10.75
CA LYS B 5 -22.92 -10.59 9.56
C LYS B 5 -23.81 -9.39 9.89
N MET B 6 -23.40 -8.21 9.49
CA MET B 6 -24.21 -6.99 9.79
C MET B 6 -24.16 -6.02 8.62
N ALA B 7 -23.05 -5.34 8.44
CA ALA B 7 -22.93 -4.37 7.31
C ALA B 7 -22.62 -5.10 6.01
N ARG B 8 -23.49 -5.97 5.58
CA ARG B 8 -23.23 -6.72 4.32
C ARG B 8 -21.86 -7.38 4.38
N LYS B 9 -21.35 -7.80 3.26
CA LYS B 9 -20.01 -8.45 3.24
C LYS B 9 -18.90 -7.40 3.19
N ASP B 10 -17.74 -7.78 2.73
CA ASP B 10 -16.61 -6.80 2.65
C ASP B 10 -15.92 -6.92 1.30
N PRO B 11 -16.35 -6.10 0.37
CA PRO B 11 -15.78 -6.12 -0.99
C PRO B 11 -14.52 -5.25 -1.06
N THR B 12 -14.01 -5.04 -2.24
CA THR B 12 -12.81 -4.17 -2.38
C THR B 12 -13.02 -3.19 -3.53
N ILE B 13 -12.18 -2.22 -3.63
CA ILE B 13 -12.32 -1.24 -4.74
C ILE B 13 -10.98 -0.54 -4.98
N GLU B 14 -11.00 0.66 -5.52
CA GLU B 14 -9.72 1.38 -5.78
C GLU B 14 -9.95 2.89 -5.82
N PHE B 15 -8.89 3.65 -5.92
CA PHE B 15 -9.04 5.14 -5.96
C PHE B 15 -10.25 5.51 -6.83
N CYS B 16 -10.59 4.67 -7.77
CA CYS B 16 -11.75 4.97 -8.66
C CYS B 16 -13.01 4.23 -8.18
N GLN B 17 -12.86 3.13 -7.49
CA GLN B 17 -14.07 2.38 -7.04
C GLN B 17 -14.37 2.62 -5.55
N LEU B 18 -13.93 3.73 -5.00
CA LEU B 18 -14.25 4.02 -3.58
C LEU B 18 -15.74 3.88 -3.33
N GLY B 19 -16.43 4.97 -3.47
CA GLY B 19 -17.91 4.95 -3.26
C GLY B 19 -18.27 5.77 -2.02
N LEU B 20 -17.29 6.08 -1.22
CA LEU B 20 -17.54 6.88 0.00
C LEU B 20 -18.41 8.10 -0.31
N ASP B 21 -18.76 8.83 0.70
CA ASP B 21 -19.58 10.05 0.50
C ASP B 21 -19.65 10.84 1.81
N THR B 22 -20.06 12.08 1.74
CA THR B 22 -20.14 12.89 2.98
C THR B 22 -21.11 12.25 3.96
N PHE B 23 -22.04 11.52 3.45
CA PHE B 23 -23.01 10.83 4.31
C PHE B 23 -22.59 9.38 4.53
N GLU B 24 -21.59 8.97 3.81
CA GLU B 24 -21.13 7.58 3.92
C GLU B 24 -20.06 7.41 4.99
N THR B 25 -19.37 6.33 4.86
CA THR B 25 -18.27 5.89 5.78
C THR B 25 -18.40 4.38 5.93
N LYS B 26 -17.51 3.63 5.35
CA LYS B 26 -17.66 2.16 5.46
C LYS B 26 -16.31 1.43 5.50
N TYR B 27 -16.32 0.19 5.13
CA TYR B 27 -15.08 -0.63 5.13
C TYR B 27 -14.81 -1.11 3.71
N ILE B 28 -13.60 -0.98 3.25
CA ILE B 28 -13.31 -1.43 1.87
C ILE B 28 -11.86 -1.91 1.77
N THR B 29 -11.60 -2.88 0.93
CA THR B 29 -10.21 -3.39 0.80
C THR B 29 -9.50 -2.69 -0.35
N MET B 30 -8.23 -2.43 -0.19
CA MET B 30 -7.48 -1.75 -1.27
C MET B 30 -6.12 -2.41 -1.47
N PHE B 31 -5.73 -2.65 -2.68
CA PHE B 31 -4.41 -3.28 -2.92
C PHE B 31 -3.39 -2.19 -3.30
N GLY B 32 -2.13 -2.51 -3.33
CA GLY B 32 -1.13 -1.47 -3.69
C GLY B 32 0.25 -1.83 -3.13
N MET B 33 1.28 -1.20 -3.63
CA MET B 33 2.65 -1.50 -3.13
C MET B 33 3.11 -0.39 -2.18
N LEU B 34 3.41 -0.73 -0.97
CA LEU B 34 3.87 0.30 0.00
C LEU B 34 4.89 1.23 -0.65
N VAL B 35 4.71 2.52 -0.49
CA VAL B 35 5.67 3.48 -1.10
C VAL B 35 6.52 4.12 0.00
N SER B 36 5.98 4.26 1.17
CA SER B 36 6.77 4.88 2.28
C SER B 36 6.12 4.60 3.63
N CYS B 37 6.87 4.62 4.69
CA CYS B 37 6.30 4.36 6.03
C CYS B 37 6.77 5.43 7.01
N SER B 38 5.90 5.93 7.84
CA SER B 38 6.32 6.99 8.80
C SER B 38 5.89 6.64 10.24
N PHE B 39 6.82 6.27 11.07
CA PHE B 39 6.47 5.92 12.48
C PHE B 39 6.34 7.20 13.31
N ASP B 40 6.99 8.25 12.90
CA ASP B 40 6.93 9.53 13.66
C ASP B 40 5.51 9.78 14.21
N LYS B 41 4.51 9.34 13.51
CA LYS B 41 3.12 9.58 14.00
C LYS B 41 2.87 8.81 15.30
N PRO B 42 2.49 9.54 16.32
CA PRO B 42 2.21 8.93 17.64
C PRO B 42 0.91 8.14 17.62
N ALA B 43 0.07 8.35 16.64
CA ALA B 43 -1.22 7.60 16.60
C ALA B 43 -1.09 6.36 15.72
N PHE B 44 -0.01 6.25 15.00
CA PHE B 44 0.19 5.06 14.12
C PHE B 44 1.39 5.28 13.19
N ILE B 45 1.50 4.50 12.15
CA ILE B 45 2.64 4.66 11.21
C ILE B 45 2.10 4.95 9.81
N SER B 46 2.01 6.20 9.44
CA SER B 46 1.49 6.55 8.08
C SER B 46 2.03 5.58 7.03
N PHE B 47 1.15 4.95 6.29
CA PHE B 47 1.61 3.99 5.25
C PHE B 47 1.01 4.35 3.88
N VAL B 48 1.80 4.87 2.99
CA VAL B 48 1.26 5.23 1.65
C VAL B 48 1.56 4.11 0.64
N PHE B 49 0.54 3.54 0.09
CA PHE B 49 0.74 2.45 -0.89
C PHE B 49 0.58 2.97 -2.31
N SER B 50 0.76 2.12 -3.28
CA SER B 50 0.62 2.57 -4.70
C SER B 50 -0.13 1.52 -5.53
N ASP B 51 -1.04 1.96 -6.35
CA ASP B 51 -1.81 0.98 -7.19
C ASP B 51 -2.00 1.56 -8.60
N PHE B 52 -3.11 1.27 -9.22
CA PHE B 52 -3.35 1.80 -10.61
C PHE B 52 -4.80 2.27 -10.74
N THR B 53 -5.05 3.55 -10.59
CA THR B 53 -6.44 4.05 -10.73
C THR B 53 -6.48 5.57 -10.53
N LYS B 54 -7.63 6.13 -10.26
CA LYS B 54 -7.72 7.60 -10.07
C LYS B 54 -8.57 7.92 -8.83
N ASN B 55 -7.99 8.59 -7.86
CA ASN B 55 -8.75 8.93 -6.63
C ASN B 55 -9.75 10.06 -6.92
N ASP B 56 -10.93 9.97 -6.36
CA ASP B 56 -11.94 11.04 -6.61
C ASP B 56 -12.27 11.76 -5.30
N ILE B 57 -11.80 11.24 -4.20
CA ILE B 57 -12.07 11.88 -2.89
C ILE B 57 -11.14 13.07 -2.70
N VAL B 58 -11.40 13.81 -1.68
CA VAL B 58 -10.57 15.02 -1.41
C VAL B 58 -9.55 14.72 -0.32
N GLN B 59 -9.85 13.73 0.47
CA GLN B 59 -8.94 13.32 1.60
C GLN B 59 -7.88 14.38 1.91
N ASN B 60 -6.63 14.01 1.99
CA ASN B 60 -5.56 15.01 2.28
C ASN B 60 -4.41 14.87 1.29
N TYR B 61 -3.28 15.47 1.58
CA TYR B 61 -2.13 15.36 0.64
C TYR B 61 -1.50 13.97 0.72
N LEU B 62 -1.50 13.26 -0.38
CA LEU B 62 -0.90 11.90 -0.36
C LEU B 62 0.62 12.02 -0.19
N TYR B 63 1.04 12.49 0.94
CA TYR B 63 2.49 12.63 1.20
C TYR B 63 3.14 11.25 1.34
N ASP B 64 4.40 11.21 1.69
CA ASP B 64 5.07 9.88 1.82
C ASP B 64 4.72 9.04 0.59
N ARG B 65 4.45 9.68 -0.50
CA ARG B 65 4.08 8.93 -1.75
C ARG B 65 5.17 9.05 -2.80
N TYR B 66 5.84 10.18 -2.89
CA TYR B 66 6.91 10.34 -3.93
C TYR B 66 7.70 9.03 -4.05
N LEU B 67 7.99 8.61 -5.26
CA LEU B 67 8.72 7.32 -5.45
C LEU B 67 10.23 7.51 -5.45
N ILE B 68 10.96 6.42 -5.52
CA ILE B 68 12.45 6.48 -5.52
C ILE B 68 12.97 7.70 -6.31
N ASP B 69 13.16 7.55 -7.58
CA ASP B 69 13.67 8.67 -8.42
C ASP B 69 13.04 10.01 -8.03
N TYR B 70 13.85 11.02 -7.82
CA TYR B 70 13.28 12.36 -7.48
C TYR B 70 12.94 13.10 -8.76
N GLU B 71 13.02 12.41 -9.86
CA GLU B 71 12.72 13.03 -11.17
C GLU B 71 11.22 13.33 -11.31
N ASN B 72 10.39 12.37 -11.03
CA ASN B 72 8.92 12.60 -11.14
C ASN B 72 8.22 12.29 -9.82
N LYS B 73 7.00 12.73 -9.68
CA LYS B 73 6.26 12.46 -8.42
C LYS B 73 4.79 12.15 -8.75
N LEU B 74 4.35 10.96 -8.45
CA LEU B 74 2.94 10.59 -8.75
C LEU B 74 1.98 11.70 -8.33
N GLU B 75 0.78 11.68 -8.83
CA GLU B 75 -0.21 12.73 -8.46
C GLU B 75 -0.95 12.34 -7.18
N LEU B 76 -1.72 13.23 -6.65
CA LEU B 76 -2.48 12.90 -5.42
C LEU B 76 -3.67 12.02 -5.79
N ASN B 77 -3.85 11.74 -7.05
CA ASN B 77 -4.98 10.87 -7.48
C ASN B 77 -4.49 9.47 -7.82
N GLU B 78 -3.51 8.98 -7.11
CA GLU B 78 -2.98 7.61 -7.39
C GLU B 78 -2.79 6.83 -6.09
N GLY B 79 -1.61 6.89 -5.52
CA GLY B 79 -1.37 6.15 -4.24
C GLY B 79 -2.24 6.73 -3.13
N PHE B 80 -2.16 6.18 -1.95
CA PHE B 80 -3.00 6.71 -0.83
C PHE B 80 -2.35 6.37 0.51
N LYS B 81 -2.57 7.19 1.50
CA LYS B 81 -1.96 6.93 2.83
C LYS B 81 -2.99 6.31 3.78
N ALA B 82 -2.54 5.49 4.69
CA ALA B 82 -3.48 4.85 5.66
C ALA B 82 -2.81 4.65 7.00
N ILE B 83 -3.55 4.32 8.02
CA ILE B 83 -2.94 4.12 9.37
C ILE B 83 -3.53 2.89 10.04
N MET B 84 -2.82 2.34 10.98
CA MET B 84 -3.33 1.16 11.72
C MET B 84 -2.69 1.14 13.11
N TYR B 85 -3.48 1.01 14.14
CA TYR B 85 -2.90 0.99 15.52
C TYR B 85 -1.55 0.26 15.51
N LYS B 86 -0.58 0.80 16.18
CA LYS B 86 0.75 0.13 16.17
C LYS B 86 0.57 -1.35 16.44
N ASN B 87 -0.36 -1.73 17.28
CA ASN B 87 -0.58 -3.17 17.52
C ASN B 87 -0.94 -3.84 16.20
N GLN B 88 -1.71 -3.17 15.39
CA GLN B 88 -2.07 -3.74 14.07
C GLN B 88 -0.82 -3.71 13.17
N PHE B 89 0.03 -2.75 13.38
CA PHE B 89 1.27 -2.67 12.57
C PHE B 89 2.21 -3.79 13.01
N GLU B 90 2.28 -4.07 14.29
CA GLU B 90 3.16 -5.17 14.76
C GLU B 90 2.67 -6.46 14.13
N THR B 91 1.39 -6.62 14.09
CA THR B 91 0.80 -7.85 13.47
C THR B 91 1.31 -8.01 12.04
N PHE B 92 1.16 -6.99 11.23
CA PHE B 92 1.64 -7.08 9.83
C PHE B 92 3.16 -7.31 9.83
N ASP B 93 3.86 -6.57 10.63
CA ASP B 93 5.35 -6.72 10.68
C ASP B 93 5.73 -8.17 11.00
N SER B 94 5.19 -8.73 12.05
CA SER B 94 5.56 -10.14 12.37
C SER B 94 5.39 -10.98 11.11
N LYS B 95 4.29 -10.85 10.44
CA LYS B 95 4.08 -11.62 9.18
C LYS B 95 5.22 -11.29 8.23
N LEU B 96 5.47 -10.03 8.07
CA LEU B 96 6.54 -9.58 7.15
C LEU B 96 7.93 -10.01 7.63
N ARG B 97 8.19 -10.00 8.91
CA ARG B 97 9.55 -10.41 9.38
C ARG B 97 9.86 -11.83 8.90
N LYS B 98 8.85 -12.62 8.63
CA LYS B 98 9.10 -14.01 8.17
C LYS B 98 9.28 -14.05 6.66
N ILE B 99 9.00 -12.98 5.99
CA ILE B 99 9.17 -12.94 4.52
C ILE B 99 10.56 -12.41 4.20
N PHE B 100 11.18 -11.76 5.14
CA PHE B 100 12.54 -11.20 4.91
C PHE B 100 13.48 -11.57 6.07
N ASN B 101 13.48 -10.78 7.11
CA ASN B 101 14.38 -11.08 8.27
C ASN B 101 14.24 -10.05 9.41
N ASN B 102 13.40 -9.07 9.28
CA ASN B 102 13.26 -8.05 10.35
C ASN B 102 11.89 -7.38 10.23
N GLY B 103 11.70 -6.29 10.93
CA GLY B 103 10.38 -5.59 10.85
C GLY B 103 10.50 -4.34 9.97
N LEU B 104 9.41 -3.79 9.54
CA LEU B 104 9.48 -2.57 8.68
C LEU B 104 10.48 -1.59 9.28
N ARG B 105 10.43 -1.39 10.57
CA ARG B 105 11.39 -0.46 11.22
C ARG B 105 12.82 -0.77 10.79
N ASP B 106 13.15 -2.03 10.66
CA ASP B 106 14.52 -2.40 10.22
C ASP B 106 14.68 -2.07 8.74
N LEU B 107 13.60 -2.06 8.01
CA LEU B 107 13.68 -1.75 6.56
C LEU B 107 14.06 -0.27 6.36
N GLN B 108 13.53 0.59 7.18
CA GLN B 108 13.86 2.04 7.05
C GLN B 108 15.06 2.38 7.91
N ASN B 109 15.88 1.40 8.19
CA ASN B 109 17.09 1.66 9.03
C ASN B 109 18.06 2.60 8.33
N GLY B 110 17.62 3.78 7.97
CA GLY B 110 18.53 4.73 7.28
C GLY B 110 17.76 6.02 6.94
N ARG B 111 18.14 7.12 7.51
CA ARG B 111 17.43 8.40 7.21
C ARG B 111 17.22 8.53 5.71
N ASP B 112 18.26 8.82 5.01
CA ASP B 112 18.17 8.96 3.53
C ASP B 112 17.89 7.60 2.87
N GLU B 113 16.75 7.03 3.16
CA GLU B 113 16.42 5.71 2.55
C GLU B 113 14.90 5.62 2.32
N ASN B 114 14.48 5.29 1.13
CA ASN B 114 13.02 5.19 0.85
C ASN B 114 12.47 3.86 1.36
N LEU B 115 11.24 3.55 1.04
CA LEU B 115 10.64 2.27 1.50
C LEU B 115 9.87 1.62 0.35
N SER B 116 10.43 1.62 -0.83
CA SER B 116 9.72 1.00 -1.99
C SER B 116 10.73 0.23 -2.87
N GLN B 117 11.77 -0.28 -2.29
CA GLN B 117 12.78 -1.03 -3.10
C GLN B 117 12.17 -2.35 -3.61
N TYR B 118 11.74 -3.20 -2.74
CA TYR B 118 11.16 -4.50 -3.17
C TYR B 118 9.73 -4.30 -3.70
N GLY B 119 8.85 -3.77 -2.90
CA GLY B 119 7.45 -3.56 -3.36
C GLY B 119 6.49 -4.09 -2.30
N ILE B 120 6.81 -5.22 -1.70
CA ILE B 120 5.91 -5.80 -0.66
C ILE B 120 4.54 -6.16 -1.24
N VAL B 121 3.79 -5.17 -1.65
CA VAL B 121 2.43 -5.46 -2.23
C VAL B 121 1.58 -6.23 -1.21
N CYS B 122 0.49 -5.67 -0.78
CA CYS B 122 -0.37 -6.38 0.20
C CYS B 122 -1.81 -5.84 0.16
N LYS B 123 -2.75 -6.61 0.62
CA LYS B 123 -4.16 -6.14 0.63
C LYS B 123 -4.53 -5.64 2.03
N MET B 124 -5.49 -4.76 2.14
CA MET B 124 -5.85 -4.25 3.49
C MET B 124 -7.29 -3.75 3.53
N ASN B 125 -7.92 -3.88 4.66
CA ASN B 125 -9.32 -3.40 4.79
C ASN B 125 -9.30 -2.06 5.53
N ILE B 126 -9.52 -0.99 4.84
CA ILE B 126 -9.47 0.34 5.51
C ILE B 126 -10.87 0.91 5.72
N LYS B 127 -11.10 1.50 6.87
CA LYS B 127 -12.44 2.10 7.14
C LYS B 127 -12.34 3.61 6.87
N VAL B 128 -12.89 4.06 5.78
CA VAL B 128 -12.81 5.51 5.44
C VAL B 128 -14.07 6.26 5.84
N LYS B 129 -13.90 7.51 6.21
CA LYS B 129 -15.07 8.35 6.62
C LYS B 129 -14.76 9.81 6.31
N MET B 130 -15.69 10.70 6.52
CA MET B 130 -15.42 12.14 6.22
C MET B 130 -14.98 12.89 7.47
N TYR B 131 -13.93 13.65 7.37
CA TYR B 131 -13.42 14.42 8.53
C TYR B 131 -14.05 15.81 8.55
N ASN B 132 -15.35 15.88 8.63
CA ASN B 132 -16.02 17.20 8.65
C ASN B 132 -15.89 17.90 7.29
N GLY B 133 -15.31 17.25 6.32
CA GLY B 133 -15.18 17.91 4.98
C GLY B 133 -14.27 17.10 4.04
N LYS B 134 -13.47 16.20 4.54
CA LYS B 134 -12.58 15.43 3.65
C LYS B 134 -12.73 13.94 3.94
N LEU B 135 -11.63 13.22 4.00
CA LEU B 135 -11.76 11.76 4.27
C LEU B 135 -10.67 11.25 5.22
N ASN B 136 -11.04 10.30 6.04
CA ASN B 136 -10.08 9.69 6.99
C ASN B 136 -9.75 8.27 6.49
N ALA B 137 -8.58 7.77 6.76
CA ALA B 137 -8.27 6.41 6.24
C ALA B 137 -7.58 5.54 7.30
N ILE B 138 -8.26 4.57 7.83
CA ILE B 138 -7.63 3.67 8.84
C ILE B 138 -7.50 2.26 8.26
N VAL B 139 -6.74 1.40 8.90
CA VAL B 139 -6.58 0.01 8.38
C VAL B 139 -7.17 -1.00 9.35
N ARG B 140 -7.86 -1.99 8.85
CA ARG B 140 -8.47 -3.02 9.74
C ARG B 140 -7.75 -4.35 9.57
N GLU B 141 -7.19 -4.60 8.41
CA GLU B 141 -6.47 -5.90 8.21
C GLU B 141 -5.02 -5.63 7.79
N CYS B 142 -4.30 -6.65 7.42
CA CYS B 142 -2.89 -6.44 7.00
C CYS B 142 -2.27 -7.77 6.54
N GLU B 143 -2.38 -8.08 5.28
CA GLU B 143 -1.79 -9.35 4.77
C GLU B 143 -0.81 -9.05 3.63
N PRO B 144 0.41 -9.48 3.80
CA PRO B 144 1.44 -9.24 2.77
C PRO B 144 1.17 -10.10 1.53
N VAL B 145 1.41 -9.57 0.37
CA VAL B 145 1.16 -10.34 -0.88
C VAL B 145 2.38 -10.25 -1.80
N PRO B 146 3.48 -10.73 -1.29
CA PRO B 146 4.76 -10.70 -2.05
C PRO B 146 4.79 -11.77 -3.14
N HIS B 147 3.75 -11.88 -3.93
CA HIS B 147 3.75 -12.90 -5.01
C HIS B 147 3.82 -14.31 -4.41
N SER B 148 3.39 -15.29 -5.15
CA SER B 148 3.41 -16.70 -4.63
C SER B 148 2.29 -16.89 -3.59
N GLN B 149 1.59 -15.84 -3.25
CA GLN B 149 0.50 -15.96 -2.24
C GLN B 149 -0.78 -15.29 -2.76
N ILE B 150 -0.70 -14.59 -3.86
CA ILE B 150 -1.89 -13.91 -4.41
C ILE B 150 -3.03 -14.90 -4.58
N SER B 151 -2.74 -16.07 -5.08
CA SER B 151 -3.81 -17.10 -5.28
C SER B 151 -4.24 -17.68 -3.93
N SER B 152 -3.61 -17.28 -2.86
CA SER B 152 -4.01 -17.81 -1.53
C SER B 152 -4.64 -16.67 -0.74
N ILE B 153 -4.05 -15.52 -0.85
CA ILE B 153 -4.58 -14.32 -0.15
C ILE B 153 -5.64 -13.66 -1.05
N ALA B 154 -5.50 -13.84 -2.33
CA ALA B 154 -6.49 -13.23 -3.27
C ALA B 154 -7.00 -14.31 -4.24
N SER B 155 -7.79 -13.93 -5.21
CA SER B 155 -8.32 -14.95 -6.17
C SER B 155 -9.40 -14.35 -7.06
N PRO B 156 -10.40 -13.78 -6.44
CA PRO B 156 -11.53 -13.19 -7.19
C PRO B 156 -11.14 -11.87 -7.86
N SER B 157 -10.77 -11.92 -9.11
CA SER B 157 -10.39 -10.66 -9.86
C SER B 157 -9.15 -9.98 -9.25
N GLN B 158 -9.16 -9.71 -7.98
CA GLN B 158 -7.98 -9.03 -7.37
C GLN B 158 -6.69 -9.78 -7.73
N CYS B 159 -6.78 -11.03 -8.04
CA CYS B 159 -5.55 -11.80 -8.39
C CYS B 159 -4.99 -11.30 -9.73
N GLU B 160 -5.85 -10.99 -10.67
CA GLU B 160 -5.35 -10.48 -11.99
C GLU B 160 -5.03 -8.99 -11.86
N HIS B 161 -5.88 -8.25 -11.21
CA HIS B 161 -5.63 -6.80 -11.03
C HIS B 161 -4.24 -6.61 -10.43
N LEU B 162 -3.84 -7.50 -9.56
CA LEU B 162 -2.49 -7.38 -8.94
C LEU B 162 -1.43 -7.71 -9.98
N ARG B 163 -1.65 -8.74 -10.76
CA ARG B 163 -0.66 -9.11 -11.81
C ARG B 163 -0.54 -7.97 -12.82
N LEU B 164 -1.65 -7.36 -13.16
CA LEU B 164 -1.62 -6.24 -14.14
C LEU B 164 -0.86 -5.04 -13.55
N PHE B 165 -0.82 -4.94 -12.25
CA PHE B 165 -0.09 -3.80 -11.63
C PHE B 165 1.41 -3.97 -11.88
N TYR B 166 1.93 -5.14 -11.68
CA TYR B 166 3.38 -5.36 -11.93
C TYR B 166 3.71 -4.97 -13.37
N GLN B 167 2.85 -5.28 -14.30
CA GLN B 167 3.11 -4.92 -15.72
C GLN B 167 3.24 -3.41 -15.85
N ARG B 168 2.41 -2.66 -15.16
CA ARG B 168 2.49 -1.18 -15.24
C ARG B 168 3.66 -0.67 -14.38
N ALA B 169 3.97 -1.36 -13.33
CA ALA B 169 5.10 -0.92 -12.45
C ALA B 169 6.42 -1.07 -13.21
N PHE B 170 6.50 -2.00 -14.11
CA PHE B 170 7.76 -2.20 -14.88
C PHE B 170 8.16 -0.90 -15.59
N LYS B 171 7.22 -0.01 -15.75
CA LYS B 171 7.54 1.28 -16.45
C LYS B 171 7.52 2.44 -15.44
N ARG B 172 6.58 2.43 -14.53
CA ARG B 172 6.50 3.54 -13.52
C ARG B 172 7.68 3.47 -12.54
N ILE B 173 8.12 2.28 -12.21
CA ILE B 173 9.26 2.15 -11.26
C ILE B 173 10.55 2.71 -11.88
N GLY B 174 10.81 2.38 -13.11
CA GLY B 174 12.06 2.89 -13.76
C GLY B 174 13.15 1.82 -13.67
N GLU B 175 13.48 1.20 -14.77
CA GLU B 175 14.53 0.14 -14.74
C GLU B 175 15.78 0.63 -14.00
N SER B 176 16.04 1.91 -14.02
CA SER B 176 17.26 2.43 -13.33
C SER B 176 17.13 2.21 -11.81
N ALA B 177 16.09 2.71 -11.21
CA ALA B 177 15.93 2.52 -9.73
C ALA B 177 16.06 1.04 -9.37
N ILE B 178 15.41 0.19 -10.12
CA ILE B 178 15.52 -1.27 -9.83
C ILE B 178 16.97 -1.71 -9.92
N SER B 179 17.77 -1.01 -10.68
CA SER B 179 19.21 -1.38 -10.80
C SER B 179 19.92 -1.01 -9.51
N ARG B 180 19.41 -0.05 -8.79
CA ARG B 180 20.02 0.37 -7.52
C ARG B 180 19.80 -0.70 -6.44
N TYR B 181 18.66 -1.35 -6.45
CA TYR B 181 18.40 -2.41 -5.44
C TYR B 181 17.76 -3.61 -6.16
N PHE B 182 18.29 -3.94 -7.31
CA PHE B 182 17.72 -5.04 -8.10
C PHE B 182 17.45 -6.27 -7.22
N GLU B 183 18.43 -6.73 -6.49
CA GLU B 183 18.20 -7.93 -5.62
C GLU B 183 16.89 -7.74 -4.87
N GLU B 184 16.79 -6.67 -4.14
CA GLU B 184 15.54 -6.41 -3.37
C GLU B 184 14.31 -6.59 -4.26
N TYR B 185 14.45 -6.36 -5.55
CA TYR B 185 13.29 -6.53 -6.46
C TYR B 185 13.14 -8.00 -6.88
N ARG B 186 14.18 -8.60 -7.38
CA ARG B 186 14.09 -10.02 -7.81
C ARG B 186 13.95 -10.93 -6.60
N ARG B 187 14.08 -10.39 -5.42
CA ARG B 187 13.94 -11.19 -4.18
C ARG B 187 14.44 -12.63 -4.35
N PHE B 188 15.72 -12.81 -4.61
CA PHE B 188 16.27 -14.18 -4.75
C PHE B 188 15.73 -14.87 -6.01
N PHE B 189 15.17 -14.14 -6.93
CA PHE B 189 14.64 -14.80 -8.17
C PHE B 189 15.30 -14.20 -9.41
N PRO B 190 15.08 -14.85 -10.52
CA PRO B 190 15.67 -14.40 -11.81
C PRO B 190 14.89 -13.20 -12.35
N ILE B 191 15.56 -12.33 -13.06
CA ILE B 191 14.85 -11.13 -13.62
C ILE B 191 14.49 -11.38 -15.09
N LYS B 5 -31.33 -5.94 9.59
CA LYS B 5 -30.58 -4.69 9.24
C LYS B 5 -29.07 -4.94 9.36
N MET B 6 -28.28 -4.01 8.88
CA MET B 6 -26.80 -4.18 8.96
C MET B 6 -26.40 -5.57 8.46
N ALA B 7 -26.31 -5.74 7.16
CA ALA B 7 -25.92 -7.07 6.61
C ALA B 7 -25.39 -6.91 5.18
N ARG B 8 -24.83 -5.78 4.86
CA ARG B 8 -24.29 -5.57 3.48
C ARG B 8 -22.84 -6.04 3.39
N LYS B 9 -22.43 -6.48 2.23
CA LYS B 9 -21.03 -6.95 2.07
C LYS B 9 -20.13 -5.79 1.65
N ASP B 10 -18.96 -6.09 1.14
CA ASP B 10 -18.04 -4.99 0.72
C ASP B 10 -17.05 -5.51 -0.33
N PRO B 11 -17.19 -5.00 -1.53
CA PRO B 11 -16.30 -5.40 -2.64
C PRO B 11 -14.92 -4.75 -2.49
N THR B 12 -14.10 -4.85 -3.50
CA THR B 12 -12.74 -4.24 -3.43
C THR B 12 -12.72 -2.94 -4.23
N ILE B 13 -12.34 -1.85 -3.63
CA ILE B 13 -12.29 -0.56 -4.38
C ILE B 13 -10.96 0.14 -4.11
N GLU B 14 -10.86 1.41 -4.44
CA GLU B 14 -9.59 2.15 -4.21
C GLU B 14 -9.72 3.59 -4.68
N PHE B 15 -8.65 4.34 -4.63
CA PHE B 15 -8.69 5.76 -5.08
C PHE B 15 -9.58 5.90 -6.32
N CYS B 16 -9.68 4.86 -7.11
CA CYS B 16 -10.52 4.92 -8.33
C CYS B 16 -11.88 4.27 -8.11
N GLN B 17 -11.98 3.38 -7.16
CA GLN B 17 -13.29 2.70 -6.92
C GLN B 17 -13.96 3.23 -5.64
N LEU B 18 -13.46 4.31 -5.09
CA LEU B 18 -14.08 4.89 -3.87
C LEU B 18 -15.55 5.21 -4.10
N GLY B 19 -16.08 6.17 -3.38
CA GLY B 19 -17.50 6.53 -3.60
C GLY B 19 -18.21 6.89 -2.28
N LEU B 20 -17.48 7.10 -1.23
CA LEU B 20 -18.14 7.44 0.07
C LEU B 20 -19.13 8.59 -0.16
N ASP B 21 -19.72 9.07 0.90
CA ASP B 21 -20.69 10.20 0.76
C ASP B 21 -20.11 11.43 1.45
N THR B 22 -20.39 11.57 2.71
CA THR B 22 -19.86 12.72 3.48
C THR B 22 -19.64 12.30 4.92
N PHE B 23 -20.65 12.37 5.70
CA PHE B 23 -20.55 11.94 7.11
C PHE B 23 -20.55 10.41 7.15
N GLU B 24 -20.71 9.81 6.02
CA GLU B 24 -20.75 8.35 5.90
C GLU B 24 -19.45 7.69 6.28
N THR B 25 -19.32 6.49 5.82
CA THR B 25 -18.13 5.64 6.09
C THR B 25 -18.45 4.23 5.58
N LYS B 26 -17.46 3.39 5.39
CA LYS B 26 -17.79 2.02 4.90
C LYS B 26 -16.66 1.04 5.17
N TYR B 27 -16.74 -0.07 4.53
CA TYR B 27 -15.70 -1.13 4.67
C TYR B 27 -15.20 -1.52 3.28
N ILE B 28 -13.93 -1.37 3.02
CA ILE B 28 -13.42 -1.72 1.68
C ILE B 28 -11.98 -2.25 1.75
N THR B 29 -11.58 -3.01 0.77
CA THR B 29 -10.20 -3.57 0.76
C THR B 29 -9.32 -2.75 -0.19
N MET B 30 -8.17 -2.34 0.25
CA MET B 30 -7.28 -1.57 -0.64
C MET B 30 -6.11 -2.45 -1.08
N PHE B 31 -5.76 -2.40 -2.33
CA PHE B 31 -4.63 -3.24 -2.80
C PHE B 31 -3.59 -2.37 -3.52
N GLY B 32 -2.34 -2.54 -3.21
CA GLY B 32 -1.30 -1.71 -3.89
C GLY B 32 0.07 -1.94 -3.23
N MET B 33 1.10 -1.35 -3.77
CA MET B 33 2.46 -1.54 -3.18
C MET B 33 2.73 -0.45 -2.14
N LEU B 34 3.48 -0.76 -1.12
CA LEU B 34 3.79 0.25 -0.08
C LEU B 34 4.95 1.13 -0.53
N VAL B 35 4.85 2.40 -0.29
CA VAL B 35 5.95 3.33 -0.69
C VAL B 35 6.66 3.86 0.54
N SER B 36 5.93 4.07 1.61
CA SER B 36 6.59 4.61 2.84
C SER B 36 5.84 4.22 4.11
N CYS B 37 6.39 4.55 5.24
CA CYS B 37 5.71 4.21 6.54
C CYS B 37 6.28 5.11 7.66
N SER B 38 5.41 5.62 8.50
CA SER B 38 5.91 6.48 9.61
C SER B 38 5.63 5.83 10.96
N PHE B 39 6.60 5.16 11.50
CA PHE B 39 6.41 4.48 12.82
C PHE B 39 6.44 5.51 13.96
N ASP B 40 7.26 6.52 13.84
CA ASP B 40 7.35 7.54 14.92
C ASP B 40 5.96 8.07 15.29
N LYS B 41 5.08 8.19 14.32
CA LYS B 41 3.72 8.71 14.64
C LYS B 41 3.19 8.09 15.93
N PRO B 42 2.95 8.93 16.90
CA PRO B 42 2.45 8.48 18.22
C PRO B 42 1.00 7.98 18.14
N ALA B 43 0.31 8.28 17.07
CA ALA B 43 -1.12 7.83 16.98
C ALA B 43 -1.28 6.66 16.00
N PHE B 44 -0.24 6.30 15.31
CA PHE B 44 -0.35 5.18 14.33
C PHE B 44 0.87 5.12 13.41
N ILE B 45 0.75 4.42 12.31
CA ILE B 45 1.86 4.30 11.35
C ILE B 45 1.47 4.93 10.01
N SER B 46 1.85 6.15 9.77
CA SER B 46 1.47 6.78 8.47
C SER B 46 1.88 5.84 7.32
N PHE B 47 0.93 5.17 6.73
CA PHE B 47 1.27 4.23 5.62
C PHE B 47 0.77 4.75 4.27
N VAL B 48 1.57 4.67 3.25
CA VAL B 48 1.14 5.14 1.91
C VAL B 48 1.42 4.06 0.88
N PHE B 49 0.39 3.50 0.32
CA PHE B 49 0.56 2.43 -0.68
C PHE B 49 0.42 2.99 -2.10
N SER B 50 0.55 2.16 -3.08
CA SER B 50 0.42 2.64 -4.49
C SER B 50 -0.20 1.56 -5.37
N ASP B 51 -0.76 1.94 -6.48
CA ASP B 51 -1.38 0.93 -7.39
C ASP B 51 -1.81 1.60 -8.70
N PHE B 52 -1.12 2.64 -9.10
CA PHE B 52 -1.48 3.33 -10.37
C PHE B 52 -2.99 3.55 -10.43
N THR B 53 -3.58 4.06 -9.38
CA THR B 53 -5.06 4.29 -9.38
C THR B 53 -5.36 5.78 -9.54
N LYS B 54 -6.61 6.13 -9.63
CA LYS B 54 -6.97 7.57 -9.77
C LYS B 54 -7.92 7.97 -8.64
N ASN B 55 -7.46 8.81 -7.75
CA ASN B 55 -8.31 9.24 -6.60
C ASN B 55 -9.69 9.69 -7.09
N ASP B 56 -10.70 9.46 -6.32
CA ASP B 56 -12.08 9.88 -6.73
C ASP B 56 -12.64 10.84 -5.69
N ILE B 57 -12.16 10.75 -4.48
CA ILE B 57 -12.64 11.63 -3.41
C ILE B 57 -11.78 12.88 -3.34
N VAL B 58 -10.81 12.88 -2.48
CA VAL B 58 -9.89 14.05 -2.34
C VAL B 58 -8.69 13.66 -1.49
N GLN B 59 -8.95 13.18 -0.32
CA GLN B 59 -7.85 12.77 0.60
C GLN B 59 -6.83 13.91 0.75
N ASN B 60 -5.73 13.65 1.39
CA ASN B 60 -4.69 14.71 1.58
C ASN B 60 -3.44 14.39 0.76
N TYR B 61 -2.28 14.76 1.26
CA TYR B 61 -1.01 14.49 0.52
C TYR B 61 -0.50 13.08 0.81
N LEU B 62 -0.03 12.40 -0.19
CA LEU B 62 0.51 11.03 0.05
C LEU B 62 1.98 11.14 0.43
N TYR B 63 2.70 11.89 -0.34
CA TYR B 63 4.15 12.12 -0.08
C TYR B 63 4.92 10.81 0.06
N ASP B 64 4.80 10.16 1.19
CA ASP B 64 5.55 8.88 1.41
C ASP B 64 6.95 8.99 0.80
N ARG B 65 7.39 7.98 0.09
CA ARG B 65 8.75 8.04 -0.52
C ARG B 65 8.64 8.61 -1.93
N TYR B 66 7.48 9.06 -2.31
CA TYR B 66 7.31 9.64 -3.68
C TYR B 66 8.09 8.82 -4.71
N LEU B 67 7.92 7.53 -4.69
CA LEU B 67 8.63 6.65 -5.66
C LEU B 67 10.14 6.65 -5.40
N ILE B 68 10.84 5.70 -5.97
CA ILE B 68 12.32 5.63 -5.75
C ILE B 68 12.99 6.91 -6.24
N ASP B 69 12.95 7.15 -7.53
CA ASP B 69 13.58 8.39 -8.08
C ASP B 69 12.89 9.64 -7.53
N TYR B 70 13.66 10.58 -7.03
CA TYR B 70 13.05 11.82 -6.49
C TYR B 70 12.96 12.88 -7.59
N GLU B 71 13.11 12.45 -8.80
CA GLU B 71 13.04 13.40 -9.94
C GLU B 71 11.57 13.71 -10.26
N ASN B 72 10.79 12.69 -10.46
CA ASN B 72 9.35 12.92 -10.76
C ASN B 72 8.51 12.67 -9.51
N LYS B 73 7.34 13.26 -9.45
CA LYS B 73 6.48 13.07 -8.24
C LYS B 73 5.02 12.84 -8.67
N LEU B 74 4.56 11.62 -8.64
CA LEU B 74 3.15 11.34 -9.04
C LEU B 74 2.21 12.28 -8.30
N GLU B 75 1.05 12.52 -8.86
CA GLU B 75 0.08 13.44 -8.18
C GLU B 75 -0.39 12.85 -6.87
N LEU B 76 -1.03 13.63 -6.06
CA LEU B 76 -1.54 13.12 -4.76
C LEU B 76 -2.79 12.29 -5.00
N ASN B 77 -3.21 12.15 -6.23
CA ASN B 77 -4.44 11.35 -6.50
C ASN B 77 -4.08 9.97 -7.05
N GLU B 78 -2.90 9.48 -6.73
CA GLU B 78 -2.50 8.12 -7.22
C GLU B 78 -2.50 7.14 -6.06
N GLY B 79 -1.46 7.12 -5.28
CA GLY B 79 -1.42 6.19 -4.11
C GLY B 79 -2.43 6.66 -3.08
N PHE B 80 -2.32 6.21 -1.85
CA PHE B 80 -3.29 6.67 -0.82
C PHE B 80 -2.71 6.50 0.58
N LYS B 81 -3.06 7.38 1.48
CA LYS B 81 -2.53 7.28 2.86
C LYS B 81 -3.46 6.44 3.73
N ALA B 82 -2.94 5.87 4.78
CA ALA B 82 -3.79 5.03 5.67
C ALA B 82 -3.10 4.86 7.03
N ILE B 83 -3.81 4.38 8.01
CA ILE B 83 -3.18 4.19 9.35
C ILE B 83 -3.70 2.90 9.99
N MET B 84 -3.03 2.46 11.02
CA MET B 84 -3.45 1.23 11.72
C MET B 84 -2.82 1.22 13.12
N TYR B 85 -3.60 0.95 14.13
CA TYR B 85 -3.05 0.94 15.52
C TYR B 85 -1.63 0.37 15.53
N LYS B 86 -0.70 1.10 16.06
CA LYS B 86 0.72 0.61 16.07
C LYS B 86 0.75 -0.85 16.53
N ASN B 87 -0.20 -1.27 17.32
CA ASN B 87 -0.19 -2.70 17.75
C ASN B 87 -0.54 -3.58 16.56
N GLN B 88 -1.61 -3.27 15.86
CA GLN B 88 -1.98 -4.06 14.68
C GLN B 88 -0.86 -3.89 13.64
N PHE B 89 -0.08 -2.85 13.77
CA PHE B 89 1.04 -2.61 12.82
C PHE B 89 2.19 -3.57 13.17
N GLU B 90 2.55 -3.65 14.42
CA GLU B 90 3.64 -4.57 14.80
C GLU B 90 3.33 -5.92 14.19
N THR B 91 2.10 -6.31 14.32
CA THR B 91 1.66 -7.61 13.73
C THR B 91 1.98 -7.61 12.23
N PHE B 92 1.67 -6.54 11.55
CA PHE B 92 1.97 -6.48 10.10
C PHE B 92 3.48 -6.52 9.90
N ASP B 93 4.23 -6.02 10.86
CA ASP B 93 5.72 -6.05 10.74
C ASP B 93 6.22 -7.46 11.07
N SER B 94 5.76 -8.02 12.15
CA SER B 94 6.19 -9.41 12.49
C SER B 94 5.98 -10.28 11.26
N LYS B 95 4.86 -10.12 10.61
CA LYS B 95 4.59 -10.91 9.39
C LYS B 95 5.73 -10.67 8.40
N LEU B 96 5.99 -9.44 8.11
CA LEU B 96 7.09 -9.09 7.18
C LEU B 96 8.43 -9.57 7.75
N ARG B 97 8.61 -9.48 9.04
CA ARG B 97 9.90 -9.94 9.64
C ARG B 97 10.22 -11.37 9.18
N LYS B 98 9.22 -12.14 8.84
CA LYS B 98 9.49 -13.53 8.39
C LYS B 98 9.96 -13.56 6.94
N ILE B 99 9.61 -12.56 6.21
CA ILE B 99 10.04 -12.48 4.79
C ILE B 99 11.22 -11.53 4.69
N PHE B 100 11.54 -10.86 5.76
CA PHE B 100 12.67 -9.88 5.73
C PHE B 100 13.56 -10.03 6.97
N ASN B 101 13.22 -10.93 7.85
CA ASN B 101 14.05 -11.11 9.09
C ASN B 101 14.18 -9.79 9.85
N ASN B 102 13.39 -8.83 9.51
CA ASN B 102 13.45 -7.51 10.19
C ASN B 102 12.09 -6.80 10.08
N GLY B 103 11.92 -5.71 10.77
CA GLY B 103 10.62 -4.98 10.69
C GLY B 103 10.76 -3.78 9.75
N LEU B 104 9.66 -3.25 9.28
CA LEU B 104 9.75 -2.08 8.36
C LEU B 104 10.75 -1.07 8.90
N ARG B 105 10.73 -0.86 10.19
CA ARG B 105 11.69 0.11 10.80
C ARG B 105 13.13 -0.25 10.40
N ASP B 106 13.47 -1.51 10.38
CA ASP B 106 14.85 -1.90 10.00
C ASP B 106 15.06 -1.65 8.51
N LEU B 107 14.01 -1.49 7.77
CA LEU B 107 14.15 -1.23 6.30
C LEU B 107 14.10 0.26 6.00
N GLN B 108 13.75 1.07 6.96
CA GLN B 108 13.68 2.54 6.71
C GLN B 108 15.07 3.12 6.53
N ASN B 109 15.63 3.66 7.56
CA ASN B 109 17.00 4.24 7.45
C ASN B 109 18.04 3.11 7.35
N GLY B 110 17.60 1.89 7.27
CA GLY B 110 18.56 0.75 7.17
C GLY B 110 19.34 0.85 5.85
N ARG B 111 18.68 1.23 4.79
CA ARG B 111 19.38 1.35 3.48
C ARG B 111 19.58 2.82 3.11
N ASP B 112 18.73 3.33 2.27
CA ASP B 112 18.85 4.76 1.85
C ASP B 112 17.52 5.47 2.04
N GLU B 113 16.79 5.11 3.07
CA GLU B 113 15.47 5.77 3.31
C GLU B 113 14.50 5.45 2.18
N ASN B 114 14.15 4.20 2.01
CA ASN B 114 13.22 3.82 0.92
C ASN B 114 12.40 2.58 1.33
N LEU B 115 11.11 2.62 1.16
CA LEU B 115 10.26 1.45 1.54
C LEU B 115 9.64 0.82 0.28
N SER B 116 10.30 0.93 -0.83
CA SER B 116 9.74 0.34 -2.08
C SER B 116 10.86 -0.23 -2.95
N GLN B 117 11.80 -0.92 -2.35
CA GLN B 117 12.92 -1.51 -3.14
C GLN B 117 12.74 -3.03 -3.25
N TYR B 118 11.62 -3.53 -2.82
CA TYR B 118 11.40 -5.01 -2.90
C TYR B 118 9.96 -5.29 -3.34
N GLY B 119 9.24 -4.30 -3.75
CA GLY B 119 7.83 -4.53 -4.18
C GLY B 119 7.09 -5.28 -3.07
N ILE B 120 6.49 -4.57 -2.16
CA ILE B 120 5.77 -5.24 -1.04
C ILE B 120 4.26 -4.99 -1.13
N VAL B 121 3.61 -5.52 -2.13
CA VAL B 121 2.14 -5.32 -2.25
C VAL B 121 1.46 -5.95 -1.03
N CYS B 122 0.32 -5.44 -0.63
CA CYS B 122 -0.38 -6.00 0.56
C CYS B 122 -1.87 -5.68 0.52
N LYS B 123 -2.69 -6.63 0.91
CA LYS B 123 -4.17 -6.37 0.91
C LYS B 123 -4.55 -5.69 2.22
N MET B 124 -5.54 -4.84 2.22
CA MET B 124 -5.91 -4.17 3.50
C MET B 124 -7.38 -3.75 3.51
N ASN B 125 -8.08 -4.04 4.57
CA ASN B 125 -9.50 -3.62 4.67
C ASN B 125 -9.56 -2.34 5.50
N ILE B 126 -9.82 -1.24 4.87
CA ILE B 126 -9.84 0.05 5.62
C ILE B 126 -11.26 0.60 5.75
N LYS B 127 -11.53 1.32 6.81
CA LYS B 127 -12.88 1.92 6.99
C LYS B 127 -12.82 3.36 6.47
N VAL B 128 -13.63 3.70 5.50
CA VAL B 128 -13.56 5.08 4.94
C VAL B 128 -14.45 6.06 5.72
N LYS B 129 -14.16 7.33 5.57
CA LYS B 129 -14.94 8.39 6.27
C LYS B 129 -14.50 9.74 5.70
N MET B 130 -15.05 10.83 6.16
CA MET B 130 -14.61 12.15 5.61
C MET B 130 -13.84 12.93 6.66
N TYR B 131 -12.52 12.92 6.59
CA TYR B 131 -11.74 13.67 7.62
C TYR B 131 -11.99 15.17 7.50
N ASN B 132 -13.00 15.67 8.14
CA ASN B 132 -13.28 17.12 8.07
C ASN B 132 -13.54 17.53 6.61
N GLY B 133 -13.79 16.58 5.74
CA GLY B 133 -14.07 16.92 4.32
C GLY B 133 -13.19 16.09 3.39
N LYS B 134 -12.19 15.41 3.90
CA LYS B 134 -11.31 14.61 3.04
C LYS B 134 -11.56 13.12 3.26
N LEU B 135 -11.04 12.28 2.41
CA LEU B 135 -11.28 10.82 2.59
C LEU B 135 -10.55 10.31 3.84
N ASN B 136 -11.27 10.10 4.91
CA ASN B 136 -10.64 9.56 6.15
C ASN B 136 -10.68 8.04 6.09
N ALA B 137 -9.57 7.38 6.22
CA ALA B 137 -9.60 5.89 6.13
C ALA B 137 -8.68 5.25 7.17
N ILE B 138 -9.15 4.21 7.79
CA ILE B 138 -8.30 3.49 8.79
C ILE B 138 -8.01 2.09 8.26
N VAL B 139 -7.14 1.35 8.90
CA VAL B 139 -6.84 -0.01 8.38
C VAL B 139 -7.18 -1.08 9.43
N ARG B 140 -7.81 -2.14 9.01
CA ARG B 140 -8.18 -3.24 9.96
C ARG B 140 -7.35 -4.49 9.64
N GLU B 141 -6.98 -4.66 8.40
CA GLU B 141 -6.18 -5.85 8.00
C GLU B 141 -4.92 -5.40 7.26
N CYS B 142 -4.03 -6.29 6.98
CA CYS B 142 -2.78 -5.91 6.24
C CYS B 142 -1.85 -7.11 6.11
N GLU B 143 -1.93 -7.80 5.00
CA GLU B 143 -1.05 -8.98 4.80
C GLU B 143 -0.09 -8.71 3.63
N PRO B 144 1.15 -9.03 3.83
CA PRO B 144 2.17 -8.81 2.77
C PRO B 144 1.96 -9.76 1.59
N VAL B 145 2.06 -9.24 0.40
CA VAL B 145 1.88 -10.09 -0.80
C VAL B 145 2.86 -9.65 -1.89
N PRO B 146 4.06 -10.13 -1.80
CA PRO B 146 5.11 -9.76 -2.79
C PRO B 146 4.82 -10.41 -4.15
N HIS B 147 4.70 -11.71 -4.18
CA HIS B 147 4.43 -12.41 -5.47
C HIS B 147 4.24 -13.91 -5.25
N SER B 148 3.86 -14.62 -6.26
CA SER B 148 3.66 -16.09 -6.12
C SER B 148 2.50 -16.39 -5.16
N GLN B 149 2.67 -16.09 -3.90
CA GLN B 149 1.59 -16.36 -2.93
C GLN B 149 0.30 -15.66 -3.37
N ILE B 150 0.41 -14.66 -4.20
CA ILE B 150 -0.80 -13.93 -4.68
C ILE B 150 -1.94 -14.90 -4.98
N SER B 151 -1.77 -15.74 -5.97
CA SER B 151 -2.86 -16.70 -6.32
C SER B 151 -3.16 -17.66 -5.16
N SER B 152 -2.38 -17.62 -4.11
CA SER B 152 -2.65 -18.52 -2.97
C SER B 152 -3.16 -17.70 -1.78
N ILE B 153 -3.19 -16.41 -1.94
CA ILE B 153 -3.67 -15.52 -0.85
C ILE B 153 -4.86 -14.71 -1.34
N ALA B 154 -4.82 -14.30 -2.57
CA ALA B 154 -5.95 -13.49 -3.13
C ALA B 154 -6.91 -14.40 -3.91
N SER B 155 -7.93 -13.84 -4.50
CA SER B 155 -8.89 -14.67 -5.27
C SER B 155 -8.49 -14.70 -6.75
N PRO B 156 -9.29 -15.39 -7.53
CA PRO B 156 -9.01 -15.51 -8.98
C PRO B 156 -9.36 -14.20 -9.70
N SER B 157 -10.34 -13.48 -9.21
CA SER B 157 -10.71 -12.20 -9.87
C SER B 157 -9.81 -11.08 -9.37
N GLN B 158 -9.35 -11.17 -8.15
CA GLN B 158 -8.45 -10.11 -7.61
C GLN B 158 -7.03 -10.32 -8.13
N CYS B 159 -6.70 -11.52 -8.52
CA CYS B 159 -5.33 -11.80 -9.03
C CYS B 159 -5.09 -11.09 -10.36
N GLU B 160 -5.95 -11.28 -11.33
CA GLU B 160 -5.76 -10.60 -12.63
C GLU B 160 -5.51 -9.12 -12.41
N HIS B 161 -6.25 -8.51 -11.53
CA HIS B 161 -6.04 -7.06 -11.25
C HIS B 161 -4.65 -6.83 -10.66
N LEU B 162 -4.29 -7.61 -9.67
CA LEU B 162 -2.94 -7.47 -9.06
C LEU B 162 -1.87 -7.78 -10.10
N ARG B 163 -2.06 -8.84 -10.85
CA ARG B 163 -1.06 -9.22 -11.90
C ARG B 163 -0.92 -8.07 -12.91
N LEU B 164 -2.01 -7.47 -13.28
CA LEU B 164 -1.97 -6.35 -14.25
C LEU B 164 -1.21 -5.15 -13.67
N PHE B 165 -1.24 -4.98 -12.38
CA PHE B 165 -0.52 -3.83 -11.77
C PHE B 165 0.99 -4.01 -11.96
N TYR B 166 1.51 -5.18 -11.72
CA TYR B 166 2.97 -5.41 -11.89
C TYR B 166 3.38 -5.06 -13.33
N GLN B 167 2.58 -5.45 -14.29
CA GLN B 167 2.92 -5.15 -15.70
C GLN B 167 3.17 -3.64 -15.86
N ARG B 168 2.25 -2.82 -15.45
CA ARG B 168 2.43 -1.35 -15.57
C ARG B 168 3.57 -0.89 -14.66
N ALA B 169 3.52 -1.23 -13.40
CA ALA B 169 4.60 -0.80 -12.47
C ALA B 169 5.96 -1.27 -12.99
N PHE B 170 6.00 -2.36 -13.71
CA PHE B 170 7.31 -2.84 -14.24
C PHE B 170 7.92 -1.77 -15.15
N LYS B 171 7.10 -0.90 -15.69
CA LYS B 171 7.63 0.17 -16.57
C LYS B 171 7.36 1.54 -15.95
N ARG B 172 6.35 1.63 -15.12
CA ARG B 172 6.03 2.93 -14.47
C ARG B 172 7.02 3.20 -13.33
N ILE B 173 7.42 2.18 -12.61
CA ILE B 173 8.38 2.39 -11.50
C ILE B 173 9.64 3.10 -12.00
N GLY B 174 10.19 2.66 -13.10
CA GLY B 174 11.40 3.32 -13.65
C GLY B 174 12.40 2.26 -14.10
N GLU B 175 12.92 2.39 -15.29
CA GLU B 175 13.91 1.39 -15.79
C GLU B 175 15.22 1.51 -15.01
N SER B 176 15.51 2.67 -14.49
CA SER B 176 16.76 2.86 -13.72
C SER B 176 16.60 2.29 -12.31
N ALA B 177 15.45 2.48 -11.72
CA ALA B 177 15.22 1.95 -10.35
C ALA B 177 15.48 0.44 -10.30
N ILE B 178 14.91 -0.28 -11.23
CA ILE B 178 15.13 -1.76 -11.26
C ILE B 178 16.62 -2.04 -11.24
N SER B 179 17.41 -1.13 -11.72
CA SER B 179 18.88 -1.33 -11.72
C SER B 179 19.45 -1.02 -10.34
N ARG B 180 18.71 -0.27 -9.56
CA ARG B 180 19.18 0.08 -8.19
C ARG B 180 19.16 -1.16 -7.29
N TYR B 181 18.20 -2.02 -7.46
CA TYR B 181 18.14 -3.26 -6.62
C TYR B 181 17.63 -4.41 -7.47
N PHE B 182 18.27 -4.65 -8.57
CA PHE B 182 17.83 -5.73 -9.47
C PHE B 182 17.53 -7.01 -8.69
N GLU B 183 18.47 -7.49 -7.93
CA GLU B 183 18.23 -8.74 -7.16
C GLU B 183 17.16 -8.55 -6.08
N GLU B 184 17.18 -7.44 -5.40
CA GLU B 184 16.16 -7.21 -4.34
C GLU B 184 14.76 -7.14 -4.95
N TYR B 185 14.66 -6.81 -6.20
CA TYR B 185 13.32 -6.71 -6.85
C TYR B 185 12.80 -8.09 -7.22
N ARG B 186 13.65 -8.96 -7.73
CA ARG B 186 13.18 -10.30 -8.11
C ARG B 186 12.79 -11.11 -6.87
N ARG B 187 13.32 -10.75 -5.75
CA ARG B 187 12.99 -11.46 -4.48
C ARG B 187 12.82 -12.96 -4.73
N PHE B 188 11.63 -13.41 -5.02
CA PHE B 188 11.41 -14.86 -5.28
C PHE B 188 11.50 -15.13 -6.79
N PHE B 189 10.72 -14.46 -7.59
CA PHE B 189 10.77 -14.68 -9.05
C PHE B 189 11.80 -13.75 -9.70
N PRO B 190 12.05 -13.99 -10.96
CA PRO B 190 13.04 -13.18 -11.71
C PRO B 190 12.49 -11.76 -11.97
N ILE B 191 13.34 -10.86 -12.38
CA ILE B 191 12.88 -9.47 -12.64
C ILE B 191 12.14 -9.40 -13.98
N LYS B 5 -18.22 -7.78 8.54
CA LYS B 5 -19.67 -8.08 8.40
C LYS B 5 -19.97 -9.52 8.83
N MET B 6 -19.79 -9.81 10.09
CA MET B 6 -20.06 -11.19 10.59
C MET B 6 -19.46 -12.24 9.64
N ALA B 7 -20.27 -12.84 8.81
CA ALA B 7 -19.74 -13.87 7.87
C ALA B 7 -18.94 -13.21 6.74
N ARG B 8 -18.02 -13.95 6.16
CA ARG B 8 -17.20 -13.37 5.05
C ARG B 8 -16.61 -12.02 5.46
N LYS B 9 -16.02 -11.32 4.53
CA LYS B 9 -15.43 -9.99 4.85
C LYS B 9 -16.19 -8.87 4.13
N ASP B 10 -15.55 -7.76 3.88
CA ASP B 10 -16.21 -6.65 3.18
C ASP B 10 -15.98 -6.80 1.67
N PRO B 11 -16.28 -5.76 0.95
CA PRO B 11 -16.12 -5.76 -0.52
C PRO B 11 -14.67 -5.42 -0.90
N THR B 12 -14.45 -4.98 -2.10
CA THR B 12 -13.05 -4.64 -2.52
C THR B 12 -13.08 -3.61 -3.67
N ILE B 13 -12.32 -2.56 -3.54
CA ILE B 13 -12.30 -1.53 -4.61
C ILE B 13 -10.85 -1.06 -4.83
N GLU B 14 -10.66 0.12 -5.35
CA GLU B 14 -9.27 0.61 -5.57
C GLU B 14 -9.29 1.99 -6.22
N PHE B 15 -9.47 3.02 -5.44
CA PHE B 15 -9.52 4.39 -6.01
C PHE B 15 -10.59 4.45 -7.11
N CYS B 16 -10.25 4.08 -8.31
CA CYS B 16 -11.27 4.08 -9.40
C CYS B 16 -12.47 3.24 -8.98
N GLN B 17 -12.27 2.37 -8.01
CA GLN B 17 -13.39 1.50 -7.55
C GLN B 17 -13.93 1.99 -6.20
N LEU B 18 -13.53 3.16 -5.77
CA LEU B 18 -14.01 3.71 -4.46
C LEU B 18 -15.54 3.71 -4.37
N GLY B 19 -16.07 4.62 -3.59
CA GLY B 19 -17.55 4.68 -3.44
C GLY B 19 -17.95 5.42 -2.16
N LEU B 20 -17.02 5.71 -1.31
CA LEU B 20 -17.36 6.43 -0.06
C LEU B 20 -18.22 7.66 -0.36
N ASP B 21 -18.49 8.45 0.65
CA ASP B 21 -19.30 9.68 0.43
C ASP B 21 -19.15 10.60 1.64
N THR B 22 -19.61 11.82 1.53
CA THR B 22 -19.47 12.77 2.67
C THR B 22 -19.98 12.14 3.96
N PHE B 23 -21.25 12.19 4.16
CA PHE B 23 -21.86 11.62 5.39
C PHE B 23 -21.59 10.12 5.49
N GLU B 24 -21.06 9.55 4.45
CA GLU B 24 -20.78 8.10 4.46
C GLU B 24 -19.76 7.75 5.52
N THR B 25 -19.10 6.66 5.26
CA THR B 25 -18.02 6.07 6.16
C THR B 25 -18.25 4.57 6.31
N LYS B 26 -17.43 3.76 5.70
CA LYS B 26 -17.61 2.29 5.84
C LYS B 26 -16.28 1.56 5.85
N TYR B 27 -16.31 0.28 5.57
CA TYR B 27 -15.06 -0.52 5.56
C TYR B 27 -14.85 -1.11 4.16
N ILE B 28 -13.63 -1.14 3.69
CA ILE B 28 -13.38 -1.70 2.33
C ILE B 28 -11.95 -2.23 2.22
N THR B 29 -11.70 -3.14 1.31
CA THR B 29 -10.33 -3.69 1.15
C THR B 29 -9.60 -2.94 0.02
N MET B 30 -8.33 -2.74 0.16
CA MET B 30 -7.58 -2.01 -0.90
C MET B 30 -6.20 -2.64 -1.10
N PHE B 31 -5.80 -2.82 -2.33
CA PHE B 31 -4.46 -3.41 -2.61
C PHE B 31 -3.52 -2.30 -3.06
N GLY B 32 -2.23 -2.52 -3.02
CA GLY B 32 -1.30 -1.44 -3.46
C GLY B 32 0.13 -1.75 -3.00
N MET B 33 1.09 -1.12 -3.61
CA MET B 33 2.50 -1.35 -3.22
C MET B 33 2.94 -0.27 -2.24
N LEU B 34 3.48 -0.66 -1.12
CA LEU B 34 3.91 0.36 -0.13
C LEU B 34 4.86 1.38 -0.77
N VAL B 35 4.57 2.63 -0.63
CA VAL B 35 5.45 3.68 -1.22
C VAL B 35 6.35 4.25 -0.12
N SER B 36 5.86 4.29 1.09
CA SER B 36 6.68 4.81 2.22
C SER B 36 6.02 4.47 3.55
N CYS B 37 6.72 4.70 4.63
CA CYS B 37 6.14 4.40 5.97
C CYS B 37 6.73 5.35 7.02
N SER B 38 5.98 5.64 8.05
CA SER B 38 6.50 6.57 9.10
C SER B 38 6.04 6.10 10.49
N PHE B 39 6.92 5.52 11.25
CA PHE B 39 6.54 5.06 12.62
C PHE B 39 6.72 6.20 13.61
N ASP B 40 7.57 7.13 13.31
CA ASP B 40 7.79 8.28 14.23
C ASP B 40 6.45 8.83 14.70
N LYS B 41 5.42 8.66 13.93
CA LYS B 41 4.08 9.17 14.33
C LYS B 41 3.67 8.56 15.67
N PRO B 42 3.38 9.41 16.62
CA PRO B 42 2.98 8.96 17.96
C PRO B 42 1.55 8.41 17.95
N ALA B 43 0.92 8.36 16.81
CA ALA B 43 -0.47 7.84 16.75
C ALA B 43 -0.54 6.55 15.94
N PHE B 44 0.47 6.25 15.19
CA PHE B 44 0.46 5.00 14.38
C PHE B 44 1.63 4.96 13.40
N ILE B 45 1.60 4.08 12.45
CA ILE B 45 2.69 4.01 11.43
C ILE B 45 2.13 4.45 10.08
N SER B 46 2.19 5.72 9.79
CA SER B 46 1.63 6.23 8.50
C SER B 46 2.47 5.79 7.31
N PHE B 47 1.89 5.02 6.42
CA PHE B 47 2.62 4.59 5.20
C PHE B 47 1.73 4.82 3.98
N VAL B 48 2.28 5.31 2.91
CA VAL B 48 1.44 5.57 1.70
C VAL B 48 1.56 4.44 0.69
N PHE B 49 0.46 3.83 0.37
CA PHE B 49 0.47 2.71 -0.61
C PHE B 49 0.17 3.25 -2.00
N SER B 50 0.16 2.39 -2.99
CA SER B 50 -0.14 2.87 -4.37
C SER B 50 -0.55 1.70 -5.27
N ASP B 51 -1.74 1.74 -5.80
CA ASP B 51 -2.21 0.62 -6.68
C ASP B 51 -2.30 1.12 -8.14
N PHE B 52 -1.71 2.24 -8.44
CA PHE B 52 -1.76 2.78 -9.83
C PHE B 52 -3.22 2.85 -10.31
N THR B 53 -4.06 3.52 -9.56
CA THR B 53 -5.49 3.64 -9.97
C THR B 53 -5.87 5.11 -10.11
N LYS B 54 -7.13 5.42 -10.08
CA LYS B 54 -7.54 6.85 -10.21
C LYS B 54 -8.58 7.20 -9.13
N ASN B 55 -8.16 7.86 -8.09
CA ASN B 55 -9.12 8.24 -7.01
C ASN B 55 -10.11 9.28 -7.55
N ASP B 56 -11.30 9.31 -7.02
CA ASP B 56 -12.30 10.31 -7.48
C ASP B 56 -12.74 11.18 -6.31
N ILE B 57 -12.40 10.77 -5.11
CA ILE B 57 -12.78 11.55 -3.91
C ILE B 57 -11.84 12.73 -3.73
N VAL B 58 -12.26 13.64 -2.94
CA VAL B 58 -11.46 14.87 -2.70
C VAL B 58 -10.08 14.53 -2.14
N GLN B 59 -10.01 13.52 -1.33
CA GLN B 59 -8.72 13.11 -0.72
C GLN B 59 -7.93 14.34 -0.23
N ASN B 60 -6.72 14.15 0.20
CA ASN B 60 -5.91 15.30 0.71
C ASN B 60 -4.44 15.18 0.28
N TYR B 61 -3.56 15.82 1.01
CA TYR B 61 -2.10 15.78 0.66
C TYR B 61 -1.39 14.66 1.42
N LEU B 62 -0.83 13.71 0.70
CA LEU B 62 -0.11 12.60 1.38
C LEU B 62 1.34 12.99 1.62
N TYR B 63 1.89 12.62 2.72
CA TYR B 63 3.31 12.97 2.99
C TYR B 63 4.17 11.72 2.99
N ASP B 64 4.03 10.92 1.98
CA ASP B 64 4.82 9.66 1.87
C ASP B 64 4.64 9.08 0.47
N ARG B 65 4.41 9.93 -0.49
CA ARG B 65 4.19 9.44 -1.88
C ARG B 65 5.40 9.76 -2.77
N TYR B 66 6.13 10.81 -2.48
CA TYR B 66 7.31 11.15 -3.35
C TYR B 66 8.03 9.87 -3.79
N LEU B 67 7.73 9.40 -4.96
CA LEU B 67 8.36 8.14 -5.47
C LEU B 67 9.89 8.21 -5.38
N ILE B 68 10.56 7.16 -5.81
CA ILE B 68 12.05 7.15 -5.75
C ILE B 68 12.65 8.19 -6.70
N ASP B 69 12.08 8.36 -7.85
CA ASP B 69 12.62 9.35 -8.82
C ASP B 69 12.90 10.66 -8.12
N TYR B 70 12.20 10.92 -7.07
CA TYR B 70 12.39 12.17 -6.28
C TYR B 70 12.04 13.39 -7.13
N GLU B 71 12.67 13.50 -8.27
CA GLU B 71 12.40 14.66 -9.17
C GLU B 71 10.90 14.97 -9.19
N ASN B 72 10.09 14.01 -9.53
CA ASN B 72 8.63 14.25 -9.58
C ASN B 72 7.99 13.86 -8.24
N LYS B 73 6.68 13.90 -8.17
CA LYS B 73 6.00 13.52 -6.90
C LYS B 73 4.70 12.79 -7.22
N LEU B 74 4.56 11.58 -6.76
CA LEU B 74 3.32 10.79 -7.02
C LEU B 74 2.08 11.70 -6.95
N GLU B 75 1.13 11.47 -7.81
CA GLU B 75 -0.11 12.31 -7.78
C GLU B 75 -0.97 11.95 -6.58
N LEU B 76 -1.95 12.76 -6.32
CA LEU B 76 -2.86 12.48 -5.18
C LEU B 76 -4.03 11.63 -5.67
N ASN B 77 -3.94 11.15 -6.88
CA ASN B 77 -5.06 10.32 -7.41
C ASN B 77 -4.59 8.90 -7.71
N GLU B 78 -3.51 8.47 -7.10
CA GLU B 78 -3.02 7.09 -7.33
C GLU B 78 -2.62 6.42 -6.01
N GLY B 79 -1.93 7.14 -5.16
CA GLY B 79 -1.52 6.54 -3.85
C GLY B 79 -2.34 7.17 -2.72
N PHE B 80 -2.19 6.70 -1.51
CA PHE B 80 -2.97 7.29 -0.39
C PHE B 80 -2.29 7.00 0.95
N LYS B 81 -2.51 7.83 1.92
CA LYS B 81 -1.88 7.63 3.25
C LYS B 81 -2.80 6.83 4.17
N ALA B 82 -2.32 5.73 4.70
CA ALA B 82 -3.17 4.92 5.61
C ALA B 82 -2.50 4.80 6.99
N ILE B 83 -3.22 4.36 7.98
CA ILE B 83 -2.62 4.23 9.32
C ILE B 83 -3.13 2.97 10.02
N MET B 84 -2.30 2.37 10.82
CA MET B 84 -2.71 1.13 11.55
C MET B 84 -2.29 1.22 13.01
N TYR B 85 -3.20 0.99 13.91
CA TYR B 85 -2.82 1.05 15.35
C TYR B 85 -1.52 0.26 15.54
N LYS B 86 -0.62 0.76 16.33
CA LYS B 86 0.67 0.03 16.53
C LYS B 86 0.40 -1.44 16.87
N ASN B 87 -0.51 -1.72 17.76
CA ASN B 87 -0.80 -3.14 18.09
C ASN B 87 -1.26 -3.86 16.83
N GLN B 88 -2.21 -3.31 16.13
CA GLN B 88 -2.67 -3.98 14.88
C GLN B 88 -1.52 -3.99 13.88
N PHE B 89 -0.61 -3.06 14.03
CA PHE B 89 0.57 -3.01 13.11
C PHE B 89 1.54 -4.13 13.47
N GLU B 90 1.81 -4.34 14.73
CA GLU B 90 2.73 -5.44 15.11
C GLU B 90 2.23 -6.72 14.48
N THR B 91 0.97 -7.00 14.68
CA THR B 91 0.38 -8.22 14.09
C THR B 91 0.66 -8.24 12.59
N PHE B 92 0.40 -7.15 11.91
CA PHE B 92 0.66 -7.09 10.44
C PHE B 92 2.17 -7.29 10.16
N ASP B 93 3.01 -6.79 11.02
CA ASP B 93 4.48 -6.95 10.82
C ASP B 93 4.90 -8.37 11.19
N SER B 94 4.32 -8.92 12.21
CA SER B 94 4.70 -10.31 12.62
C SER B 94 4.63 -11.25 11.41
N LYS B 95 3.50 -11.31 10.74
CA LYS B 95 3.43 -12.19 9.55
C LYS B 95 4.48 -11.72 8.55
N LEU B 96 4.68 -10.44 8.49
CA LEU B 96 5.72 -9.89 7.57
C LEU B 96 7.10 -10.41 7.97
N ARG B 97 7.41 -10.39 9.23
CA ARG B 97 8.75 -10.88 9.68
C ARG B 97 9.01 -12.28 9.13
N LYS B 98 7.98 -13.00 8.78
CA LYS B 98 8.20 -14.38 8.25
C LYS B 98 8.50 -14.31 6.76
N ILE B 99 8.08 -13.27 6.14
CA ILE B 99 8.34 -13.10 4.69
C ILE B 99 9.53 -12.17 4.50
N PHE B 100 9.97 -11.55 5.56
CA PHE B 100 11.12 -10.61 5.46
C PHE B 100 12.06 -10.77 6.66
N ASN B 101 11.78 -11.69 7.54
CA ASN B 101 12.65 -11.90 8.73
C ASN B 101 12.78 -10.62 9.57
N ASN B 102 12.01 -9.62 9.26
CA ASN B 102 12.09 -8.35 10.04
C ASN B 102 10.74 -7.63 10.02
N GLY B 103 10.71 -6.40 10.45
CA GLY B 103 9.43 -5.63 10.45
C GLY B 103 9.60 -4.36 9.64
N LEU B 104 8.52 -3.72 9.27
CA LEU B 104 8.64 -2.47 8.47
C LEU B 104 9.71 -1.57 9.07
N ARG B 105 9.72 -1.42 10.36
CA ARG B 105 10.74 -0.56 11.03
C ARG B 105 12.16 -0.97 10.63
N ASP B 106 12.42 -2.25 10.57
CA ASP B 106 13.80 -2.71 10.18
C ASP B 106 14.02 -2.52 8.68
N LEU B 107 12.97 -2.26 7.96
CA LEU B 107 13.11 -2.07 6.49
C LEU B 107 13.56 -0.63 6.18
N GLN B 108 13.24 0.30 7.04
CA GLN B 108 13.66 1.70 6.81
C GLN B 108 15.04 1.95 7.42
N ASN B 109 15.79 2.86 6.86
CA ASN B 109 17.14 3.15 7.40
C ASN B 109 17.24 4.62 7.79
N GLY B 110 16.32 5.43 7.35
CA GLY B 110 16.35 6.88 7.70
C GLY B 110 16.29 7.72 6.43
N ARG B 111 17.41 7.97 5.81
CA ARG B 111 17.40 8.80 4.57
C ARG B 111 17.48 7.89 3.34
N ASP B 112 18.66 7.69 2.82
CA ASP B 112 18.81 6.84 1.62
C ASP B 112 18.24 5.44 1.86
N GLU B 113 17.02 5.20 1.46
CA GLU B 113 16.41 3.87 1.66
C GLU B 113 15.12 3.76 0.84
N ASN B 114 14.36 4.81 0.78
CA ASN B 114 13.09 4.79 -0.01
C ASN B 114 12.36 3.46 0.18
N LEU B 115 11.43 3.41 1.10
CA LEU B 115 10.68 2.15 1.34
C LEU B 115 9.74 1.89 0.16
N SER B 116 10.26 1.76 -1.03
CA SER B 116 9.38 1.51 -2.21
C SER B 116 10.03 0.51 -3.18
N GLN B 117 11.15 -0.05 -2.80
CA GLN B 117 11.81 -1.03 -3.70
C GLN B 117 11.88 -2.41 -3.04
N TYR B 118 11.05 -2.65 -2.06
CA TYR B 118 11.07 -3.97 -1.37
C TYR B 118 9.89 -4.83 -1.86
N GLY B 119 8.99 -4.25 -2.61
CA GLY B 119 7.82 -5.04 -3.12
C GLY B 119 7.00 -5.54 -1.93
N ILE B 120 6.34 -4.65 -1.24
CA ILE B 120 5.52 -5.08 -0.07
C ILE B 120 4.05 -5.15 -0.47
N VAL B 121 3.77 -5.44 -1.72
CA VAL B 121 2.34 -5.52 -2.17
C VAL B 121 1.51 -6.28 -1.13
N CYS B 122 0.45 -5.68 -0.64
CA CYS B 122 -0.39 -6.38 0.37
C CYS B 122 -1.81 -5.79 0.42
N LYS B 123 -2.78 -6.62 0.71
CA LYS B 123 -4.19 -6.13 0.79
C LYS B 123 -4.46 -5.60 2.20
N MET B 124 -5.43 -4.74 2.35
CA MET B 124 -5.72 -4.19 3.72
C MET B 124 -7.17 -3.69 3.79
N ASN B 125 -7.87 -4.05 4.83
CA ASN B 125 -9.27 -3.56 4.98
C ASN B 125 -9.21 -2.17 5.60
N ILE B 126 -9.45 -1.15 4.83
CA ILE B 126 -9.36 0.23 5.38
C ILE B 126 -10.75 0.84 5.60
N LYS B 127 -10.89 1.62 6.64
CA LYS B 127 -12.21 2.27 6.90
C LYS B 127 -12.16 3.70 6.34
N VAL B 128 -12.83 3.93 5.25
CA VAL B 128 -12.80 5.29 4.63
C VAL B 128 -13.90 6.19 5.19
N LYS B 129 -13.58 7.43 5.45
CA LYS B 129 -14.59 8.39 5.97
C LYS B 129 -14.18 9.81 5.60
N MET B 130 -14.91 10.79 6.05
CA MET B 130 -14.55 12.20 5.71
C MET B 130 -13.61 12.81 6.74
N TYR B 131 -12.33 12.63 6.54
CA TYR B 131 -11.32 13.22 7.47
C TYR B 131 -11.26 14.73 7.24
N ASN B 132 -12.06 15.47 7.97
CA ASN B 132 -12.09 16.95 7.76
C ASN B 132 -12.71 17.23 6.40
N GLY B 133 -13.50 16.30 5.91
CA GLY B 133 -14.14 16.49 4.58
C GLY B 133 -13.37 15.67 3.54
N LYS B 134 -12.20 15.22 3.88
CA LYS B 134 -11.38 14.44 2.94
C LYS B 134 -11.52 12.94 3.21
N LEU B 135 -10.91 12.11 2.39
CA LEU B 135 -11.04 10.65 2.61
C LEU B 135 -10.10 10.14 3.71
N ASN B 136 -10.65 9.70 4.82
CA ASN B 136 -9.80 9.16 5.92
C ASN B 136 -9.62 7.66 5.70
N ALA B 137 -8.48 7.22 5.26
CA ALA B 137 -8.30 5.76 5.03
C ALA B 137 -7.45 5.12 6.13
N ILE B 138 -8.08 4.49 7.07
CA ILE B 138 -7.30 3.81 8.15
C ILE B 138 -7.12 2.35 7.77
N VAL B 139 -6.34 1.61 8.50
CA VAL B 139 -6.13 0.19 8.12
C VAL B 139 -6.47 -0.76 9.29
N ARG B 140 -7.25 -1.76 9.02
CA ARG B 140 -7.60 -2.74 10.09
C ARG B 140 -6.72 -3.98 9.94
N GLU B 141 -6.38 -4.32 8.72
CA GLU B 141 -5.51 -5.51 8.49
C GLU B 141 -4.51 -5.20 7.37
N CYS B 142 -3.56 -6.06 7.16
CA CYS B 142 -2.56 -5.82 6.08
C CYS B 142 -1.92 -7.13 5.64
N GLU B 143 -2.68 -8.00 5.03
CA GLU B 143 -2.11 -9.30 4.57
C GLU B 143 -1.09 -9.04 3.47
N PRO B 144 0.10 -9.55 3.67
CA PRO B 144 1.18 -9.37 2.67
C PRO B 144 0.88 -10.18 1.41
N VAL B 145 1.20 -9.65 0.26
CA VAL B 145 0.94 -10.39 -1.00
C VAL B 145 2.09 -10.16 -1.98
N PRO B 146 3.14 -10.92 -1.78
CA PRO B 146 4.35 -10.82 -2.64
C PRO B 146 4.07 -11.39 -4.03
N HIS B 147 4.37 -12.64 -4.25
CA HIS B 147 4.13 -13.25 -5.60
C HIS B 147 3.84 -14.74 -5.47
N SER B 148 3.33 -15.17 -4.35
CA SER B 148 3.02 -16.61 -4.18
C SER B 148 1.66 -16.77 -3.50
N GLN B 149 1.47 -16.15 -2.37
CA GLN B 149 0.15 -16.26 -1.67
C GLN B 149 -0.89 -15.40 -2.40
N ILE B 150 -0.45 -14.58 -3.31
CA ILE B 150 -1.41 -13.72 -4.06
C ILE B 150 -2.63 -14.53 -4.50
N SER B 151 -2.41 -15.72 -4.99
CA SER B 151 -3.56 -16.55 -5.45
C SER B 151 -4.23 -17.23 -4.25
N SER B 152 -3.82 -16.91 -3.06
CA SER B 152 -4.44 -17.53 -1.86
C SER B 152 -4.97 -16.44 -0.93
N ILE B 153 -4.66 -15.22 -1.25
CA ILE B 153 -5.12 -14.07 -0.40
C ILE B 153 -6.05 -13.18 -1.23
N ALA B 154 -5.90 -13.20 -2.52
CA ALA B 154 -6.76 -12.34 -3.38
C ALA B 154 -7.69 -13.21 -4.23
N SER B 155 -8.92 -12.82 -4.39
CA SER B 155 -9.87 -13.62 -5.22
C SER B 155 -9.28 -13.85 -6.61
N PRO B 156 -10.03 -14.54 -7.43
CA PRO B 156 -9.57 -14.84 -8.81
C PRO B 156 -9.60 -13.57 -9.66
N SER B 157 -10.38 -12.61 -9.27
CA SER B 157 -10.46 -11.34 -10.05
C SER B 157 -9.40 -10.36 -9.54
N GLN B 158 -9.12 -10.39 -8.26
CA GLN B 158 -8.11 -9.46 -7.69
C GLN B 158 -6.72 -9.83 -8.21
N CYS B 159 -6.52 -11.07 -8.57
CA CYS B 159 -5.18 -11.50 -9.08
C CYS B 159 -4.84 -10.79 -10.39
N GLU B 160 -5.71 -10.88 -11.36
CA GLU B 160 -5.42 -10.22 -12.67
C GLU B 160 -5.10 -8.73 -12.45
N HIS B 161 -5.90 -8.05 -11.67
CA HIS B 161 -5.63 -6.60 -11.42
C HIS B 161 -4.23 -6.44 -10.83
N LEU B 162 -3.78 -7.39 -10.07
CA LEU B 162 -2.41 -7.29 -9.47
C LEU B 162 -1.37 -7.63 -10.53
N ARG B 163 -1.54 -8.73 -11.21
CA ARG B 163 -0.56 -9.11 -12.27
C ARG B 163 -0.35 -7.93 -13.22
N LEU B 164 -1.40 -7.45 -13.82
CA LEU B 164 -1.29 -6.32 -14.76
C LEU B 164 -0.74 -5.08 -14.05
N PHE B 165 -1.01 -4.91 -12.78
CA PHE B 165 -0.48 -3.73 -12.06
C PHE B 165 1.05 -3.72 -12.14
N TYR B 166 1.67 -4.87 -12.07
CA TYR B 166 3.15 -4.93 -12.17
C TYR B 166 3.59 -4.56 -13.58
N GLN B 167 2.99 -5.14 -14.59
CA GLN B 167 3.37 -4.81 -15.99
C GLN B 167 3.31 -3.30 -16.19
N ARG B 168 2.37 -2.66 -15.56
CA ARG B 168 2.24 -1.18 -15.70
C ARG B 168 3.27 -0.48 -14.81
N ALA B 169 3.34 -0.85 -13.56
CA ALA B 169 4.33 -0.22 -12.64
C ALA B 169 5.74 -0.41 -13.19
N PHE B 170 5.95 -1.45 -13.96
CA PHE B 170 7.31 -1.70 -14.53
C PHE B 170 7.75 -0.50 -15.38
N LYS B 171 6.91 -0.06 -16.28
CA LYS B 171 7.28 1.09 -17.15
C LYS B 171 7.07 2.42 -16.42
N ARG B 172 6.08 2.50 -15.57
CA ARG B 172 5.81 3.78 -14.84
C ARG B 172 6.84 4.03 -13.74
N ILE B 173 7.22 3.02 -13.00
CA ILE B 173 8.22 3.25 -11.91
C ILE B 173 9.47 3.90 -12.48
N GLY B 174 10.01 3.36 -13.55
CA GLY B 174 11.24 3.96 -14.15
C GLY B 174 12.39 2.97 -14.05
N GLU B 175 13.02 2.67 -15.16
CA GLU B 175 14.16 1.71 -15.13
C GLU B 175 15.32 2.28 -14.30
N SER B 176 15.26 3.54 -13.99
CA SER B 176 16.36 4.16 -13.18
C SER B 176 16.27 3.66 -11.74
N ALA B 177 15.12 3.76 -11.13
CA ALA B 177 14.98 3.28 -9.72
C ALA B 177 15.19 1.77 -9.66
N ILE B 178 14.77 1.06 -10.66
CA ILE B 178 14.95 -0.42 -10.66
C ILE B 178 16.43 -0.77 -10.49
N SER B 179 17.30 0.08 -10.95
CA SER B 179 18.77 -0.20 -10.82
C SER B 179 19.26 0.19 -9.42
N ARG B 180 18.60 1.11 -8.78
CA ARG B 180 19.03 1.53 -7.43
C ARG B 180 18.86 0.39 -6.42
N TYR B 181 17.85 -0.43 -6.58
CA TYR B 181 17.66 -1.57 -5.64
C TYR B 181 17.01 -2.72 -6.40
N PHE B 182 17.55 -3.07 -7.53
CA PHE B 182 16.96 -4.16 -8.32
C PHE B 182 16.80 -5.42 -7.47
N GLU B 183 17.84 -5.76 -6.75
CA GLU B 183 17.78 -6.98 -5.89
C GLU B 183 16.64 -6.90 -4.89
N GLU B 184 16.38 -5.74 -4.36
CA GLU B 184 15.27 -5.59 -3.36
C GLU B 184 13.92 -5.85 -4.02
N TYR B 185 13.76 -5.49 -5.25
CA TYR B 185 12.44 -5.72 -5.94
C TYR B 185 12.32 -7.18 -6.37
N ARG B 186 13.34 -7.75 -6.93
CA ARG B 186 13.27 -9.16 -7.37
C ARG B 186 13.19 -10.10 -6.18
N ARG B 187 13.34 -9.57 -4.99
CA ARG B 187 13.27 -10.40 -3.76
C ARG B 187 14.13 -11.66 -3.91
N PHE B 188 13.60 -12.71 -4.48
CA PHE B 188 14.40 -13.96 -4.64
C PHE B 188 14.37 -14.44 -6.09
N PHE B 189 13.26 -14.26 -6.76
CA PHE B 189 13.16 -14.71 -8.18
C PHE B 189 14.09 -13.90 -9.08
N PRO B 190 14.33 -14.41 -10.26
CA PRO B 190 15.22 -13.73 -11.23
C PRO B 190 14.49 -12.54 -11.86
N ILE B 191 15.21 -11.57 -12.34
CA ILE B 191 14.55 -10.39 -12.97
C ILE B 191 14.39 -10.61 -14.47
N LYS B 5 -16.43 -13.25 13.27
CA LYS B 5 -17.69 -13.51 12.53
C LYS B 5 -17.89 -12.45 11.43
N MET B 6 -17.34 -12.67 10.27
CA MET B 6 -17.50 -11.69 9.17
C MET B 6 -18.45 -12.24 8.10
N ALA B 7 -19.29 -11.41 7.56
CA ALA B 7 -20.24 -11.88 6.51
C ALA B 7 -20.94 -10.71 5.83
N ARG B 8 -21.34 -10.89 4.60
CA ARG B 8 -22.03 -9.79 3.87
C ARG B 8 -21.20 -8.51 3.87
N LYS B 9 -21.66 -7.49 3.20
CA LYS B 9 -20.91 -6.20 3.15
C LYS B 9 -19.41 -6.46 3.00
N ASP B 10 -18.59 -5.55 3.45
CA ASP B 10 -17.11 -5.74 3.32
C ASP B 10 -16.74 -5.97 1.86
N PRO B 11 -17.23 -5.11 1.01
CA PRO B 11 -16.96 -5.21 -0.45
C PRO B 11 -15.51 -4.80 -0.74
N THR B 12 -15.18 -4.69 -2.00
CA THR B 12 -13.78 -4.29 -2.36
C THR B 12 -13.80 -3.38 -3.59
N ILE B 13 -12.85 -2.51 -3.71
CA ILE B 13 -12.81 -1.61 -4.88
C ILE B 13 -11.37 -1.19 -5.17
N GLU B 14 -11.15 -0.08 -5.80
CA GLU B 14 -9.75 0.35 -6.08
C GLU B 14 -9.72 1.76 -6.65
N PHE B 15 -9.74 2.76 -5.82
CA PHE B 15 -9.69 4.16 -6.32
C PHE B 15 -10.82 4.39 -7.33
N CYS B 16 -10.63 4.00 -8.56
CA CYS B 16 -11.71 4.21 -9.57
C CYS B 16 -12.96 3.43 -9.15
N GLN B 17 -12.79 2.38 -8.38
CA GLN B 17 -13.97 1.59 -7.94
C GLN B 17 -14.45 2.06 -6.57
N LEU B 18 -13.99 3.20 -6.14
CA LEU B 18 -14.40 3.75 -4.82
C LEU B 18 -15.93 3.82 -4.68
N GLY B 19 -16.38 4.71 -3.84
CA GLY B 19 -17.86 4.84 -3.65
C GLY B 19 -18.17 5.76 -2.46
N LEU B 20 -17.21 6.05 -1.64
CA LEU B 20 -17.45 6.93 -0.47
C LEU B 20 -18.24 8.17 -0.88
N ASP B 21 -18.51 9.01 0.08
CA ASP B 21 -19.26 10.27 -0.20
C ASP B 21 -19.29 11.11 1.07
N THR B 22 -19.52 12.39 0.96
CA THR B 22 -19.55 13.26 2.16
C THR B 22 -20.27 12.57 3.31
N PHE B 23 -21.56 12.51 3.21
CA PHE B 23 -22.38 11.86 4.28
C PHE B 23 -22.10 10.37 4.37
N GLU B 24 -21.33 9.85 3.46
CA GLU B 24 -21.02 8.41 3.46
C GLU B 24 -20.04 8.03 4.55
N THR B 25 -19.41 6.93 4.30
CA THR B 25 -18.38 6.31 5.22
C THR B 25 -18.57 4.79 5.25
N LYS B 26 -17.51 4.04 5.10
CA LYS B 26 -17.67 2.55 5.13
C LYS B 26 -16.31 1.85 5.19
N TYR B 27 -16.30 0.61 4.83
CA TYR B 27 -15.04 -0.18 4.84
C TYR B 27 -14.77 -0.77 3.46
N ILE B 28 -13.55 -0.69 2.99
CA ILE B 28 -13.24 -1.25 1.66
C ILE B 28 -11.80 -1.77 1.62
N THR B 29 -11.53 -2.77 0.83
CA THR B 29 -10.15 -3.32 0.76
C THR B 29 -9.37 -2.67 -0.38
N MET B 30 -8.39 -1.89 -0.05
CA MET B 30 -7.59 -1.23 -1.12
C MET B 30 -6.23 -1.89 -1.25
N PHE B 31 -5.78 -2.12 -2.45
CA PHE B 31 -4.46 -2.77 -2.64
C PHE B 31 -3.43 -1.72 -3.08
N GLY B 32 -2.17 -2.02 -2.94
CA GLY B 32 -1.14 -1.02 -3.35
C GLY B 32 0.25 -1.54 -2.99
N MET B 33 1.27 -0.78 -3.29
CA MET B 33 2.66 -1.22 -2.96
C MET B 33 3.29 -0.25 -1.96
N LEU B 34 3.69 -0.74 -0.82
CA LEU B 34 4.31 0.13 0.20
C LEU B 34 5.26 1.14 -0.44
N VAL B 35 5.22 2.37 0.01
CA VAL B 35 6.11 3.41 -0.54
C VAL B 35 6.86 4.08 0.61
N SER B 36 6.20 4.26 1.72
CA SER B 36 6.87 4.90 2.89
C SER B 36 6.06 4.68 4.16
N CYS B 37 6.72 4.42 5.27
CA CYS B 37 5.99 4.20 6.54
C CYS B 37 6.58 5.06 7.65
N SER B 38 5.82 5.97 8.18
CA SER B 38 6.35 6.84 9.27
C SER B 38 5.79 6.38 10.63
N PHE B 39 6.65 6.22 11.60
CA PHE B 39 6.17 5.79 12.94
C PHE B 39 6.29 6.95 13.93
N ASP B 40 6.10 8.15 13.46
CA ASP B 40 6.19 9.34 14.36
C ASP B 40 4.82 9.64 14.95
N LYS B 41 3.79 9.58 14.14
CA LYS B 41 2.42 9.86 14.65
C LYS B 41 2.17 9.11 15.97
N PRO B 42 1.67 9.82 16.93
CA PRO B 42 1.39 9.23 18.27
C PRO B 42 0.18 8.29 18.22
N ALA B 43 -0.49 8.18 17.11
CA ALA B 43 -1.67 7.27 17.05
C ALA B 43 -1.36 6.03 16.24
N PHE B 44 -0.30 6.06 15.49
CA PHE B 44 0.06 4.88 14.64
C PHE B 44 1.25 5.22 13.74
N ILE B 45 1.46 4.42 12.72
CA ILE B 45 2.58 4.70 11.78
C ILE B 45 2.03 5.02 10.40
N SER B 46 2.02 6.29 10.04
CA SER B 46 1.49 6.68 8.71
C SER B 46 1.94 5.69 7.63
N PHE B 47 1.02 4.96 7.06
CA PHE B 47 1.40 3.97 6.00
C PHE B 47 0.84 4.42 4.64
N VAL B 48 1.67 4.96 3.79
CA VAL B 48 1.18 5.39 2.46
C VAL B 48 1.62 4.39 1.40
N PHE B 49 0.67 3.73 0.82
CA PHE B 49 0.97 2.70 -0.22
C PHE B 49 0.89 3.31 -1.62
N SER B 50 1.12 2.51 -2.62
CA SER B 50 1.06 3.03 -4.02
C SER B 50 0.15 2.15 -4.88
N ASP B 51 -0.20 2.61 -6.05
CA ASP B 51 -1.09 1.78 -6.92
C ASP B 51 -1.35 2.49 -8.25
N PHE B 52 -2.40 2.12 -8.92
CA PHE B 52 -2.73 2.76 -10.23
C PHE B 52 -4.17 3.29 -10.20
N THR B 53 -5.04 2.78 -11.04
CA THR B 53 -6.45 3.25 -11.05
C THR B 53 -6.49 4.78 -10.90
N LYS B 54 -7.59 5.31 -10.45
CA LYS B 54 -7.70 6.79 -10.29
C LYS B 54 -8.65 7.12 -9.13
N ASN B 55 -8.12 7.39 -7.97
CA ASN B 55 -8.98 7.71 -6.80
C ASN B 55 -9.97 8.82 -7.16
N ASP B 56 -11.09 8.86 -6.49
CA ASP B 56 -12.10 9.91 -6.78
C ASP B 56 -12.22 10.84 -5.58
N ILE B 57 -11.66 10.45 -4.46
CA ILE B 57 -11.74 11.30 -3.25
C ILE B 57 -10.62 12.31 -3.23
N VAL B 58 -10.75 13.26 -2.36
CA VAL B 58 -9.74 14.33 -2.25
C VAL B 58 -8.66 13.96 -1.25
N GLN B 59 -9.01 13.13 -0.32
CA GLN B 59 -8.05 12.67 0.72
C GLN B 59 -7.04 13.77 1.06
N ASN B 60 -5.88 13.41 1.55
CA ASN B 60 -4.87 14.45 1.92
C ASN B 60 -3.68 14.41 0.94
N TYR B 61 -2.50 14.68 1.41
CA TYR B 61 -1.30 14.69 0.51
C TYR B 61 -0.79 13.27 0.28
N LEU B 62 -1.32 12.29 0.97
CA LEU B 62 -0.80 10.91 0.79
C LEU B 62 0.71 10.94 0.91
N TYR B 63 1.21 11.93 1.59
CA TYR B 63 2.69 12.10 1.77
C TYR B 63 3.33 10.77 2.14
N ASP B 64 4.63 10.76 2.29
CA ASP B 64 5.34 9.48 2.62
C ASP B 64 5.36 8.58 1.38
N ARG B 65 5.94 9.06 0.31
CA ARG B 65 5.99 8.26 -0.93
C ARG B 65 6.69 9.06 -2.03
N TYR B 66 7.76 9.72 -1.69
CA TYR B 66 8.50 10.52 -2.73
C TYR B 66 8.75 9.67 -3.97
N LEU B 67 8.70 8.37 -3.82
CA LEU B 67 8.93 7.47 -5.00
C LEU B 67 10.39 7.57 -5.45
N ILE B 68 11.02 6.44 -5.69
CA ILE B 68 12.45 6.46 -6.14
C ILE B 68 12.70 7.62 -7.10
N ASP B 69 12.24 7.53 -8.31
CA ASP B 69 12.45 8.64 -9.28
C ASP B 69 11.91 9.95 -8.69
N TYR B 70 12.77 10.88 -8.38
CA TYR B 70 12.32 12.17 -7.80
C TYR B 70 12.00 13.16 -8.92
N GLU B 71 11.42 12.67 -9.97
CA GLU B 71 11.09 13.53 -11.13
C GLU B 71 9.57 13.53 -11.39
N ASN B 72 9.02 12.37 -11.65
CA ASN B 72 7.55 12.28 -11.95
C ASN B 72 6.71 12.71 -10.76
N LYS B 73 7.30 12.84 -9.61
CA LYS B 73 6.53 13.26 -8.39
C LYS B 73 5.14 12.63 -8.41
N LEU B 74 5.00 11.44 -7.90
CA LEU B 74 3.67 10.75 -7.89
C LEU B 74 2.55 11.75 -7.59
N GLU B 75 1.38 11.50 -8.12
CA GLU B 75 0.23 12.43 -7.87
C GLU B 75 -0.57 11.96 -6.65
N LEU B 76 -1.49 12.77 -6.22
CA LEU B 76 -2.32 12.38 -5.05
C LEU B 76 -3.51 11.56 -5.53
N ASN B 77 -3.54 11.26 -6.80
CA ASN B 77 -4.69 10.46 -7.34
C ASN B 77 -4.30 8.98 -7.48
N GLU B 78 -3.14 8.61 -6.99
CA GLU B 78 -2.72 7.19 -7.10
C GLU B 78 -2.45 6.60 -5.72
N GLY B 79 -1.33 6.95 -5.11
CA GLY B 79 -1.02 6.40 -3.77
C GLY B 79 -2.01 6.95 -2.75
N PHE B 80 -1.90 6.56 -1.50
CA PHE B 80 -2.86 7.08 -0.48
C PHE B 80 -2.29 6.88 0.91
N LYS B 81 -2.87 7.50 1.89
CA LYS B 81 -2.35 7.34 3.28
C LYS B 81 -3.13 6.27 4.02
N ALA B 82 -2.46 5.50 4.84
CA ALA B 82 -3.15 4.42 5.60
C ALA B 82 -2.62 4.39 7.04
N ILE B 83 -3.44 4.07 7.98
CA ILE B 83 -2.98 4.03 9.39
C ILE B 83 -3.64 2.87 10.14
N MET B 84 -2.92 2.26 11.05
CA MET B 84 -3.52 1.12 11.82
C MET B 84 -2.95 1.07 13.24
N TYR B 85 -3.72 0.60 14.18
CA TYR B 85 -3.22 0.52 15.59
C TYR B 85 -1.81 -0.04 15.62
N LYS B 86 -0.95 0.50 16.44
CA LYS B 86 0.43 -0.05 16.50
C LYS B 86 0.37 -1.57 16.63
N ASN B 87 -0.65 -2.07 17.27
CA ASN B 87 -0.77 -3.54 17.39
C ASN B 87 -0.96 -4.13 15.99
N GLN B 88 -1.85 -3.57 15.22
CA GLN B 88 -2.05 -4.06 13.83
C GLN B 88 -0.75 -3.82 13.07
N PHE B 89 -0.03 -2.79 13.44
CA PHE B 89 1.26 -2.51 12.77
C PHE B 89 2.24 -3.65 13.10
N GLU B 90 2.30 -4.04 14.34
CA GLU B 90 3.19 -5.16 14.72
C GLU B 90 2.72 -6.41 13.96
N THR B 91 1.45 -6.65 13.99
CA THR B 91 0.89 -7.83 13.27
C THR B 91 1.23 -7.70 11.78
N PHE B 92 1.20 -6.52 11.25
CA PHE B 92 1.53 -6.32 9.82
C PHE B 92 3.04 -6.53 9.61
N ASP B 93 3.83 -6.24 10.61
CA ASP B 93 5.30 -6.43 10.47
C ASP B 93 5.65 -7.90 10.60
N SER B 94 5.16 -8.56 11.62
CA SER B 94 5.46 -10.01 11.77
C SER B 94 5.14 -10.73 10.46
N LYS B 95 4.11 -10.31 9.79
CA LYS B 95 3.76 -10.95 8.48
C LYS B 95 4.86 -10.62 7.48
N LEU B 96 5.41 -9.44 7.57
CA LEU B 96 6.50 -9.02 6.65
C LEU B 96 7.80 -9.72 7.05
N ARG B 97 8.05 -9.82 8.32
CA ARG B 97 9.30 -10.48 8.79
C ARG B 97 9.47 -11.85 8.13
N LYS B 98 8.41 -12.44 7.66
CA LYS B 98 8.53 -13.77 7.00
C LYS B 98 8.98 -13.60 5.56
N ILE B 99 8.69 -12.47 5.01
CA ILE B 99 9.11 -12.20 3.60
C ILE B 99 10.38 -11.35 3.61
N PHE B 100 10.75 -10.87 4.77
CA PHE B 100 11.98 -10.02 4.85
C PHE B 100 12.86 -10.48 6.02
N ASN B 101 12.42 -11.45 6.77
CA ASN B 101 13.22 -11.95 7.93
C ASN B 101 13.49 -10.83 8.94
N ASN B 102 12.88 -9.70 8.75
CA ASN B 102 13.10 -8.57 9.70
C ASN B 102 11.84 -7.69 9.76
N GLY B 103 11.84 -6.71 10.62
CA GLY B 103 10.65 -5.82 10.71
C GLY B 103 10.96 -4.50 10.00
N LEU B 104 9.96 -3.76 9.63
CA LEU B 104 10.19 -2.46 8.93
C LEU B 104 11.33 -1.71 9.62
N ARG B 105 11.37 -1.72 10.93
CA ARG B 105 12.44 -0.99 11.66
C ARG B 105 13.83 -1.54 11.30
N ASP B 106 13.97 -2.83 11.15
CA ASP B 106 15.31 -3.39 10.81
C ASP B 106 15.60 -3.16 9.33
N LEU B 107 14.59 -2.86 8.56
CA LEU B 107 14.81 -2.63 7.10
C LEU B 107 15.56 -1.31 6.89
N GLN B 108 15.41 -0.39 7.80
CA GLN B 108 16.13 0.92 7.66
C GLN B 108 17.14 1.08 8.79
N ASN B 109 18.23 1.74 8.54
CA ASN B 109 19.25 1.92 9.62
C ASN B 109 19.60 3.40 9.78
N GLY B 110 19.05 4.25 8.96
CA GLY B 110 19.36 5.70 9.07
C GLY B 110 18.19 6.52 8.51
N ARG B 111 18.34 7.05 7.33
CA ARG B 111 17.24 7.85 6.73
C ARG B 111 16.33 6.95 5.88
N ASP B 112 16.56 6.91 4.62
CA ASP B 112 15.73 6.04 3.73
C ASP B 112 14.24 6.34 3.94
N GLU B 113 13.62 5.70 4.89
CA GLU B 113 12.18 5.94 5.14
C GLU B 113 11.33 5.36 4.00
N ASN B 114 11.55 5.81 2.80
CA ASN B 114 10.77 5.28 1.65
C ASN B 114 11.28 3.88 1.29
N LEU B 115 10.79 2.87 1.95
CA LEU B 115 11.26 1.49 1.65
C LEU B 115 10.42 0.88 0.52
N SER B 116 10.52 1.42 -0.66
CA SER B 116 9.74 0.88 -1.80
C SER B 116 10.69 0.38 -2.90
N GLN B 117 11.94 0.19 -2.57
CA GLN B 117 12.92 -0.30 -3.58
C GLN B 117 12.81 -1.82 -3.72
N TYR B 118 12.07 -2.45 -2.85
CA TYR B 118 11.93 -3.93 -2.93
C TYR B 118 10.53 -4.30 -3.44
N GLY B 119 9.53 -3.60 -2.99
CA GLY B 119 8.14 -3.91 -3.45
C GLY B 119 7.44 -4.78 -2.42
N ILE B 120 6.48 -4.24 -1.72
CA ILE B 120 5.76 -5.04 -0.69
C ILE B 120 4.25 -4.94 -0.89
N VAL B 121 3.73 -5.52 -1.94
CA VAL B 121 2.27 -5.45 -2.19
C VAL B 121 1.51 -6.08 -1.01
N CYS B 122 0.42 -5.48 -0.61
CA CYS B 122 -0.35 -6.05 0.54
C CYS B 122 -1.82 -5.61 0.47
N LYS B 123 -2.73 -6.50 0.76
CA LYS B 123 -4.18 -6.13 0.74
C LYS B 123 -4.59 -5.68 2.15
N MET B 124 -5.52 -4.75 2.26
CA MET B 124 -5.90 -4.27 3.62
C MET B 124 -7.34 -3.74 3.62
N ASN B 125 -8.09 -4.06 4.65
CA ASN B 125 -9.49 -3.55 4.74
C ASN B 125 -9.45 -2.19 5.43
N ILE B 126 -9.76 -1.13 4.73
CA ILE B 126 -9.69 0.21 5.36
C ILE B 126 -11.09 0.80 5.55
N LYS B 127 -11.28 1.52 6.63
CA LYS B 127 -12.59 2.18 6.88
C LYS B 127 -12.44 3.66 6.57
N VAL B 128 -13.05 4.13 5.51
CA VAL B 128 -12.89 5.56 5.15
C VAL B 128 -14.06 6.40 5.67
N LYS B 129 -13.75 7.54 6.23
CA LYS B 129 -14.82 8.45 6.72
C LYS B 129 -14.52 9.87 6.22
N MET B 130 -15.46 10.76 6.31
CA MET B 130 -15.22 12.14 5.79
C MET B 130 -14.72 13.08 6.88
N TYR B 131 -13.63 13.73 6.63
CA TYR B 131 -13.06 14.70 7.60
C TYR B 131 -13.52 16.10 7.26
N ASN B 132 -14.78 16.39 7.45
CA ASN B 132 -15.29 17.74 7.10
C ASN B 132 -15.24 17.92 5.57
N GLY B 133 -14.97 16.86 4.85
CA GLY B 133 -14.90 16.96 3.37
C GLY B 133 -13.74 16.12 2.83
N LYS B 134 -12.92 15.59 3.70
CA LYS B 134 -11.77 14.78 3.24
C LYS B 134 -11.98 13.30 3.51
N LEU B 135 -10.93 12.52 3.54
CA LEU B 135 -11.10 11.06 3.79
C LEU B 135 -10.08 10.52 4.79
N ASN B 136 -10.54 10.06 5.92
CA ASN B 136 -9.61 9.45 6.92
C ASN B 136 -9.49 7.96 6.59
N ALA B 137 -8.39 7.55 6.02
CA ALA B 137 -8.26 6.12 5.64
C ALA B 137 -7.55 5.31 6.71
N ILE B 138 -8.27 4.45 7.40
CA ILE B 138 -7.62 3.59 8.43
C ILE B 138 -7.52 2.17 7.90
N VAL B 139 -6.83 1.31 8.60
CA VAL B 139 -6.72 -0.09 8.11
C VAL B 139 -7.17 -1.09 9.18
N ARG B 140 -7.98 -2.05 8.81
CA ARG B 140 -8.45 -3.06 9.81
C ARG B 140 -7.60 -4.32 9.71
N GLU B 141 -7.03 -4.58 8.56
CA GLU B 141 -6.19 -5.79 8.41
C GLU B 141 -4.85 -5.42 7.74
N CYS B 142 -4.09 -6.41 7.34
CA CYS B 142 -2.78 -6.10 6.69
C CYS B 142 -2.04 -7.39 6.35
N GLU B 143 -2.19 -7.87 5.14
CA GLU B 143 -1.49 -9.13 4.75
C GLU B 143 -0.61 -8.89 3.53
N PRO B 144 0.62 -9.29 3.63
CA PRO B 144 1.58 -9.11 2.51
C PRO B 144 1.18 -9.99 1.33
N VAL B 145 1.38 -9.50 0.14
CA VAL B 145 1.02 -10.28 -1.07
C VAL B 145 2.09 -10.13 -2.15
N PRO B 146 3.15 -10.87 -1.98
CA PRO B 146 4.28 -10.82 -2.95
C PRO B 146 3.89 -11.54 -4.25
N HIS B 147 3.74 -12.83 -4.21
CA HIS B 147 3.36 -13.58 -5.44
C HIS B 147 3.34 -15.09 -5.16
N SER B 148 4.19 -15.55 -4.29
CA SER B 148 4.22 -17.01 -3.97
C SER B 148 2.93 -17.42 -3.24
N GLN B 149 2.27 -16.49 -2.62
CA GLN B 149 1.01 -16.84 -1.90
C GLN B 149 -0.10 -15.83 -2.23
N ILE B 150 0.10 -15.02 -3.23
CA ILE B 150 -0.95 -14.04 -3.61
C ILE B 150 -2.29 -14.75 -3.72
N SER B 151 -2.31 -15.91 -4.33
CA SER B 151 -3.58 -16.66 -4.47
C SER B 151 -3.89 -17.42 -3.18
N SER B 152 -3.15 -17.15 -2.14
CA SER B 152 -3.41 -17.84 -0.84
C SER B 152 -3.82 -16.81 0.21
N ILE B 153 -3.82 -15.56 -0.17
CA ILE B 153 -4.19 -14.49 0.79
C ILE B 153 -5.33 -13.65 0.20
N ALA B 154 -5.29 -13.40 -1.08
CA ALA B 154 -6.36 -12.59 -1.72
C ALA B 154 -7.41 -13.49 -2.36
N SER B 155 -8.66 -13.11 -2.29
CA SER B 155 -9.74 -13.94 -2.90
C SER B 155 -9.59 -13.96 -4.43
N PRO B 156 -10.52 -14.58 -5.09
CA PRO B 156 -10.48 -14.66 -6.57
C PRO B 156 -10.75 -13.28 -7.19
N SER B 157 -10.59 -13.14 -8.47
CA SER B 157 -10.84 -11.82 -9.11
C SER B 157 -9.79 -10.80 -8.64
N GLN B 158 -9.75 -10.55 -7.35
CA GLN B 158 -8.74 -9.58 -6.82
C GLN B 158 -7.33 -10.02 -7.20
N CYS B 159 -7.14 -11.29 -7.42
CA CYS B 159 -5.78 -11.79 -7.79
C CYS B 159 -5.43 -11.33 -9.20
N GLU B 160 -6.38 -11.31 -10.10
CA GLU B 160 -6.06 -10.86 -11.48
C GLU B 160 -5.69 -9.37 -11.46
N HIS B 161 -6.47 -8.57 -10.80
CA HIS B 161 -6.14 -7.12 -10.72
C HIS B 161 -4.72 -6.95 -10.20
N LEU B 162 -4.28 -7.86 -9.36
CA LEU B 162 -2.91 -7.77 -8.81
C LEU B 162 -1.91 -8.21 -9.88
N ARG B 163 -2.29 -9.16 -10.71
CA ARG B 163 -1.38 -9.63 -11.78
C ARG B 163 -0.99 -8.45 -12.67
N LEU B 164 -1.96 -7.73 -13.17
CA LEU B 164 -1.66 -6.56 -14.03
C LEU B 164 -0.83 -5.54 -13.23
N PHE B 165 -1.07 -5.47 -11.95
CA PHE B 165 -0.31 -4.50 -11.10
C PHE B 165 1.19 -4.69 -11.33
N TYR B 166 1.66 -5.91 -11.26
CA TYR B 166 3.12 -6.16 -11.48
C TYR B 166 3.53 -5.73 -12.88
N GLN B 167 2.81 -6.16 -13.88
CA GLN B 167 3.17 -5.80 -15.29
C GLN B 167 3.20 -4.28 -15.46
N ARG B 168 2.24 -3.58 -14.92
CA ARG B 168 2.22 -2.10 -15.07
C ARG B 168 3.32 -1.45 -14.23
N ALA B 169 3.50 -1.91 -13.02
CA ALA B 169 4.56 -1.32 -12.15
C ALA B 169 5.94 -1.53 -12.75
N PHE B 170 6.16 -2.66 -13.38
CA PHE B 170 7.50 -2.92 -13.98
C PHE B 170 7.81 -1.89 -15.07
N LYS B 171 6.80 -1.22 -15.57
CA LYS B 171 7.03 -0.20 -16.63
C LYS B 171 6.70 1.21 -16.12
N ARG B 172 5.67 1.34 -15.34
CA ARG B 172 5.29 2.68 -14.81
C ARG B 172 6.28 3.13 -13.73
N ILE B 173 6.80 2.22 -12.96
CA ILE B 173 7.77 2.62 -11.89
C ILE B 173 8.94 3.40 -12.50
N GLY B 174 9.14 3.28 -13.79
CA GLY B 174 10.26 4.02 -14.43
C GLY B 174 11.37 3.05 -14.83
N GLU B 175 11.44 2.71 -16.09
CA GLU B 175 12.50 1.76 -16.54
C GLU B 175 13.85 2.18 -15.96
N SER B 176 14.13 3.46 -15.95
CA SER B 176 15.44 3.92 -15.39
C SER B 176 15.53 3.57 -13.90
N ALA B 177 14.54 3.94 -13.13
CA ALA B 177 14.57 3.63 -11.69
C ALA B 177 14.86 2.14 -11.47
N ILE B 178 14.18 1.29 -12.19
CA ILE B 178 14.42 -0.17 -12.03
C ILE B 178 15.89 -0.48 -12.33
N SER B 179 16.51 0.30 -13.16
CA SER B 179 17.94 0.05 -13.49
C SER B 179 18.81 0.45 -12.30
N ARG B 180 18.31 1.30 -11.44
CA ARG B 180 19.08 1.74 -10.27
C ARG B 180 19.10 0.64 -9.19
N TYR B 181 18.03 -0.08 -9.03
CA TYR B 181 18.00 -1.18 -8.03
C TYR B 181 17.49 -2.43 -8.71
N PHE B 182 17.91 -2.65 -9.92
CA PHE B 182 17.44 -3.81 -10.67
C PHE B 182 17.55 -5.10 -9.85
N GLU B 183 18.70 -5.36 -9.28
CA GLU B 183 18.89 -6.61 -8.48
C GLU B 183 18.05 -6.56 -7.19
N GLU B 184 17.93 -5.42 -6.59
CA GLU B 184 17.14 -5.32 -5.32
C GLU B 184 15.64 -5.45 -5.62
N TYR B 185 15.23 -5.09 -6.80
CA TYR B 185 13.77 -5.18 -7.14
C TYR B 185 13.41 -6.60 -7.60
N ARG B 186 14.33 -7.32 -8.16
CA ARG B 186 14.03 -8.68 -8.66
C ARG B 186 13.91 -9.68 -7.51
N ARG B 187 14.23 -9.27 -6.32
CA ARG B 187 14.15 -10.19 -5.15
C ARG B 187 14.65 -11.59 -5.55
N PHE B 188 13.77 -12.45 -5.95
CA PHE B 188 14.19 -13.82 -6.37
C PHE B 188 13.91 -14.00 -7.87
N PHE B 189 14.30 -15.12 -8.43
CA PHE B 189 14.05 -15.35 -9.89
C PHE B 189 14.70 -14.24 -10.71
N PRO B 190 14.56 -14.35 -12.01
CA PRO B 190 15.14 -13.36 -12.93
C PRO B 190 14.25 -12.10 -13.00
N ILE B 191 14.63 -11.14 -13.79
CA ILE B 191 13.80 -9.90 -13.90
C ILE B 191 12.83 -10.02 -15.07
N LYS B 5 -21.45 -12.47 14.69
CA LYS B 5 -21.83 -13.11 13.40
C LYS B 5 -20.74 -12.85 12.35
N MET B 6 -20.46 -11.60 12.07
CA MET B 6 -19.42 -11.29 11.04
C MET B 6 -19.76 -11.97 9.72
N ALA B 7 -20.98 -11.83 9.26
CA ALA B 7 -21.37 -12.47 7.98
C ALA B 7 -21.82 -11.41 6.98
N ARG B 8 -21.20 -10.25 6.99
CA ARG B 8 -21.60 -9.18 6.05
C ARG B 8 -20.70 -9.24 4.80
N LYS B 9 -19.88 -10.24 4.70
CA LYS B 9 -18.99 -10.37 3.51
C LYS B 9 -18.24 -9.06 3.26
N ASP B 10 -17.51 -8.98 2.16
CA ASP B 10 -16.75 -7.74 1.85
C ASP B 10 -16.19 -7.81 0.43
N PRO B 11 -16.54 -6.83 -0.35
CA PRO B 11 -16.07 -6.77 -1.76
C PRO B 11 -14.70 -6.08 -1.85
N THR B 12 -14.29 -5.70 -3.03
CA THR B 12 -12.98 -5.01 -3.18
C THR B 12 -13.11 -3.79 -4.10
N ILE B 13 -12.79 -2.65 -3.59
CA ILE B 13 -12.86 -1.40 -4.41
C ILE B 13 -11.86 -0.40 -3.85
N GLU B 14 -11.50 0.61 -4.58
CA GLU B 14 -10.53 1.60 -4.04
C GLU B 14 -10.02 2.52 -5.14
N PHE B 15 -9.96 3.80 -4.87
CA PHE B 15 -9.47 4.77 -5.89
C PHE B 15 -10.37 4.74 -7.14
N CYS B 16 -10.42 3.63 -7.81
CA CYS B 16 -11.28 3.55 -9.04
C CYS B 16 -12.67 3.01 -8.68
N GLN B 17 -12.76 2.15 -7.69
CA GLN B 17 -14.10 1.61 -7.32
C GLN B 17 -14.61 2.30 -6.06
N LEU B 18 -14.01 3.38 -5.68
CA LEU B 18 -14.44 4.13 -4.47
C LEU B 18 -15.89 4.58 -4.60
N GLY B 19 -16.21 5.69 -4.01
CA GLY B 19 -17.62 6.20 -4.08
C GLY B 19 -18.05 6.76 -2.72
N LEU B 20 -17.16 6.82 -1.78
CA LEU B 20 -17.51 7.34 -0.43
C LEU B 20 -18.30 8.65 -0.53
N ASP B 21 -18.61 9.23 0.59
CA ASP B 21 -19.34 10.53 0.59
C ASP B 21 -19.08 11.25 1.91
N THR B 22 -19.26 12.54 1.95
CA THR B 22 -19.01 13.29 3.21
C THR B 22 -19.67 12.61 4.40
N PHE B 23 -20.95 12.63 4.43
CA PHE B 23 -21.70 12.01 5.56
C PHE B 23 -21.58 10.49 5.52
N GLU B 24 -21.00 9.98 4.48
CA GLU B 24 -20.86 8.51 4.33
C GLU B 24 -19.89 7.93 5.35
N THR B 25 -19.36 6.81 4.96
CA THR B 25 -18.37 6.01 5.78
C THR B 25 -18.66 4.52 5.58
N LYS B 26 -17.78 3.79 4.94
CA LYS B 26 -18.04 2.33 4.76
C LYS B 26 -16.80 1.51 5.04
N TYR B 27 -16.83 0.28 4.64
CA TYR B 27 -15.67 -0.62 4.86
C TYR B 27 -15.23 -1.26 3.53
N ILE B 28 -13.96 -1.28 3.25
CA ILE B 28 -13.51 -1.89 1.96
C ILE B 28 -12.05 -2.37 2.08
N THR B 29 -11.55 -3.02 1.06
CA THR B 29 -10.15 -3.52 1.09
C THR B 29 -9.25 -2.64 0.22
N MET B 30 -8.11 -2.25 0.73
CA MET B 30 -7.20 -1.38 -0.04
C MET B 30 -6.00 -2.18 -0.55
N PHE B 31 -5.66 -2.03 -1.80
CA PHE B 31 -4.49 -2.75 -2.35
C PHE B 31 -3.45 -1.72 -2.83
N GLY B 32 -2.22 -2.11 -3.01
CA GLY B 32 -1.20 -1.12 -3.48
C GLY B 32 0.19 -1.52 -3.01
N MET B 33 1.21 -0.92 -3.58
CA MET B 33 2.61 -1.24 -3.18
C MET B 33 3.07 -0.27 -2.09
N LEU B 34 3.48 -0.78 -0.96
CA LEU B 34 3.95 0.11 0.13
C LEU B 34 4.93 1.14 -0.40
N VAL B 35 4.66 2.40 -0.19
CA VAL B 35 5.59 3.46 -0.65
C VAL B 35 6.65 3.69 0.41
N SER B 36 6.26 3.64 1.65
CA SER B 36 7.25 3.85 2.76
C SER B 36 6.57 3.66 4.11
N CYS B 37 7.34 3.72 5.16
CA CYS B 37 6.76 3.54 6.52
C CYS B 37 7.33 4.62 7.48
N SER B 38 6.48 5.19 8.29
CA SER B 38 6.96 6.24 9.25
C SER B 38 6.27 6.09 10.60
N PHE B 39 7.03 5.80 11.63
CA PHE B 39 6.43 5.64 12.98
C PHE B 39 6.38 6.99 13.69
N ASP B 40 6.70 8.05 13.00
CA ASP B 40 6.67 9.39 13.64
C ASP B 40 5.37 9.55 14.44
N LYS B 41 4.25 9.66 13.78
CA LYS B 41 2.96 9.80 14.51
C LYS B 41 2.79 8.66 15.52
N PRO B 42 2.76 9.04 16.77
CA PRO B 42 2.57 8.03 17.85
C PRO B 42 1.16 7.46 17.81
N ALA B 43 0.28 8.05 17.06
CA ALA B 43 -1.12 7.54 17.00
C ALA B 43 -1.18 6.28 16.13
N PHE B 44 -0.19 6.06 15.33
CA PHE B 44 -0.17 4.85 14.46
C PHE B 44 1.07 4.83 13.56
N ILE B 45 1.05 4.05 12.52
CA ILE B 45 2.22 3.97 11.60
C ILE B 45 1.86 4.59 10.25
N SER B 46 2.17 5.83 10.03
CA SER B 46 1.84 6.45 8.70
C SER B 46 2.29 5.53 7.57
N PHE B 47 1.36 4.85 6.95
CA PHE B 47 1.73 3.93 5.83
C PHE B 47 1.29 4.50 4.49
N VAL B 48 2.21 4.80 3.61
CA VAL B 48 1.81 5.34 2.28
C VAL B 48 1.90 4.24 1.23
N PHE B 49 0.80 3.99 0.58
CA PHE B 49 0.76 2.91 -0.45
C PHE B 49 0.59 3.50 -1.84
N SER B 50 0.54 2.65 -2.84
CA SER B 50 0.37 3.13 -4.23
C SER B 50 -0.17 2.00 -5.12
N ASP B 51 -1.36 2.15 -5.63
CA ASP B 51 -1.93 1.08 -6.50
C ASP B 51 -2.19 1.63 -7.91
N PHE B 52 -2.72 0.81 -8.78
CA PHE B 52 -3.00 1.26 -10.17
C PHE B 52 -4.35 1.99 -10.22
N THR B 53 -5.31 1.52 -9.47
CA THR B 53 -6.66 2.18 -9.47
C THR B 53 -6.51 3.70 -9.47
N LYS B 54 -7.36 4.39 -10.16
CA LYS B 54 -7.26 5.88 -10.19
C LYS B 54 -8.15 6.51 -9.11
N ASN B 55 -7.56 7.29 -8.24
CA ASN B 55 -8.37 7.92 -7.15
C ASN B 55 -9.48 8.78 -7.74
N ASP B 56 -10.62 8.81 -7.10
CA ASP B 56 -11.75 9.64 -7.63
C ASP B 56 -12.21 10.61 -6.55
N ILE B 57 -11.77 10.41 -5.33
CA ILE B 57 -12.17 11.31 -4.23
C ILE B 57 -11.13 12.41 -4.03
N VAL B 58 -11.54 13.42 -3.36
CA VAL B 58 -10.67 14.58 -3.11
C VAL B 58 -9.33 14.19 -2.48
N GLN B 59 -9.35 13.22 -1.63
CA GLN B 59 -8.08 12.79 -0.96
C GLN B 59 -7.25 14.00 -0.56
N ASN B 60 -6.00 13.80 -0.21
CA ASN B 60 -5.14 14.95 0.21
C ASN B 60 -3.68 14.70 -0.20
N TYR B 61 -2.76 14.84 0.72
CA TYR B 61 -1.32 14.61 0.38
C TYR B 61 -0.86 13.24 0.85
N LEU B 62 0.15 12.70 0.22
CA LEU B 62 0.66 11.36 0.64
C LEU B 62 2.04 11.52 1.27
N TYR B 63 2.68 12.61 0.97
CA TYR B 63 4.03 12.90 1.53
C TYR B 63 4.84 11.61 1.75
N ASP B 64 5.63 11.57 2.80
CA ASP B 64 6.46 10.35 3.08
C ASP B 64 7.39 10.06 1.91
N ARG B 65 6.97 9.23 0.99
CA ARG B 65 7.85 8.91 -0.17
C ARG B 65 7.13 9.25 -1.48
N TYR B 66 7.50 10.34 -2.10
CA TYR B 66 6.84 10.73 -3.37
C TYR B 66 7.51 10.01 -4.55
N LEU B 67 7.38 8.72 -4.61
CA LEU B 67 7.99 7.93 -5.73
C LEU B 67 9.51 8.11 -5.77
N ILE B 68 10.20 7.19 -6.40
CA ILE B 68 11.69 7.29 -6.49
C ILE B 68 12.09 8.38 -7.48
N ASP B 69 11.46 8.41 -8.62
CA ASP B 69 11.81 9.44 -9.66
C ASP B 69 12.16 10.78 -9.01
N TYR B 70 13.40 11.18 -9.11
CA TYR B 70 13.82 12.50 -8.54
C TYR B 70 13.71 13.58 -9.60
N GLU B 71 12.73 13.44 -10.44
CA GLU B 71 12.51 14.42 -11.52
C GLU B 71 11.07 14.97 -11.42
N ASN B 72 10.10 14.10 -11.50
CA ASN B 72 8.68 14.55 -11.40
C ASN B 72 8.14 14.32 -9.98
N LYS B 73 6.88 14.51 -9.78
CA LYS B 73 6.30 14.30 -8.42
C LYS B 73 5.11 13.34 -8.48
N LEU B 74 5.07 12.38 -7.60
CA LEU B 74 3.93 11.41 -7.61
C LEU B 74 2.63 12.17 -7.31
N GLU B 75 1.62 11.97 -8.12
CA GLU B 75 0.32 12.66 -7.89
C GLU B 75 -0.32 12.20 -6.58
N LEU B 76 -1.34 12.90 -6.16
CA LEU B 76 -2.03 12.50 -4.91
C LEU B 76 -3.22 11.61 -5.29
N ASN B 77 -3.33 11.26 -6.54
CA ASN B 77 -4.47 10.39 -6.97
C ASN B 77 -3.97 8.97 -7.26
N GLU B 78 -2.80 8.64 -6.78
CA GLU B 78 -2.26 7.27 -7.02
C GLU B 78 -2.10 6.53 -5.69
N GLY B 79 -1.26 7.02 -4.81
CA GLY B 79 -1.07 6.36 -3.49
C GLY B 79 -1.91 7.08 -2.44
N PHE B 80 -1.91 6.60 -1.22
CA PHE B 80 -2.73 7.28 -0.17
C PHE B 80 -2.09 7.11 1.21
N LYS B 81 -2.67 7.71 2.22
CA LYS B 81 -2.11 7.58 3.59
C LYS B 81 -2.92 6.57 4.40
N ALA B 82 -2.27 5.71 5.13
CA ALA B 82 -3.02 4.71 5.95
C ALA B 82 -2.56 4.76 7.41
N ILE B 83 -3.45 4.53 8.33
CA ILE B 83 -3.05 4.56 9.76
C ILE B 83 -3.40 3.23 10.43
N MET B 84 -2.47 2.68 11.16
CA MET B 84 -2.74 1.39 11.85
C MET B 84 -2.21 1.46 13.27
N TYR B 85 -3.08 1.37 14.25
CA TYR B 85 -2.63 1.43 15.66
C TYR B 85 -1.33 0.64 15.81
N LYS B 86 -0.37 1.17 16.50
CA LYS B 86 0.92 0.43 16.66
C LYS B 86 0.61 -1.00 17.07
N ASN B 87 -0.34 -1.21 17.93
CA ASN B 87 -0.69 -2.59 18.33
C ASN B 87 -1.15 -3.36 17.09
N GLN B 88 -2.09 -2.82 16.36
CA GLN B 88 -2.55 -3.52 15.13
C GLN B 88 -1.37 -3.59 14.15
N PHE B 89 -0.48 -2.63 14.23
CA PHE B 89 0.69 -2.62 13.32
C PHE B 89 1.62 -3.80 13.67
N GLU B 90 1.83 -4.06 14.94
CA GLU B 90 2.72 -5.20 15.29
C GLU B 90 2.24 -6.41 14.51
N THR B 91 0.95 -6.59 14.46
CA THR B 91 0.38 -7.75 13.71
C THR B 91 0.82 -7.66 12.25
N PHE B 92 0.92 -6.47 11.72
CA PHE B 92 1.35 -6.31 10.30
C PHE B 92 2.83 -6.68 10.18
N ASP B 93 3.67 -6.06 10.96
CA ASP B 93 5.12 -6.37 10.88
C ASP B 93 5.33 -7.87 11.04
N SER B 94 4.71 -8.48 12.01
CA SER B 94 4.87 -9.94 12.20
C SER B 94 4.59 -10.66 10.88
N LYS B 95 3.59 -10.22 10.15
CA LYS B 95 3.28 -10.87 8.85
C LYS B 95 4.46 -10.69 7.90
N LEU B 96 5.08 -9.54 7.92
CA LEU B 96 6.23 -9.29 7.02
C LEU B 96 7.52 -9.86 7.64
N ARG B 97 7.61 -9.89 8.94
CA ARG B 97 8.85 -10.42 9.58
C ARG B 97 9.16 -11.82 9.06
N LYS B 98 8.18 -12.53 8.59
CA LYS B 98 8.46 -13.89 8.05
C LYS B 98 9.12 -13.77 6.69
N ILE B 99 8.88 -12.69 6.04
CA ILE B 99 9.49 -12.46 4.70
C ILE B 99 10.61 -11.45 4.83
N PHE B 100 10.73 -10.86 5.99
CA PHE B 100 11.79 -9.83 6.20
C PHE B 100 12.67 -10.19 7.41
N ASN B 101 12.26 -11.15 8.18
CA ASN B 101 13.06 -11.55 9.39
C ASN B 101 13.21 -10.36 10.35
N ASN B 102 12.53 -9.29 10.08
CA ASN B 102 12.61 -8.10 10.96
C ASN B 102 11.34 -7.25 10.81
N GLY B 103 11.30 -6.09 11.41
CA GLY B 103 10.09 -5.23 11.29
C GLY B 103 10.33 -4.17 10.23
N LEU B 104 9.29 -3.64 9.67
CA LEU B 104 9.46 -2.59 8.61
C LEU B 104 10.51 -1.58 9.08
N ARG B 105 10.57 -1.32 10.36
CA ARG B 105 11.57 -0.35 10.88
C ARG B 105 12.99 -0.83 10.57
N ASP B 106 13.26 -2.09 10.80
CA ASP B 106 14.62 -2.63 10.53
C ASP B 106 14.94 -2.53 9.03
N LEU B 107 13.92 -2.42 8.22
CA LEU B 107 14.17 -2.30 6.75
C LEU B 107 14.76 -0.92 6.43
N GLN B 108 14.44 0.05 7.24
CA GLN B 108 14.98 1.42 7.01
C GLN B 108 15.95 1.80 8.13
N ASN B 109 16.99 2.52 7.82
CA ASN B 109 17.98 2.90 8.87
C ASN B 109 17.67 4.31 9.38
N GLY B 110 16.54 4.86 9.01
CA GLY B 110 16.21 6.23 9.48
C GLY B 110 16.55 7.25 8.39
N ARG B 111 17.45 6.91 7.52
CA ARG B 111 17.83 7.84 6.42
C ARG B 111 17.65 7.17 5.06
N ASP B 112 18.71 6.71 4.48
CA ASP B 112 18.59 6.05 3.14
C ASP B 112 17.85 4.71 3.27
N GLU B 113 16.55 4.74 3.24
CA GLU B 113 15.77 3.47 3.36
C GLU B 113 15.02 3.18 2.06
N ASN B 114 14.43 4.18 1.47
CA ASN B 114 13.68 3.99 0.20
C ASN B 114 12.92 2.66 0.20
N LEU B 115 11.89 2.56 1.00
CA LEU B 115 11.10 1.29 1.04
C LEU B 115 10.08 1.28 -0.11
N SER B 116 10.54 1.38 -1.33
CA SER B 116 9.58 1.39 -2.48
C SER B 116 10.16 0.62 -3.67
N GLN B 117 11.14 -0.22 -3.44
CA GLN B 117 11.73 -1.00 -4.57
C GLN B 117 11.82 -2.49 -4.21
N TYR B 118 11.00 -2.93 -3.29
CA TYR B 118 11.03 -4.37 -2.88
C TYR B 118 9.82 -5.11 -3.45
N GLY B 119 8.87 -4.39 -4.00
CA GLY B 119 7.66 -5.06 -4.55
C GLY B 119 6.94 -5.80 -3.43
N ILE B 120 6.68 -5.13 -2.34
CA ILE B 120 5.99 -5.79 -1.19
C ILE B 120 4.55 -6.12 -1.58
N VAL B 121 3.78 -5.14 -1.97
CA VAL B 121 2.36 -5.40 -2.35
C VAL B 121 1.60 -6.02 -1.17
N CYS B 122 0.50 -5.42 -0.78
CA CYS B 122 -0.27 -5.97 0.38
C CYS B 122 -1.73 -5.52 0.31
N LYS B 123 -2.62 -6.31 0.84
CA LYS B 123 -4.06 -5.94 0.83
C LYS B 123 -4.53 -5.65 2.25
N MET B 124 -5.55 -4.84 2.42
CA MET B 124 -6.01 -4.53 3.82
C MET B 124 -7.44 -4.00 3.82
N ASN B 125 -8.21 -4.39 4.81
CA ASN B 125 -9.60 -3.88 4.91
C ASN B 125 -9.54 -2.51 5.58
N ILE B 126 -9.71 -1.47 4.82
CA ILE B 126 -9.63 -0.11 5.43
C ILE B 126 -11.01 0.54 5.50
N LYS B 127 -11.24 1.31 6.54
CA LYS B 127 -12.57 2.00 6.66
C LYS B 127 -12.42 3.42 6.12
N VAL B 128 -13.17 3.77 5.11
CA VAL B 128 -13.04 5.13 4.53
C VAL B 128 -14.03 6.11 5.16
N LYS B 129 -13.57 7.31 5.36
CA LYS B 129 -14.42 8.38 5.95
C LYS B 129 -13.97 9.72 5.38
N MET B 130 -14.62 10.80 5.71
CA MET B 130 -14.19 12.11 5.14
C MET B 130 -13.45 12.96 6.18
N TYR B 131 -12.16 12.77 6.30
CA TYR B 131 -11.37 13.58 7.27
C TYR B 131 -11.38 15.02 6.80
N ASN B 132 -12.03 15.89 7.53
CA ASN B 132 -12.08 17.31 7.09
C ASN B 132 -12.56 17.37 5.64
N GLY B 133 -13.21 16.34 5.17
CA GLY B 133 -13.71 16.32 3.77
C GLY B 133 -12.79 15.48 2.88
N LYS B 134 -11.69 15.02 3.42
CA LYS B 134 -10.75 14.21 2.60
C LYS B 134 -10.96 12.72 2.84
N LEU B 135 -10.45 11.90 1.96
CA LEU B 135 -10.63 10.42 2.12
C LEU B 135 -9.88 9.89 3.34
N ASN B 136 -10.58 9.69 4.44
CA ASN B 136 -9.94 9.13 5.66
C ASN B 136 -10.07 7.60 5.64
N ALA B 137 -9.01 6.90 5.36
CA ALA B 137 -9.12 5.41 5.30
C ALA B 137 -8.25 4.74 6.37
N ILE B 138 -8.85 4.22 7.40
CA ILE B 138 -8.06 3.53 8.46
C ILE B 138 -7.76 2.09 8.03
N VAL B 139 -6.90 1.41 8.72
CA VAL B 139 -6.59 0.01 8.32
C VAL B 139 -7.04 -0.98 9.40
N ARG B 140 -7.50 -2.13 9.00
CA ARG B 140 -7.95 -3.14 10.01
C ARG B 140 -7.17 -4.45 9.85
N GLU B 141 -6.64 -4.71 8.68
CA GLU B 141 -5.86 -5.97 8.49
C GLU B 141 -4.44 -5.67 8.01
N CYS B 142 -3.75 -6.66 7.53
CA CYS B 142 -2.35 -6.43 7.06
C CYS B 142 -1.74 -7.73 6.51
N GLU B 143 -2.15 -8.13 5.34
CA GLU B 143 -1.59 -9.39 4.75
C GLU B 143 -0.73 -9.05 3.52
N PRO B 144 0.45 -9.60 3.50
CA PRO B 144 1.38 -9.36 2.36
C PRO B 144 0.92 -10.10 1.10
N VAL B 145 1.40 -9.69 -0.05
CA VAL B 145 0.98 -10.37 -1.30
C VAL B 145 2.09 -10.25 -2.36
N PRO B 146 3.01 -11.19 -2.30
CA PRO B 146 4.14 -11.21 -3.26
C PRO B 146 3.71 -11.80 -4.60
N HIS B 147 3.79 -13.10 -4.74
CA HIS B 147 3.40 -13.74 -6.03
C HIS B 147 3.07 -15.23 -5.82
N SER B 148 3.77 -15.88 -4.93
CA SER B 148 3.49 -17.31 -4.69
C SER B 148 2.37 -17.47 -3.67
N GLN B 149 1.98 -16.41 -3.03
CA GLN B 149 0.88 -16.50 -2.02
C GLN B 149 -0.30 -15.61 -2.42
N ILE B 150 -0.13 -14.84 -3.47
CA ILE B 150 -1.22 -13.93 -3.91
C ILE B 150 -2.52 -14.72 -4.14
N SER B 151 -2.41 -15.85 -4.79
CA SER B 151 -3.62 -16.67 -5.06
C SER B 151 -4.04 -17.47 -3.82
N SER B 152 -3.40 -17.22 -2.71
CA SER B 152 -3.77 -17.96 -1.46
C SER B 152 -4.35 -16.97 -0.45
N ILE B 153 -4.18 -15.71 -0.71
CA ILE B 153 -4.71 -14.66 0.21
C ILE B 153 -5.86 -13.93 -0.46
N ALA B 154 -5.75 -13.68 -1.73
CA ALA B 154 -6.83 -12.97 -2.46
C ALA B 154 -7.70 -13.95 -3.24
N SER B 155 -8.99 -13.78 -3.20
CA SER B 155 -9.91 -14.70 -3.93
C SER B 155 -9.57 -14.68 -5.42
N PRO B 156 -10.36 -15.39 -6.20
CA PRO B 156 -10.13 -15.44 -7.66
C PRO B 156 -10.47 -14.09 -8.29
N SER B 157 -10.19 -13.91 -9.55
CA SER B 157 -10.49 -12.61 -10.21
C SER B 157 -9.52 -11.52 -9.71
N GLN B 158 -9.43 -11.35 -8.42
CA GLN B 158 -8.49 -10.32 -7.87
C GLN B 158 -7.10 -10.53 -8.46
N CYS B 159 -6.76 -11.74 -8.79
CA CYS B 159 -5.41 -12.01 -9.38
C CYS B 159 -5.25 -11.26 -10.70
N GLU B 160 -6.30 -11.16 -11.47
CA GLU B 160 -6.19 -10.42 -12.77
C GLU B 160 -6.02 -8.93 -12.49
N HIS B 161 -6.70 -8.43 -11.50
CA HIS B 161 -6.57 -6.98 -11.16
C HIS B 161 -5.13 -6.65 -10.80
N LEU B 162 -4.56 -7.42 -9.90
CA LEU B 162 -3.15 -7.17 -9.51
C LEU B 162 -2.24 -7.31 -10.72
N ARG B 163 -2.52 -8.24 -11.59
CA ARG B 163 -1.68 -8.43 -12.80
C ARG B 163 -1.58 -7.11 -13.57
N LEU B 164 -2.66 -6.38 -13.66
CA LEU B 164 -2.64 -5.09 -14.38
C LEU B 164 -1.82 -4.07 -13.59
N PHE B 165 -1.72 -4.23 -12.30
CA PHE B 165 -0.94 -3.27 -11.48
C PHE B 165 0.56 -3.48 -11.74
N TYR B 166 0.99 -4.71 -11.78
CA TYR B 166 2.45 -4.98 -12.03
C TYR B 166 2.88 -4.32 -13.34
N GLN B 167 2.18 -4.59 -14.41
CA GLN B 167 2.57 -3.98 -15.71
C GLN B 167 2.39 -2.46 -15.66
N ARG B 168 1.30 -2.00 -15.11
CA ARG B 168 1.07 -0.53 -15.02
C ARG B 168 2.08 0.11 -14.06
N ALA B 169 2.57 -0.66 -13.13
CA ALA B 169 3.56 -0.10 -12.15
C ALA B 169 4.97 -0.20 -12.73
N PHE B 170 5.31 -1.34 -13.29
CA PHE B 170 6.67 -1.50 -13.88
C PHE B 170 6.91 -0.42 -14.93
N LYS B 171 5.87 0.20 -15.43
CA LYS B 171 6.06 1.25 -16.46
C LYS B 171 6.05 2.65 -15.82
N ARG B 172 5.15 2.90 -14.92
CA ARG B 172 5.09 4.25 -14.27
C ARG B 172 6.12 4.36 -13.15
N ILE B 173 6.54 3.25 -12.60
CA ILE B 173 7.54 3.31 -11.49
C ILE B 173 8.77 4.12 -11.94
N GLY B 174 9.40 3.71 -13.01
CA GLY B 174 10.60 4.46 -13.48
C GLY B 174 11.64 3.47 -14.02
N GLU B 175 11.79 3.41 -15.32
CA GLU B 175 12.78 2.46 -15.91
C GLU B 175 14.14 2.63 -15.23
N SER B 176 14.45 3.82 -14.80
CA SER B 176 15.76 4.05 -14.13
C SER B 176 15.72 3.57 -12.68
N ALA B 177 14.62 3.76 -12.01
CA ALA B 177 14.52 3.30 -10.59
C ALA B 177 14.81 1.80 -10.51
N ILE B 178 14.43 1.06 -11.52
CA ILE B 178 14.68 -0.41 -11.51
C ILE B 178 16.18 -0.68 -11.30
N SER B 179 17.03 0.05 -11.97
CA SER B 179 18.49 -0.17 -11.80
C SER B 179 18.94 0.25 -10.40
N ARG B 180 18.32 1.25 -9.84
CA ARG B 180 18.69 1.70 -8.48
C ARG B 180 18.59 0.53 -7.51
N TYR B 181 17.67 -0.36 -7.73
CA TYR B 181 17.54 -1.54 -6.83
C TYR B 181 17.39 -2.78 -7.69
N PHE B 182 18.08 -2.80 -8.79
CA PHE B 182 17.98 -3.95 -9.72
C PHE B 182 18.08 -5.26 -8.94
N GLU B 183 19.12 -5.43 -8.18
CA GLU B 183 19.28 -6.68 -7.38
C GLU B 183 18.17 -6.76 -6.34
N GLU B 184 18.06 -5.77 -5.51
CA GLU B 184 17.00 -5.77 -4.46
C GLU B 184 15.63 -6.00 -5.10
N TYR B 185 15.47 -5.66 -6.35
CA TYR B 185 14.15 -5.85 -7.02
C TYR B 185 13.93 -7.32 -7.37
N ARG B 186 14.91 -7.95 -7.95
CA ARG B 186 14.76 -9.38 -8.33
C ARG B 186 14.66 -10.28 -7.11
N ARG B 187 14.87 -9.71 -5.95
CA ARG B 187 14.79 -10.47 -4.65
C ARG B 187 14.62 -11.98 -4.87
N PHE B 188 13.45 -12.41 -5.23
CA PHE B 188 13.23 -13.86 -5.47
C PHE B 188 13.32 -14.16 -6.98
N PHE B 189 12.41 -13.64 -7.75
CA PHE B 189 12.44 -13.89 -9.22
C PHE B 189 13.42 -12.93 -9.90
N PRO B 190 14.00 -13.40 -10.98
CA PRO B 190 14.97 -12.59 -11.74
C PRO B 190 14.25 -11.47 -12.51
N ILE B 191 14.99 -10.53 -13.03
CA ILE B 191 14.35 -9.42 -13.79
C ILE B 191 15.07 -9.19 -15.12
N LYS B 5 -20.70 -13.37 12.50
CA LYS B 5 -20.23 -12.09 13.08
C LYS B 5 -21.01 -10.91 12.49
N MET B 6 -21.07 -9.81 13.19
CA MET B 6 -21.81 -8.63 12.66
C MET B 6 -21.25 -8.23 11.30
N ALA B 7 -21.84 -7.25 10.66
CA ALA B 7 -21.33 -6.82 9.34
C ALA B 7 -21.35 -8.00 8.36
N ARG B 8 -22.22 -7.96 7.39
CA ARG B 8 -22.29 -9.08 6.41
C ARG B 8 -20.89 -9.42 5.87
N LYS B 9 -20.59 -8.99 4.68
CA LYS B 9 -19.26 -9.28 4.09
C LYS B 9 -18.54 -7.98 3.70
N ASP B 10 -17.73 -8.02 2.68
CA ASP B 10 -17.02 -6.79 2.24
C ASP B 10 -16.48 -6.98 0.82
N PRO B 11 -16.94 -6.15 -0.08
CA PRO B 11 -16.50 -6.23 -1.49
C PRO B 11 -15.07 -5.70 -1.63
N THR B 12 -14.59 -5.56 -2.84
CA THR B 12 -13.21 -5.05 -3.04
C THR B 12 -13.23 -3.89 -4.02
N ILE B 13 -12.64 -2.79 -3.67
CA ILE B 13 -12.61 -1.63 -4.60
C ILE B 13 -11.20 -1.04 -4.66
N GLU B 14 -11.06 0.14 -5.17
CA GLU B 14 -9.72 0.76 -5.25
C GLU B 14 -9.85 2.25 -5.53
N PHE B 15 -8.76 2.92 -5.70
CA PHE B 15 -8.82 4.38 -5.99
C PHE B 15 -9.88 4.63 -7.07
N CYS B 16 -10.18 3.64 -7.87
CA CYS B 16 -11.20 3.82 -8.95
C CYS B 16 -12.52 3.12 -8.60
N GLN B 17 -12.56 2.30 -7.59
CA GLN B 17 -13.84 1.60 -7.26
C GLN B 17 -14.35 2.00 -5.87
N LEU B 18 -13.91 3.12 -5.36
CA LEU B 18 -14.36 3.56 -4.01
C LEU B 18 -15.87 3.58 -3.90
N GLY B 19 -16.36 4.37 -2.98
CA GLY B 19 -17.85 4.45 -2.80
C GLY B 19 -18.24 5.39 -1.64
N LEU B 20 -17.29 5.81 -0.84
CA LEU B 20 -17.61 6.72 0.28
C LEU B 20 -18.50 7.87 -0.19
N ASP B 21 -18.82 8.74 0.72
CA ASP B 21 -19.65 9.92 0.37
C ASP B 21 -19.58 10.93 1.53
N THR B 22 -20.01 12.13 1.30
CA THR B 22 -19.93 13.15 2.39
C THR B 22 -20.33 12.56 3.73
N PHE B 23 -21.59 12.53 4.00
CA PHE B 23 -22.09 12.00 5.30
C PHE B 23 -21.84 10.50 5.41
N GLU B 24 -21.33 9.90 4.38
CA GLU B 24 -21.08 8.45 4.41
C GLU B 24 -20.03 8.08 5.43
N THR B 25 -19.43 6.96 5.16
CA THR B 25 -18.35 6.36 6.02
C THR B 25 -18.54 4.84 6.07
N LYS B 26 -17.65 4.08 5.50
CA LYS B 26 -17.82 2.60 5.55
C LYS B 26 -16.49 1.90 5.66
N TYR B 27 -16.50 0.63 5.39
CA TYR B 27 -15.24 -0.18 5.44
C TYR B 27 -15.05 -0.92 4.11
N ILE B 28 -13.88 -0.85 3.53
CA ILE B 28 -13.65 -1.56 2.24
C ILE B 28 -12.22 -2.07 2.14
N THR B 29 -11.97 -3.01 1.27
CA THR B 29 -10.59 -3.55 1.12
C THR B 29 -9.90 -2.94 -0.10
N MET B 30 -8.77 -2.31 0.11
CA MET B 30 -8.05 -1.69 -1.03
C MET B 30 -6.64 -2.27 -1.14
N PHE B 31 -6.20 -2.58 -2.33
CA PHE B 31 -4.84 -3.15 -2.49
C PHE B 31 -3.83 -2.01 -2.69
N GLY B 32 -2.61 -2.32 -3.00
CA GLY B 32 -1.60 -1.24 -3.23
C GLY B 32 -0.20 -1.72 -2.85
N MET B 33 0.80 -1.00 -3.27
CA MET B 33 2.20 -1.40 -2.95
C MET B 33 2.79 -0.42 -1.92
N LEU B 34 3.24 -0.93 -0.80
CA LEU B 34 3.82 -0.04 0.23
C LEU B 34 4.92 0.82 -0.39
N VAL B 35 4.88 2.10 -0.14
CA VAL B 35 5.94 3.00 -0.71
C VAL B 35 6.76 3.61 0.41
N SER B 36 6.16 3.83 1.55
CA SER B 36 6.91 4.43 2.68
C SER B 36 6.23 4.12 4.02
N CYS B 37 6.96 4.22 5.09
CA CYS B 37 6.37 3.94 6.43
C CYS B 37 7.09 4.78 7.49
N SER B 38 6.37 5.54 8.25
CA SER B 38 7.02 6.38 9.29
C SER B 38 6.45 6.04 10.67
N PHE B 39 7.31 5.92 11.65
CA PHE B 39 6.83 5.58 13.03
C PHE B 39 6.80 6.84 13.90
N ASP B 40 6.94 7.99 13.30
CA ASP B 40 6.92 9.24 14.09
C ASP B 40 5.48 9.60 14.51
N LYS B 41 4.56 9.56 13.59
CA LYS B 41 3.15 9.88 13.96
C LYS B 41 2.76 9.16 15.25
N PRO B 42 2.25 9.92 16.18
CA PRO B 42 1.85 9.36 17.50
C PRO B 42 0.59 8.50 17.39
N ALA B 43 -0.24 8.74 16.42
CA ALA B 43 -1.50 7.94 16.30
C ALA B 43 -1.26 6.64 15.53
N PHE B 44 -0.08 6.47 14.99
CA PHE B 44 0.23 5.22 14.23
C PHE B 44 1.51 5.40 13.42
N ILE B 45 1.73 4.56 12.44
CA ILE B 45 2.93 4.70 11.59
C ILE B 45 2.53 5.19 10.20
N SER B 46 2.78 6.44 9.90
CA SER B 46 2.40 6.99 8.57
C SER B 46 2.62 5.94 7.46
N PHE B 47 1.57 5.36 6.98
CA PHE B 47 1.72 4.32 5.91
C PHE B 47 1.22 4.87 4.57
N VAL B 48 1.95 4.62 3.51
CA VAL B 48 1.51 5.11 2.17
C VAL B 48 1.71 4.02 1.12
N PHE B 49 0.63 3.44 0.66
CA PHE B 49 0.73 2.38 -0.37
C PHE B 49 0.70 2.98 -1.78
N SER B 50 0.80 2.16 -2.78
CA SER B 50 0.77 2.70 -4.18
C SER B 50 -0.02 1.75 -5.09
N ASP B 51 -0.29 2.15 -6.30
CA ASP B 51 -1.06 1.26 -7.21
C ASP B 51 -1.13 1.87 -8.62
N PHE B 52 -2.14 1.53 -9.37
CA PHE B 52 -2.26 2.10 -10.75
C PHE B 52 -3.64 2.74 -10.96
N THR B 53 -4.62 2.33 -10.19
CA THR B 53 -5.99 2.92 -10.35
C THR B 53 -5.95 4.44 -10.22
N LYS B 54 -7.11 5.06 -10.18
CA LYS B 54 -7.15 6.55 -10.06
C LYS B 54 -8.05 6.95 -8.88
N ASN B 55 -7.47 7.53 -7.87
CA ASN B 55 -8.29 7.94 -6.68
C ASN B 55 -9.39 8.92 -7.11
N ASP B 56 -10.51 8.88 -6.45
CA ASP B 56 -11.62 9.81 -6.82
C ASP B 56 -11.91 10.75 -5.64
N ILE B 57 -11.46 10.39 -4.48
CA ILE B 57 -11.69 11.23 -3.29
C ILE B 57 -10.62 12.29 -3.17
N VAL B 58 -10.87 13.23 -2.35
CA VAL B 58 -9.91 14.35 -2.16
C VAL B 58 -8.89 14.01 -1.09
N GLN B 59 -9.29 13.23 -0.14
CA GLN B 59 -8.36 12.84 0.97
C GLN B 59 -7.47 14.02 1.36
N ASN B 60 -6.40 13.76 2.04
CA ASN B 60 -5.48 14.87 2.44
C ASN B 60 -4.22 14.82 1.57
N TYR B 61 -3.10 15.22 2.09
CA TYR B 61 -1.86 15.17 1.27
C TYR B 61 -1.05 13.92 1.60
N LEU B 62 -0.62 13.21 0.59
CA LEU B 62 0.18 11.97 0.84
C LEU B 62 1.56 12.33 1.35
N TYR B 63 2.43 12.68 0.46
CA TYR B 63 3.81 13.04 0.85
C TYR B 63 4.57 11.79 1.33
N ASP B 64 5.67 11.97 2.03
CA ASP B 64 6.44 10.79 2.53
C ASP B 64 6.41 9.66 1.50
N ARG B 65 6.66 9.97 0.27
CA ARG B 65 6.63 8.92 -0.78
C ARG B 65 7.23 9.47 -2.08
N TYR B 66 6.48 10.27 -2.79
CA TYR B 66 6.98 10.86 -4.06
C TYR B 66 7.82 9.84 -4.84
N LEU B 67 7.19 9.14 -5.77
CA LEU B 67 7.86 8.08 -6.59
C LEU B 67 9.40 8.18 -6.55
N ILE B 68 10.04 7.03 -6.44
CA ILE B 68 11.54 7.01 -6.39
C ILE B 68 12.15 8.09 -7.29
N ASP B 69 12.16 7.87 -8.57
CA ASP B 69 12.74 8.87 -9.53
C ASP B 69 12.55 10.30 -9.02
N TYR B 70 13.58 11.10 -9.07
CA TYR B 70 13.46 12.50 -8.59
C TYR B 70 12.95 13.38 -9.73
N GLU B 71 12.55 12.76 -10.80
CA GLU B 71 12.05 13.52 -11.97
C GLU B 71 10.52 13.49 -11.99
N ASN B 72 9.93 12.33 -11.96
CA ASN B 72 8.44 12.24 -11.97
C ASN B 72 7.94 11.95 -10.56
N LYS B 73 6.69 12.22 -10.31
CA LYS B 73 6.13 11.98 -8.95
C LYS B 73 4.60 11.88 -9.00
N LEU B 74 4.08 10.67 -9.03
CA LEU B 74 2.60 10.52 -9.08
C LEU B 74 1.94 11.41 -8.03
N GLU B 75 0.68 11.69 -8.18
CA GLU B 75 -0.03 12.56 -7.20
C GLU B 75 -0.83 11.72 -6.20
N LEU B 76 -1.48 12.36 -5.28
CA LEU B 76 -2.28 11.63 -4.28
C LEU B 76 -3.33 10.79 -5.01
N ASN B 77 -3.54 11.06 -6.28
CA ASN B 77 -4.54 10.28 -7.04
C ASN B 77 -4.06 8.84 -7.26
N GLU B 78 -2.85 8.55 -6.86
CA GLU B 78 -2.32 7.16 -7.03
C GLU B 78 -2.26 6.45 -5.67
N GLY B 79 -1.13 6.51 -5.01
CA GLY B 79 -1.02 5.83 -3.68
C GLY B 79 -1.90 6.57 -2.68
N PHE B 80 -1.92 6.15 -1.44
CA PHE B 80 -2.77 6.84 -0.44
C PHE B 80 -2.21 6.68 0.97
N LYS B 81 -2.64 7.49 1.90
CA LYS B 81 -2.11 7.40 3.29
C LYS B 81 -3.01 6.49 4.14
N ALA B 82 -2.47 5.39 4.61
CA ALA B 82 -3.29 4.47 5.44
C ALA B 82 -2.72 4.41 6.86
N ILE B 83 -3.55 4.16 7.84
CA ILE B 83 -3.05 4.10 9.25
C ILE B 83 -3.80 3.02 10.03
N MET B 84 -3.27 2.62 11.14
CA MET B 84 -3.95 1.58 11.96
C MET B 84 -3.28 1.48 13.34
N TYR B 85 -4.02 1.10 14.35
CA TYR B 85 -3.42 0.98 15.70
C TYR B 85 -2.06 0.27 15.58
N LYS B 86 -1.03 0.84 16.16
CA LYS B 86 0.31 0.20 16.06
C LYS B 86 0.23 -1.29 16.42
N ASN B 87 -0.47 -1.63 17.46
CA ASN B 87 -0.59 -3.08 17.81
C ASN B 87 -1.10 -3.85 16.59
N GLN B 88 -2.05 -3.29 15.88
CA GLN B 88 -2.56 -3.99 14.68
C GLN B 88 -1.48 -3.92 13.60
N PHE B 89 -0.61 -2.95 13.71
CA PHE B 89 0.48 -2.80 12.70
C PHE B 89 1.60 -3.81 13.00
N GLU B 90 1.96 -3.98 14.25
CA GLU B 90 3.04 -4.96 14.56
C GLU B 90 2.66 -6.30 13.94
N THR B 91 1.40 -6.64 14.02
CA THR B 91 0.93 -7.93 13.44
C THR B 91 1.37 -8.03 11.98
N PHE B 92 1.29 -6.96 11.24
CA PHE B 92 1.70 -7.01 9.81
C PHE B 92 3.24 -7.04 9.73
N ASP B 93 3.89 -6.56 10.76
CA ASP B 93 5.39 -6.57 10.75
C ASP B 93 5.89 -7.97 11.05
N SER B 94 5.47 -8.54 12.14
CA SER B 94 5.94 -9.92 12.47
C SER B 94 5.70 -10.79 11.24
N LYS B 95 4.59 -10.59 10.57
CA LYS B 95 4.31 -11.37 9.34
C LYS B 95 5.42 -11.08 8.33
N LEU B 96 5.62 -9.83 8.06
CA LEU B 96 6.67 -9.42 7.10
C LEU B 96 8.04 -9.94 7.56
N ARG B 97 8.29 -9.94 8.86
CA ARG B 97 9.60 -10.44 9.33
C ARG B 97 9.89 -11.82 8.74
N LYS B 98 8.86 -12.55 8.39
CA LYS B 98 9.08 -13.90 7.81
C LYS B 98 9.46 -13.80 6.34
N ILE B 99 9.22 -12.67 5.76
CA ILE B 99 9.57 -12.47 4.33
C ILE B 99 10.82 -11.58 4.26
N PHE B 100 11.20 -11.02 5.37
CA PHE B 100 12.40 -10.14 5.38
C PHE B 100 13.32 -10.49 6.55
N ASN B 101 12.95 -11.45 7.35
CA ASN B 101 13.79 -11.86 8.51
C ASN B 101 14.05 -10.67 9.45
N ASN B 102 13.36 -9.59 9.25
CA ASN B 102 13.55 -8.40 10.13
C ASN B 102 12.26 -7.59 10.19
N GLY B 103 12.25 -6.51 10.93
CA GLY B 103 11.01 -5.68 11.02
C GLY B 103 11.09 -4.51 10.05
N LEU B 104 9.99 -3.86 9.81
CA LEU B 104 10.00 -2.70 8.87
C LEU B 104 11.12 -1.73 9.27
N ARG B 105 11.39 -1.64 10.54
CA ARG B 105 12.47 -0.72 11.00
C ARG B 105 13.82 -1.14 10.40
N ASP B 106 14.05 -2.41 10.28
CA ASP B 106 15.34 -2.88 9.72
C ASP B 106 15.38 -2.57 8.22
N LEU B 107 14.23 -2.44 7.61
CA LEU B 107 14.19 -2.12 6.16
C LEU B 107 14.95 -0.81 5.89
N GLN B 108 14.70 0.19 6.68
CA GLN B 108 15.39 1.49 6.49
C GLN B 108 16.42 1.69 7.61
N ASN B 109 17.59 2.16 7.28
CA ASN B 109 18.63 2.38 8.31
C ASN B 109 19.61 3.47 7.88
N GLY B 110 19.25 4.25 6.90
CA GLY B 110 20.17 5.32 6.44
C GLY B 110 20.39 5.19 4.93
N ARG B 111 19.41 5.52 4.14
CA ARG B 111 19.57 5.41 2.66
C ARG B 111 18.99 6.65 1.99
N ASP B 112 17.80 6.56 1.48
CA ASP B 112 17.17 7.73 0.80
C ASP B 112 15.66 7.73 1.01
N GLU B 113 15.21 7.26 2.14
CA GLU B 113 13.74 7.24 2.40
C GLU B 113 13.01 6.45 1.30
N ASN B 114 11.70 6.50 1.28
CA ASN B 114 10.94 5.77 0.24
C ASN B 114 11.52 4.37 0.04
N LEU B 115 11.00 3.40 0.75
CA LEU B 115 11.52 2.00 0.60
C LEU B 115 11.23 1.48 -0.81
N SER B 116 10.01 1.08 -1.07
CA SER B 116 9.67 0.56 -2.43
C SER B 116 10.78 -0.35 -2.94
N GLN B 117 10.95 -1.51 -2.36
CA GLN B 117 12.02 -2.43 -2.82
C GLN B 117 11.45 -3.41 -3.85
N TYR B 118 10.67 -4.36 -3.42
CA TYR B 118 10.09 -5.35 -4.37
C TYR B 118 8.59 -5.08 -4.56
N GLY B 119 8.07 -4.09 -3.90
CA GLY B 119 6.61 -3.78 -4.04
C GLY B 119 5.89 -4.08 -2.72
N ILE B 120 6.10 -5.24 -2.17
CA ILE B 120 5.43 -5.59 -0.89
C ILE B 120 3.91 -5.52 -1.04
N VAL B 121 3.38 -6.01 -2.13
CA VAL B 121 1.90 -5.98 -2.33
C VAL B 121 1.20 -6.36 -1.02
N CYS B 122 0.11 -5.73 -0.71
CA CYS B 122 -0.60 -6.08 0.56
C CYS B 122 -2.07 -5.67 0.51
N LYS B 123 -2.96 -6.56 0.89
CA LYS B 123 -4.41 -6.21 0.87
C LYS B 123 -4.81 -5.69 2.26
N MET B 124 -5.90 -4.99 2.37
CA MET B 124 -6.29 -4.48 3.73
C MET B 124 -7.67 -3.87 3.73
N ASN B 125 -8.36 -4.01 4.82
CA ASN B 125 -9.72 -3.40 4.93
C ASN B 125 -9.57 -2.03 5.57
N ILE B 126 -9.88 -1.01 4.85
CA ILE B 126 -9.72 0.37 5.41
C ILE B 126 -11.07 1.01 5.72
N LYS B 127 -11.14 1.70 6.83
CA LYS B 127 -12.40 2.40 7.19
C LYS B 127 -12.29 3.85 6.77
N VAL B 128 -12.94 4.21 5.68
CA VAL B 128 -12.84 5.61 5.19
C VAL B 128 -14.05 6.44 5.61
N LYS B 129 -13.81 7.65 6.01
CA LYS B 129 -14.94 8.55 6.42
C LYS B 129 -14.63 9.98 5.94
N MET B 130 -15.58 10.88 6.03
CA MET B 130 -15.32 12.26 5.55
C MET B 130 -14.84 13.17 6.67
N TYR B 131 -13.81 13.93 6.41
CA TYR B 131 -13.27 14.86 7.44
C TYR B 131 -13.74 16.28 7.13
N ASN B 132 -15.01 16.54 7.23
CA ASN B 132 -15.51 17.91 6.92
C ASN B 132 -15.34 18.19 5.43
N GLY B 133 -14.96 17.19 4.67
CA GLY B 133 -14.77 17.41 3.20
C GLY B 133 -13.64 16.53 2.66
N LYS B 134 -12.91 15.85 3.51
CA LYS B 134 -11.80 14.99 3.04
C LYS B 134 -12.04 13.54 3.42
N LEU B 135 -11.02 12.73 3.43
CA LEU B 135 -11.26 11.31 3.80
C LEU B 135 -10.22 10.77 4.80
N ASN B 136 -10.68 10.18 5.87
CA ASN B 136 -9.76 9.57 6.86
C ASN B 136 -9.60 8.09 6.52
N ALA B 137 -8.44 7.67 6.10
CA ALA B 137 -8.27 6.23 5.72
C ALA B 137 -7.52 5.45 6.81
N ILE B 138 -8.18 4.49 7.41
CA ILE B 138 -7.50 3.66 8.44
C ILE B 138 -7.44 2.20 7.94
N VAL B 139 -6.90 1.30 8.70
CA VAL B 139 -6.82 -0.11 8.23
C VAL B 139 -7.27 -1.08 9.31
N ARG B 140 -8.13 -2.00 8.97
CA ARG B 140 -8.61 -3.00 9.97
C ARG B 140 -7.73 -4.25 9.93
N GLU B 141 -7.20 -4.57 8.79
CA GLU B 141 -6.32 -5.78 8.70
C GLU B 141 -5.00 -5.42 8.03
N CYS B 142 -4.29 -6.39 7.53
CA CYS B 142 -2.98 -6.11 6.87
C CYS B 142 -2.26 -7.42 6.53
N GLU B 143 -2.12 -7.72 5.26
CA GLU B 143 -1.44 -8.98 4.88
C GLU B 143 -0.48 -8.73 3.70
N PRO B 144 0.75 -9.14 3.89
CA PRO B 144 1.78 -8.96 2.82
C PRO B 144 1.47 -9.91 1.66
N VAL B 145 1.84 -9.54 0.46
CA VAL B 145 1.56 -10.43 -0.70
C VAL B 145 2.80 -10.60 -1.58
N PRO B 146 3.29 -11.81 -1.61
CA PRO B 146 4.49 -12.14 -2.41
C PRO B 146 4.12 -12.18 -3.90
N HIS B 147 4.91 -12.84 -4.70
CA HIS B 147 4.59 -12.91 -6.15
C HIS B 147 4.49 -14.38 -6.59
N SER B 148 4.60 -15.30 -5.68
CA SER B 148 4.51 -16.74 -6.05
C SER B 148 3.21 -17.34 -5.50
N GLN B 149 2.60 -16.69 -4.54
CA GLN B 149 1.34 -17.22 -3.98
C GLN B 149 0.21 -16.21 -4.16
N ILE B 150 0.48 -15.11 -4.80
CA ILE B 150 -0.57 -14.07 -5.00
C ILE B 150 -1.82 -14.69 -5.62
N SER B 151 -1.66 -15.50 -6.64
CA SER B 151 -2.84 -16.13 -7.28
C SER B 151 -3.36 -17.30 -6.44
N SER B 152 -3.70 -17.01 -5.21
CA SER B 152 -4.22 -18.07 -4.31
C SER B 152 -4.81 -17.37 -3.07
N ILE B 153 -4.13 -16.35 -2.63
CA ILE B 153 -4.60 -15.57 -1.47
C ILE B 153 -5.38 -14.34 -1.95
N ALA B 154 -5.12 -13.92 -3.17
CA ALA B 154 -5.84 -12.73 -3.70
C ALA B 154 -6.97 -13.16 -4.64
N SER B 155 -7.35 -14.40 -4.59
CA SER B 155 -8.45 -14.89 -5.47
C SER B 155 -8.09 -14.63 -6.94
N PRO B 156 -8.78 -15.33 -7.81
CA PRO B 156 -8.54 -15.17 -9.26
C PRO B 156 -9.16 -13.88 -9.78
N SER B 157 -8.87 -12.78 -9.15
CA SER B 157 -9.46 -11.48 -9.60
C SER B 157 -8.49 -10.33 -9.32
N GLN B 158 -8.29 -10.02 -8.07
CA GLN B 158 -7.35 -8.89 -7.73
C GLN B 158 -5.97 -9.16 -8.34
N CYS B 159 -5.61 -10.41 -8.51
CA CYS B 159 -4.29 -10.73 -9.10
C CYS B 159 -4.16 -10.10 -10.49
N GLU B 160 -5.20 -10.12 -11.26
CA GLU B 160 -5.12 -9.52 -12.63
C GLU B 160 -4.77 -8.03 -12.52
N HIS B 161 -5.55 -7.29 -11.79
CA HIS B 161 -5.26 -5.83 -11.64
C HIS B 161 -3.82 -5.66 -11.15
N LEU B 162 -3.36 -6.56 -10.32
CA LEU B 162 -1.96 -6.46 -9.82
C LEU B 162 -0.99 -6.92 -10.89
N ARG B 163 -1.25 -8.03 -11.51
CA ARG B 163 -0.34 -8.54 -12.57
C ARG B 163 -0.16 -7.46 -13.65
N LEU B 164 -1.24 -6.93 -14.16
CA LEU B 164 -1.13 -5.89 -15.21
C LEU B 164 -0.35 -4.68 -14.67
N PHE B 165 -0.47 -4.41 -13.39
CA PHE B 165 0.27 -3.25 -12.81
C PHE B 165 1.77 -3.46 -13.03
N TYR B 166 2.24 -4.67 -12.85
CA TYR B 166 3.69 -4.94 -13.04
C TYR B 166 4.09 -4.59 -14.47
N GLN B 167 3.32 -5.03 -15.43
CA GLN B 167 3.65 -4.72 -16.86
C GLN B 167 3.82 -3.21 -17.04
N ARG B 168 2.96 -2.43 -16.48
CA ARG B 168 3.07 -0.94 -16.63
C ARG B 168 4.20 -0.40 -15.76
N ALA B 169 4.30 -0.86 -14.54
CA ALA B 169 5.39 -0.37 -13.64
C ALA B 169 6.76 -0.77 -14.19
N PHE B 170 6.83 -1.87 -14.89
CA PHE B 170 8.14 -2.30 -15.45
C PHE B 170 8.67 -1.27 -16.45
N LYS B 171 7.81 -0.42 -16.94
CA LYS B 171 8.27 0.60 -17.92
C LYS B 171 7.92 2.02 -17.42
N ARG B 172 6.93 2.12 -16.58
CA ARG B 172 6.54 3.46 -16.05
C ARG B 172 7.38 3.81 -14.82
N ILE B 173 7.78 2.84 -14.05
CA ILE B 173 8.59 3.12 -12.84
C ILE B 173 9.86 3.90 -13.22
N GLY B 174 10.62 3.39 -14.14
CA GLY B 174 11.87 4.10 -14.56
C GLY B 174 13.07 3.18 -14.35
N GLU B 175 13.74 2.82 -15.41
CA GLU B 175 14.93 1.91 -15.28
C GLU B 175 15.81 2.37 -14.11
N SER B 176 15.76 3.64 -13.78
CA SER B 176 16.60 4.14 -12.66
C SER B 176 16.15 3.51 -11.33
N ALA B 177 14.89 3.63 -11.01
CA ALA B 177 14.39 3.04 -9.74
C ALA B 177 14.79 1.57 -9.64
N ILE B 178 14.55 0.80 -10.67
CA ILE B 178 14.92 -0.65 -10.62
C ILE B 178 16.40 -0.80 -10.24
N SER B 179 17.22 0.15 -10.62
CA SER B 179 18.66 0.04 -10.28
C SER B 179 18.87 0.38 -8.79
N ARG B 180 18.06 1.25 -8.25
CA ARG B 180 18.19 1.61 -6.82
C ARG B 180 17.94 0.38 -5.95
N TYR B 181 17.09 -0.51 -6.39
CA TYR B 181 16.81 -1.74 -5.61
C TYR B 181 16.99 -2.91 -6.56
N PHE B 182 17.82 -2.74 -7.54
CA PHE B 182 18.04 -3.81 -8.53
C PHE B 182 18.23 -5.15 -7.83
N GLU B 183 19.13 -5.19 -6.89
CA GLU B 183 19.39 -6.47 -6.15
C GLU B 183 18.19 -6.79 -5.26
N GLU B 184 17.63 -5.79 -4.65
CA GLU B 184 16.45 -6.01 -3.75
C GLU B 184 15.24 -6.43 -4.58
N TYR B 185 15.20 -6.08 -5.84
CA TYR B 185 14.03 -6.45 -6.68
C TYR B 185 14.11 -7.91 -7.14
N ARG B 186 15.28 -8.37 -7.51
CA ARG B 186 15.40 -9.77 -7.97
C ARG B 186 15.21 -10.74 -6.80
N ARG B 187 15.12 -10.22 -5.61
CA ARG B 187 14.93 -11.10 -4.42
C ARG B 187 13.96 -12.24 -4.73
N PHE B 188 14.45 -13.43 -4.85
CA PHE B 188 13.56 -14.59 -5.14
C PHE B 188 12.68 -14.29 -6.37
N PHE B 189 13.25 -13.70 -7.39
CA PHE B 189 12.45 -13.39 -8.61
C PHE B 189 13.34 -12.74 -9.67
N PRO B 190 13.18 -13.20 -10.88
CA PRO B 190 13.97 -12.65 -12.01
C PRO B 190 13.45 -11.28 -12.42
N ILE B 191 14.32 -10.33 -12.61
CA ILE B 191 13.86 -8.97 -13.02
C ILE B 191 13.60 -8.92 -14.52
N LYS B 5 -23.61 -11.89 14.25
CA LYS B 5 -22.79 -12.26 13.05
C LYS B 5 -23.08 -11.30 11.89
N MET B 6 -22.10 -10.53 11.49
CA MET B 6 -22.32 -9.57 10.36
C MET B 6 -22.40 -10.33 9.04
N ALA B 7 -22.81 -9.67 7.99
CA ALA B 7 -22.90 -10.36 6.67
C ALA B 7 -22.88 -9.35 5.53
N ARG B 8 -22.79 -9.81 4.31
CA ARG B 8 -22.77 -8.88 3.15
C ARG B 8 -21.76 -7.74 3.41
N LYS B 9 -21.97 -6.62 2.78
CA LYS B 9 -21.03 -5.48 2.97
C LYS B 9 -19.59 -5.93 2.77
N ASP B 10 -18.64 -5.06 3.01
CA ASP B 10 -17.21 -5.43 2.82
C ASP B 10 -16.92 -5.72 1.35
N PRO B 11 -17.38 -4.85 0.50
CA PRO B 11 -17.17 -5.02 -0.97
C PRO B 11 -15.72 -4.71 -1.33
N THR B 12 -15.42 -4.63 -2.59
CA THR B 12 -14.02 -4.32 -3.01
C THR B 12 -14.02 -3.27 -4.13
N ILE B 13 -13.16 -2.31 -4.06
CA ILE B 13 -13.10 -1.26 -5.11
C ILE B 13 -11.67 -0.78 -5.27
N GLU B 14 -11.47 0.38 -5.83
CA GLU B 14 -10.08 0.89 -5.99
C GLU B 14 -10.08 2.30 -6.56
N PHE B 15 -10.15 3.29 -5.72
CA PHE B 15 -10.14 4.69 -6.21
C PHE B 15 -11.28 4.88 -7.24
N CYS B 16 -11.04 4.56 -8.47
CA CYS B 16 -12.11 4.70 -9.49
C CYS B 16 -13.35 3.91 -9.08
N GLN B 17 -13.17 2.88 -8.28
CA GLN B 17 -14.34 2.07 -7.85
C GLN B 17 -14.79 2.47 -6.44
N LEU B 18 -14.34 3.58 -5.94
CA LEU B 18 -14.74 4.04 -4.58
C LEU B 18 -16.25 4.06 -4.40
N GLY B 19 -16.70 4.86 -3.48
CA GLY B 19 -18.16 4.98 -3.23
C GLY B 19 -18.44 5.92 -2.06
N LEU B 20 -17.48 6.08 -1.19
CA LEU B 20 -17.65 6.98 -0.03
C LEU B 20 -18.29 8.31 -0.44
N ASP B 21 -18.53 9.14 0.51
CA ASP B 21 -19.13 10.48 0.21
C ASP B 21 -18.96 11.40 1.42
N THR B 22 -19.90 12.26 1.69
CA THR B 22 -19.76 13.16 2.86
C THR B 22 -20.47 12.57 4.06
N PHE B 23 -21.67 12.15 3.85
CA PHE B 23 -22.45 11.53 4.96
C PHE B 23 -22.15 10.04 5.03
N GLU B 24 -21.42 9.55 4.08
CA GLU B 24 -21.08 8.14 4.05
C GLU B 24 -19.95 7.82 5.02
N THR B 25 -19.33 6.70 4.79
CA THR B 25 -18.20 6.17 5.63
C THR B 25 -18.36 4.65 5.71
N LYS B 26 -17.44 3.89 5.20
CA LYS B 26 -17.61 2.41 5.26
C LYS B 26 -16.27 1.68 5.26
N TYR B 27 -16.29 0.45 4.83
CA TYR B 27 -15.04 -0.37 4.80
C TYR B 27 -14.78 -0.84 3.37
N ILE B 28 -13.59 -0.71 2.89
CA ILE B 28 -13.30 -1.15 1.50
C ILE B 28 -11.91 -1.76 1.40
N THR B 29 -11.74 -2.75 0.55
CA THR B 29 -10.41 -3.39 0.39
C THR B 29 -9.64 -2.77 -0.77
N MET B 30 -8.46 -2.30 -0.53
CA MET B 30 -7.66 -1.69 -1.64
C MET B 30 -6.28 -2.38 -1.72
N PHE B 31 -5.84 -2.70 -2.90
CA PHE B 31 -4.51 -3.36 -3.04
C PHE B 31 -3.47 -2.34 -3.53
N GLY B 32 -2.22 -2.54 -3.19
CA GLY B 32 -1.18 -1.57 -3.65
C GLY B 32 0.18 -1.95 -3.05
N MET B 33 1.24 -1.40 -3.57
CA MET B 33 2.61 -1.72 -3.05
C MET B 33 3.02 -0.69 -2.00
N LEU B 34 3.71 -1.11 -0.97
CA LEU B 34 4.15 -0.15 0.07
C LEU B 34 4.98 0.97 -0.55
N VAL B 35 4.55 2.18 -0.39
CA VAL B 35 5.32 3.32 -0.97
C VAL B 35 6.20 3.94 0.11
N SER B 36 5.70 4.00 1.32
CA SER B 36 6.51 4.58 2.42
C SER B 36 5.73 4.54 3.73
N CYS B 37 6.40 4.30 4.82
CA CYS B 37 5.70 4.23 6.13
C CYS B 37 6.17 5.37 7.03
N SER B 38 5.28 6.20 7.50
CA SER B 38 5.70 7.32 8.39
C SER B 38 5.87 6.84 9.83
N PHE B 39 7.09 6.58 10.23
CA PHE B 39 7.33 6.10 11.62
C PHE B 39 7.67 7.28 12.53
N ASP B 40 7.21 8.45 12.19
CA ASP B 40 7.51 9.64 13.04
C ASP B 40 6.23 10.20 13.66
N LYS B 41 5.11 9.58 13.41
CA LYS B 41 3.83 10.09 13.98
C LYS B 41 3.53 9.41 15.32
N PRO B 42 3.29 10.23 16.31
CA PRO B 42 2.99 9.74 17.68
C PRO B 42 1.63 9.04 17.75
N ALA B 43 0.86 9.06 16.70
CA ALA B 43 -0.48 8.40 16.75
C ALA B 43 -0.44 7.03 16.08
N PHE B 44 0.47 6.84 15.17
CA PHE B 44 0.55 5.52 14.47
C PHE B 44 1.62 5.56 13.38
N ILE B 45 1.61 4.58 12.51
CA ILE B 45 2.60 4.56 11.39
C ILE B 45 1.86 4.73 10.07
N SER B 46 1.91 5.89 9.50
CA SER B 46 1.20 6.12 8.20
C SER B 46 1.70 5.15 7.13
N PHE B 47 0.81 4.47 6.46
CA PHE B 47 1.23 3.51 5.40
C PHE B 47 0.68 3.97 4.04
N VAL B 48 1.48 4.59 3.23
CA VAL B 48 1.00 5.04 1.90
C VAL B 48 1.24 3.95 0.87
N PHE B 49 0.18 3.41 0.32
CA PHE B 49 0.32 2.32 -0.70
C PHE B 49 0.21 2.88 -2.10
N SER B 50 0.32 2.03 -3.09
CA SER B 50 0.21 2.51 -4.50
C SER B 50 -0.52 1.49 -5.37
N ASP B 51 -1.51 1.92 -6.11
CA ASP B 51 -2.27 0.98 -6.97
C ASP B 51 -2.37 1.55 -8.40
N PHE B 52 -3.39 1.17 -9.14
CA PHE B 52 -3.54 1.71 -10.52
C PHE B 52 -4.98 2.12 -10.77
N THR B 53 -5.27 3.39 -10.69
CA THR B 53 -6.66 3.87 -10.92
C THR B 53 -6.73 5.40 -10.79
N LYS B 54 -7.90 5.95 -10.73
CA LYS B 54 -8.01 7.43 -10.60
C LYS B 54 -8.89 7.80 -9.38
N ASN B 55 -8.28 8.25 -8.32
CA ASN B 55 -9.06 8.61 -7.10
C ASN B 55 -10.10 9.70 -7.42
N ASP B 56 -11.18 9.72 -6.70
CA ASP B 56 -12.23 10.75 -6.94
C ASP B 56 -12.54 11.51 -5.65
N ILE B 57 -12.01 11.04 -4.55
CA ILE B 57 -12.26 11.70 -3.25
C ILE B 57 -11.39 12.95 -3.11
N VAL B 58 -11.64 13.70 -2.09
CA VAL B 58 -10.87 14.96 -1.88
C VAL B 58 -9.57 14.68 -1.13
N GLN B 59 -9.59 13.70 -0.29
CA GLN B 59 -8.38 13.32 0.49
C GLN B 59 -7.52 14.56 0.82
N ASN B 60 -6.24 14.37 0.99
CA ASN B 60 -5.34 15.51 1.31
C ASN B 60 -3.91 15.19 0.86
N TYR B 61 -2.94 15.88 1.42
CA TYR B 61 -1.52 15.60 1.02
C TYR B 61 -1.17 14.13 1.30
N LEU B 62 -1.44 13.26 0.36
CA LEU B 62 -1.12 11.82 0.57
C LEU B 62 0.33 11.69 1.05
N TYR B 63 1.11 12.67 0.75
CA TYR B 63 2.54 12.66 1.18
C TYR B 63 3.14 11.27 0.96
N ASP B 64 4.17 10.93 1.70
CA ASP B 64 4.81 9.59 1.51
C ASP B 64 4.88 9.24 0.03
N ARG B 65 4.93 10.23 -0.82
CA ARG B 65 4.98 9.95 -2.28
C ARG B 65 6.41 10.06 -2.79
N TYR B 66 7.24 10.80 -2.10
CA TYR B 66 8.66 10.93 -2.56
C TYR B 66 9.38 9.59 -2.50
N LEU B 67 9.03 8.70 -3.38
CA LEU B 67 9.68 7.36 -3.40
C LEU B 67 11.04 7.44 -4.10
N ILE B 68 11.44 6.41 -4.79
CA ILE B 68 12.78 6.44 -5.46
C ILE B 68 12.92 7.69 -6.33
N ASP B 69 12.59 7.61 -7.60
CA ASP B 69 12.73 8.79 -8.50
C ASP B 69 12.03 10.02 -7.92
N TYR B 70 12.67 11.16 -7.99
CA TYR B 70 12.04 12.41 -7.47
C TYR B 70 11.30 13.12 -8.59
N GLU B 71 11.21 12.48 -9.72
CA GLU B 71 10.52 13.09 -10.88
C GLU B 71 9.10 12.53 -11.00
N ASN B 72 8.97 11.25 -11.19
CA ASN B 72 7.60 10.66 -11.31
C ASN B 72 6.77 11.05 -10.10
N LYS B 73 7.42 11.36 -9.02
CA LYS B 73 6.72 11.77 -7.76
C LYS B 73 5.31 11.16 -7.69
N LEU B 74 5.15 10.07 -6.99
CA LEU B 74 3.80 9.46 -6.89
C LEU B 74 2.76 10.54 -6.63
N GLU B 75 1.73 10.59 -7.43
CA GLU B 75 0.69 11.64 -7.24
C GLU B 75 -0.25 11.27 -6.10
N LEU B 76 -1.06 12.19 -5.68
CA LEU B 76 -2.03 11.91 -4.59
C LEU B 76 -3.31 11.38 -5.21
N ASN B 77 -3.28 11.06 -6.48
CA ASN B 77 -4.50 10.54 -7.16
C ASN B 77 -4.32 9.07 -7.53
N GLU B 78 -3.50 8.35 -6.81
CA GLU B 78 -3.30 6.91 -7.14
C GLU B 78 -3.08 6.09 -5.87
N GLY B 79 -2.05 6.39 -5.12
CA GLY B 79 -1.79 5.62 -3.87
C GLY B 79 -2.75 6.09 -2.77
N PHE B 80 -2.57 5.59 -1.58
CA PHE B 80 -3.47 6.01 -0.46
C PHE B 80 -2.80 5.73 0.88
N LYS B 81 -3.22 6.38 1.92
CA LYS B 81 -2.61 6.16 3.25
C LYS B 81 -3.51 5.27 4.11
N ALA B 82 -2.95 4.61 5.10
CA ALA B 82 -3.76 3.72 5.97
C ALA B 82 -3.06 3.54 7.31
N ILE B 83 -3.70 3.87 8.40
CA ILE B 83 -3.05 3.72 9.72
C ILE B 83 -3.60 2.52 10.48
N MET B 84 -2.81 1.97 11.35
CA MET B 84 -3.26 0.81 12.18
C MET B 84 -2.60 0.92 13.55
N TYR B 85 -3.36 0.78 14.60
CA TYR B 85 -2.78 0.89 15.96
C TYR B 85 -1.40 0.24 15.99
N LYS B 86 -0.44 0.88 16.61
CA LYS B 86 0.94 0.29 16.65
C LYS B 86 0.86 -1.18 17.05
N ASN B 87 0.08 -1.54 18.02
CA ASN B 87 -0.02 -2.98 18.38
C ASN B 87 -0.44 -3.77 17.14
N GLN B 88 -1.27 -3.20 16.33
CA GLN B 88 -1.69 -3.90 15.08
C GLN B 88 -0.54 -3.84 14.08
N PHE B 89 0.30 -2.85 14.21
CA PHE B 89 1.45 -2.74 13.28
C PHE B 89 2.51 -3.76 13.70
N GLU B 90 2.72 -3.94 14.98
CA GLU B 90 3.72 -4.94 15.43
C GLU B 90 3.30 -6.28 14.84
N THR B 91 2.03 -6.54 14.88
CA THR B 91 1.50 -7.81 14.32
C THR B 91 1.80 -7.88 12.83
N PHE B 92 1.50 -6.83 12.11
CA PHE B 92 1.78 -6.82 10.65
C PHE B 92 3.29 -6.88 10.43
N ASP B 93 4.05 -6.30 11.32
CA ASP B 93 5.53 -6.33 11.18
C ASP B 93 6.07 -7.70 11.57
N SER B 94 5.50 -8.31 12.57
CA SER B 94 5.98 -9.66 13.00
C SER B 94 6.04 -10.59 11.80
N LYS B 95 4.95 -10.75 11.09
CA LYS B 95 5.00 -11.65 9.91
C LYS B 95 6.01 -11.07 8.93
N LEU B 96 6.11 -9.77 8.89
CA LEU B 96 7.07 -9.10 8.00
C LEU B 96 8.51 -9.45 8.40
N ARG B 97 8.83 -9.39 9.66
CA ARG B 97 10.22 -9.73 10.08
C ARG B 97 10.61 -11.09 9.50
N LYS B 98 9.64 -11.95 9.30
CA LYS B 98 9.95 -13.30 8.75
C LYS B 98 10.13 -13.22 7.24
N ILE B 99 9.76 -12.13 6.65
CA ILE B 99 9.93 -11.98 5.18
C ILE B 99 11.28 -11.32 4.90
N PHE B 100 11.85 -10.70 5.89
CA PHE B 100 13.16 -10.03 5.70
C PHE B 100 14.12 -10.40 6.83
N ASN B 101 14.09 -9.67 7.92
CA ASN B 101 15.02 -9.99 9.05
C ASN B 101 14.84 -9.03 10.26
N ASN B 102 13.94 -8.11 10.18
CA ASN B 102 13.74 -7.17 11.32
C ASN B 102 12.37 -6.47 11.20
N GLY B 103 12.23 -5.32 11.78
CA GLY B 103 10.91 -4.61 11.69
C GLY B 103 11.03 -3.48 10.67
N LEU B 104 9.91 -2.98 10.20
CA LEU B 104 9.96 -1.87 9.20
C LEU B 104 10.99 -0.83 9.66
N ARG B 105 11.08 -0.60 10.93
CA ARG B 105 12.07 0.40 11.45
C ARG B 105 13.48 0.04 10.97
N ASP B 106 13.82 -1.21 10.99
CA ASP B 106 15.18 -1.62 10.53
C ASP B 106 15.27 -1.53 9.01
N LEU B 107 14.15 -1.44 8.35
CA LEU B 107 14.17 -1.34 6.86
C LEU B 107 14.28 0.11 6.41
N GLN B 108 13.59 1.00 7.07
CA GLN B 108 13.65 2.43 6.67
C GLN B 108 15.08 2.98 6.83
N ASN B 109 15.25 3.97 7.66
CA ASN B 109 16.62 4.53 7.84
C ASN B 109 17.59 3.39 8.20
N GLY B 110 17.08 2.24 8.55
CA GLY B 110 17.96 1.11 8.90
C GLY B 110 19.04 0.96 7.82
N ARG B 111 18.64 0.73 6.60
CA ARG B 111 19.64 0.58 5.51
C ARG B 111 19.29 1.51 4.35
N ASP B 112 18.63 1.01 3.35
CA ASP B 112 18.27 1.86 2.18
C ASP B 112 16.98 2.64 2.47
N GLU B 113 17.07 3.95 2.58
CA GLU B 113 15.86 4.76 2.86
C GLU B 113 14.80 4.51 1.78
N ASN B 114 13.76 5.30 1.75
CA ASN B 114 12.69 5.11 0.74
C ASN B 114 12.38 3.62 0.55
N LEU B 115 11.40 3.12 1.24
CA LEU B 115 11.04 1.67 1.10
C LEU B 115 10.05 1.48 -0.06
N SER B 116 10.52 1.53 -1.27
CA SER B 116 9.60 1.35 -2.44
C SER B 116 10.25 0.44 -3.48
N GLN B 117 11.35 -0.17 -3.15
CA GLN B 117 12.03 -1.07 -4.13
C GLN B 117 12.11 -2.49 -3.58
N TYR B 118 11.58 -2.72 -2.41
CA TYR B 118 11.62 -4.08 -1.82
C TYR B 118 10.44 -4.92 -2.33
N GLY B 119 9.64 -4.36 -3.20
CA GLY B 119 8.47 -5.13 -3.72
C GLY B 119 7.68 -5.70 -2.54
N ILE B 120 6.74 -4.94 -2.03
CA ILE B 120 5.94 -5.44 -0.88
C ILE B 120 4.45 -5.32 -1.16
N VAL B 121 3.94 -6.11 -2.08
CA VAL B 121 2.49 -6.04 -2.40
C VAL B 121 1.68 -6.41 -1.15
N CYS B 122 0.56 -5.77 -0.95
CA CYS B 122 -0.26 -6.08 0.26
C CYS B 122 -1.73 -5.69 0.03
N LYS B 123 -2.64 -6.42 0.60
CA LYS B 123 -4.09 -6.09 0.43
C LYS B 123 -4.67 -5.76 1.81
N MET B 124 -5.76 -5.04 1.88
CA MET B 124 -6.30 -4.70 3.22
C MET B 124 -7.65 -4.02 3.13
N ASN B 125 -8.43 -4.16 4.17
CA ASN B 125 -9.76 -3.49 4.22
C ASN B 125 -9.60 -2.17 4.97
N ILE B 126 -9.82 -1.07 4.32
CA ILE B 126 -9.62 0.22 5.01
C ILE B 126 -10.95 0.86 5.43
N LYS B 127 -10.95 1.56 6.54
CA LYS B 127 -12.21 2.23 6.99
C LYS B 127 -12.18 3.70 6.53
N VAL B 128 -12.87 4.01 5.48
CA VAL B 128 -12.86 5.42 4.98
C VAL B 128 -13.95 6.24 5.66
N LYS B 129 -13.67 7.50 5.92
CA LYS B 129 -14.68 8.37 6.57
C LYS B 129 -14.34 9.84 6.31
N MET B 130 -15.23 10.72 6.63
CA MET B 130 -14.97 12.17 6.41
C MET B 130 -14.72 12.91 7.73
N TYR B 131 -13.47 13.05 8.12
CA TYR B 131 -13.17 13.77 9.39
C TYR B 131 -13.95 15.09 9.40
N ASN B 132 -13.66 15.95 8.47
CA ASN B 132 -14.38 17.25 8.37
C ASN B 132 -14.52 17.62 6.89
N GLY B 133 -14.54 16.63 6.03
CA GLY B 133 -14.65 16.88 4.57
C GLY B 133 -13.60 16.06 3.83
N LYS B 134 -12.58 15.64 4.52
CA LYS B 134 -11.51 14.84 3.89
C LYS B 134 -11.70 13.35 4.18
N LEU B 135 -11.23 12.50 3.32
CA LEU B 135 -11.40 11.03 3.55
C LEU B 135 -10.35 10.49 4.52
N ASN B 136 -10.77 10.10 5.70
CA ASN B 136 -9.80 9.52 6.67
C ASN B 136 -9.78 8.00 6.49
N ALA B 137 -8.72 7.48 5.92
CA ALA B 137 -8.66 6.00 5.68
C ALA B 137 -7.76 5.29 6.69
N ILE B 138 -8.23 4.19 7.23
CA ILE B 138 -7.42 3.40 8.20
C ILE B 138 -7.35 1.95 7.73
N VAL B 139 -6.50 1.14 8.30
CA VAL B 139 -6.42 -0.30 7.85
C VAL B 139 -6.92 -1.23 8.95
N ARG B 140 -7.54 -2.32 8.58
CA ARG B 140 -8.05 -3.27 9.60
C ARG B 140 -7.47 -4.67 9.38
N GLU B 141 -6.95 -4.95 8.21
CA GLU B 141 -6.39 -6.31 7.96
C GLU B 141 -5.11 -6.22 7.13
N CYS B 142 -4.45 -5.09 7.18
CA CYS B 142 -3.20 -4.91 6.39
C CYS B 142 -2.40 -6.22 6.34
N GLU B 143 -2.31 -6.82 5.17
CA GLU B 143 -1.58 -8.10 5.05
C GLU B 143 -0.58 -8.03 3.89
N PRO B 144 0.62 -8.46 4.16
CA PRO B 144 1.67 -8.48 3.11
C PRO B 144 1.39 -9.60 2.12
N VAL B 145 1.73 -9.41 0.88
CA VAL B 145 1.46 -10.48 -0.12
C VAL B 145 2.59 -10.56 -1.17
N PRO B 146 3.39 -11.57 -1.04
CA PRO B 146 4.52 -11.78 -1.98
C PRO B 146 3.98 -12.23 -3.36
N HIS B 147 4.80 -12.86 -4.15
CA HIS B 147 4.32 -13.31 -5.49
C HIS B 147 3.96 -14.79 -5.44
N SER B 148 4.68 -15.58 -4.69
CA SER B 148 4.36 -17.03 -4.60
C SER B 148 2.94 -17.22 -4.06
N GLN B 149 2.41 -16.23 -3.39
CA GLN B 149 1.03 -16.36 -2.83
C GLN B 149 0.20 -15.13 -3.20
N ILE B 150 -0.29 -15.07 -4.41
CA ILE B 150 -1.11 -13.89 -4.82
C ILE B 150 -2.43 -14.35 -5.44
N SER B 151 -2.38 -15.32 -6.29
CA SER B 151 -3.64 -15.81 -6.94
C SER B 151 -4.43 -16.69 -5.96
N SER B 152 -3.93 -16.85 -4.77
CA SER B 152 -4.64 -17.68 -3.76
C SER B 152 -5.19 -16.75 -2.68
N ILE B 153 -4.40 -15.80 -2.31
CA ILE B 153 -4.81 -14.82 -1.28
C ILE B 153 -5.77 -13.81 -1.89
N ALA B 154 -5.53 -13.45 -3.13
CA ALA B 154 -6.41 -12.46 -3.80
C ALA B 154 -7.55 -13.17 -4.53
N SER B 155 -8.77 -12.81 -4.22
CA SER B 155 -9.94 -13.45 -4.90
C SER B 155 -9.79 -13.29 -6.43
N PRO B 156 -10.82 -13.68 -7.14
CA PRO B 156 -10.78 -13.57 -8.62
C PRO B 156 -10.92 -12.10 -9.03
N SER B 157 -10.70 -11.80 -10.28
CA SER B 157 -10.80 -10.38 -10.73
C SER B 157 -9.69 -9.54 -10.10
N GLN B 158 -9.63 -9.51 -8.79
CA GLN B 158 -8.55 -8.72 -8.13
C GLN B 158 -7.19 -9.25 -8.57
N CYS B 159 -7.10 -10.52 -8.83
CA CYS B 159 -5.79 -11.10 -9.27
C CYS B 159 -5.32 -10.39 -10.54
N GLU B 160 -6.25 -10.05 -11.40
CA GLU B 160 -5.87 -9.35 -12.66
C GLU B 160 -5.45 -7.92 -12.31
N HIS B 161 -6.18 -7.27 -11.45
CA HIS B 161 -5.82 -5.88 -11.05
C HIS B 161 -4.42 -5.88 -10.45
N LEU B 162 -4.11 -6.88 -9.67
CA LEU B 162 -2.75 -6.96 -9.07
C LEU B 162 -1.72 -7.20 -10.18
N ARG B 163 -2.06 -8.03 -11.12
CA ARG B 163 -1.12 -8.30 -12.25
C ARG B 163 -1.01 -7.06 -13.12
N LEU B 164 -2.11 -6.38 -13.35
CA LEU B 164 -2.06 -5.15 -14.18
C LEU B 164 -1.20 -4.09 -13.48
N PHE B 165 -1.17 -4.12 -12.18
CA PHE B 165 -0.33 -3.14 -11.42
C PHE B 165 1.14 -3.35 -11.79
N TYR B 166 1.61 -4.57 -11.69
CA TYR B 166 3.02 -4.85 -12.05
C TYR B 166 3.33 -4.23 -13.42
N GLN B 167 2.45 -4.42 -14.37
CA GLN B 167 2.68 -3.85 -15.71
C GLN B 167 2.82 -2.32 -15.62
N ARG B 168 1.96 -1.68 -14.87
CA ARG B 168 2.04 -0.20 -14.74
C ARG B 168 3.30 0.19 -13.95
N ALA B 169 3.53 -0.45 -12.83
CA ALA B 169 4.74 -0.12 -12.02
C ALA B 169 6.00 -0.30 -12.86
N PHE B 170 5.95 -1.16 -13.85
CA PHE B 170 7.14 -1.38 -14.71
C PHE B 170 7.51 -0.09 -15.45
N LYS B 171 6.56 0.78 -15.63
CA LYS B 171 6.84 2.06 -16.35
C LYS B 171 6.62 3.25 -15.41
N ARG B 172 5.74 3.10 -14.46
CA ARG B 172 5.49 4.22 -13.51
C ARG B 172 6.63 4.31 -12.48
N ILE B 173 7.14 3.20 -12.05
CA ILE B 173 8.26 3.22 -11.05
C ILE B 173 9.55 3.70 -11.72
N GLY B 174 9.88 3.15 -12.86
CA GLY B 174 11.12 3.57 -13.56
C GLY B 174 12.06 2.37 -13.72
N GLU B 175 12.23 1.88 -14.91
CA GLU B 175 13.14 0.71 -15.12
C GLU B 175 14.48 0.97 -14.44
N SER B 176 14.86 2.21 -14.32
CA SER B 176 16.17 2.52 -13.66
C SER B 176 16.12 2.15 -12.19
N ALA B 177 15.07 2.53 -11.51
CA ALA B 177 14.95 2.20 -10.06
C ALA B 177 15.00 0.67 -9.87
N ILE B 178 14.18 -0.04 -10.59
CA ILE B 178 14.19 -1.52 -10.45
C ILE B 178 15.60 -2.07 -10.65
N SER B 179 16.41 -1.37 -11.40
CA SER B 179 17.81 -1.83 -11.61
C SER B 179 18.64 -1.57 -10.36
N ARG B 180 18.28 -0.56 -9.62
CA ARG B 180 19.02 -0.23 -8.38
C ARG B 180 18.86 -1.37 -7.37
N TYR B 181 17.73 -2.03 -7.40
CA TYR B 181 17.50 -3.16 -6.45
C TYR B 181 16.91 -4.31 -7.26
N PHE B 182 17.37 -4.47 -8.46
CA PHE B 182 16.83 -5.55 -9.32
C PHE B 182 16.75 -6.86 -8.54
N GLU B 183 17.84 -7.27 -7.96
CA GLU B 183 17.85 -8.53 -7.16
C GLU B 183 17.06 -8.32 -5.87
N GLU B 184 17.39 -7.27 -5.15
CA GLU B 184 16.67 -6.99 -3.88
C GLU B 184 15.15 -7.05 -4.10
N TYR B 185 14.71 -6.84 -5.31
CA TYR B 185 13.25 -6.86 -5.59
C TYR B 185 12.73 -8.30 -5.71
N ARG B 186 13.42 -9.14 -6.44
CA ARG B 186 12.95 -10.53 -6.60
C ARG B 186 13.00 -11.29 -5.27
N ARG B 187 13.59 -10.69 -4.28
CA ARG B 187 13.68 -11.35 -2.95
C ARG B 187 13.98 -12.85 -3.10
N PHE B 188 12.96 -13.66 -3.16
CA PHE B 188 13.18 -15.14 -3.29
C PHE B 188 13.96 -15.46 -4.57
N PHE B 189 13.48 -15.07 -5.71
CA PHE B 189 14.21 -15.38 -6.97
C PHE B 189 13.63 -14.59 -8.16
N PRO B 190 12.37 -14.83 -8.44
CA PRO B 190 11.70 -14.12 -9.56
C PRO B 190 11.39 -12.67 -9.18
N ILE B 191 11.23 -11.81 -10.15
CA ILE B 191 10.93 -10.38 -9.84
C ILE B 191 9.42 -10.16 -9.80
N LYS B 5 -17.30 -15.23 11.33
CA LYS B 5 -16.73 -15.41 9.96
C LYS B 5 -17.67 -14.80 8.92
N MET B 6 -17.31 -13.67 8.38
CA MET B 6 -18.18 -13.02 7.36
C MET B 6 -17.82 -13.53 5.96
N ALA B 7 -18.43 -12.98 4.95
CA ALA B 7 -18.13 -13.43 3.56
C ALA B 7 -18.94 -12.62 2.55
N ARG B 8 -18.59 -12.69 1.30
CA ARG B 8 -19.35 -11.93 0.26
C ARG B 8 -19.34 -10.44 0.61
N LYS B 9 -19.61 -9.59 -0.36
CA LYS B 9 -19.62 -8.13 -0.08
C LYS B 9 -18.26 -7.67 0.45
N ASP B 10 -18.19 -6.47 0.95
CA ASP B 10 -16.90 -5.96 1.48
C ASP B 10 -15.76 -6.24 0.50
N PRO B 11 -15.92 -5.73 -0.70
CA PRO B 11 -14.90 -5.91 -1.75
C PRO B 11 -13.73 -4.96 -1.54
N THR B 12 -12.90 -4.78 -2.54
CA THR B 12 -11.73 -3.86 -2.39
C THR B 12 -11.81 -2.75 -3.44
N ILE B 13 -11.30 -1.60 -3.12
CA ILE B 13 -11.33 -0.48 -4.10
C ILE B 13 -10.06 0.34 -3.96
N GLU B 14 -9.95 1.44 -4.67
CA GLU B 14 -8.71 2.26 -4.56
C GLU B 14 -8.82 3.55 -5.38
N PHE B 15 -9.21 4.63 -4.74
CA PHE B 15 -9.33 5.93 -5.47
C PHE B 15 -10.33 5.80 -6.62
N CYS B 16 -10.00 5.07 -7.64
CA CYS B 16 -10.93 4.91 -8.79
C CYS B 16 -12.07 3.95 -8.41
N GLN B 17 -11.78 2.96 -7.61
CA GLN B 17 -12.86 2.01 -7.22
C GLN B 17 -13.59 2.50 -5.98
N LEU B 18 -13.36 3.72 -5.59
CA LEU B 18 -14.02 4.29 -4.38
C LEU B 18 -15.54 4.15 -4.41
N GLY B 19 -16.22 5.05 -3.75
CA GLY B 19 -17.71 5.01 -3.71
C GLY B 19 -18.20 5.71 -2.43
N LEU B 20 -17.32 5.99 -1.52
CA LEU B 20 -17.71 6.67 -0.25
C LEU B 20 -18.50 7.94 -0.56
N ASP B 21 -18.69 8.76 0.44
CA ASP B 21 -19.43 10.05 0.23
C ASP B 21 -19.22 10.96 1.45
N THR B 22 -19.33 12.24 1.28
CA THR B 22 -19.12 13.18 2.41
C THR B 22 -19.73 12.64 3.70
N PHE B 23 -20.98 12.85 3.85
CA PHE B 23 -21.68 12.38 5.09
C PHE B 23 -21.61 10.86 5.23
N GLU B 24 -21.11 10.20 4.25
CA GLU B 24 -21.03 8.73 4.29
C GLU B 24 -19.98 8.24 5.26
N THR B 25 -19.51 7.07 4.95
CA THR B 25 -18.46 6.35 5.75
C THR B 25 -18.69 4.84 5.58
N LYS B 26 -17.85 4.16 4.85
CA LYS B 26 -18.08 2.70 4.67
C LYS B 26 -16.86 1.87 5.06
N TYR B 27 -16.89 0.64 4.64
CA TYR B 27 -15.76 -0.29 4.94
C TYR B 27 -15.24 -0.86 3.60
N ILE B 28 -13.95 -0.81 3.38
CA ILE B 28 -13.43 -1.32 2.08
C ILE B 28 -11.96 -1.71 2.18
N THR B 29 -11.49 -2.47 1.21
CA THR B 29 -10.06 -2.91 1.21
C THR B 29 -9.32 -2.26 0.04
N MET B 30 -8.11 -1.84 0.25
CA MET B 30 -7.34 -1.22 -0.87
C MET B 30 -6.06 -2.00 -1.14
N PHE B 31 -5.75 -2.23 -2.39
CA PHE B 31 -4.51 -2.98 -2.71
C PHE B 31 -3.46 -2.01 -3.27
N GLY B 32 -2.20 -2.27 -3.08
CA GLY B 32 -1.17 -1.35 -3.62
C GLY B 32 0.23 -1.74 -3.12
N MET B 33 1.25 -1.11 -3.64
CA MET B 33 2.63 -1.43 -3.20
C MET B 33 3.10 -0.42 -2.16
N LEU B 34 3.42 -0.87 -0.98
CA LEU B 34 3.88 0.05 0.08
C LEU B 34 4.86 1.08 -0.48
N VAL B 35 4.53 2.33 -0.34
CA VAL B 35 5.44 3.40 -0.84
C VAL B 35 6.28 3.94 0.31
N SER B 36 5.67 4.10 1.46
CA SER B 36 6.44 4.61 2.64
C SER B 36 5.65 4.38 3.93
N CYS B 37 6.33 4.30 5.04
CA CYS B 37 5.63 4.07 6.34
C CYS B 37 6.30 4.91 7.44
N SER B 38 5.52 5.60 8.22
CA SER B 38 6.11 6.44 9.31
C SER B 38 5.61 5.98 10.68
N PHE B 39 6.39 5.21 11.38
CA PHE B 39 5.95 4.73 12.73
C PHE B 39 6.18 5.84 13.77
N ASP B 40 6.76 6.94 13.36
CA ASP B 40 7.00 8.05 14.32
C ASP B 40 5.68 8.52 14.94
N LYS B 41 4.68 8.74 14.13
CA LYS B 41 3.37 9.19 14.68
C LYS B 41 2.95 8.31 15.86
N PRO B 42 2.69 8.96 16.97
CA PRO B 42 2.27 8.24 18.20
C PRO B 42 0.85 7.69 18.07
N ALA B 43 0.19 7.96 16.98
CA ALA B 43 -1.21 7.45 16.82
C ALA B 43 -1.22 6.19 15.95
N PHE B 44 -0.20 6.01 15.18
CA PHE B 44 -0.10 4.80 14.31
C PHE B 44 1.10 4.93 13.38
N ILE B 45 1.15 4.15 12.33
CA ILE B 45 2.30 4.25 11.38
C ILE B 45 1.80 4.81 10.04
N SER B 46 1.94 6.10 9.84
CA SER B 46 1.49 6.71 8.56
C SER B 46 1.84 5.80 7.39
N PHE B 47 0.86 5.33 6.67
CA PHE B 47 1.14 4.41 5.53
C PHE B 47 0.57 4.98 4.22
N VAL B 48 1.39 5.05 3.20
CA VAL B 48 0.91 5.58 1.90
C VAL B 48 1.20 4.55 0.81
N PHE B 49 0.16 4.00 0.25
CA PHE B 49 0.33 2.95 -0.80
C PHE B 49 0.12 3.55 -2.19
N SER B 50 0.24 2.75 -3.21
CA SER B 50 0.04 3.28 -4.59
C SER B 50 -0.44 2.17 -5.52
N ASP B 51 -1.21 2.51 -6.52
CA ASP B 51 -1.71 1.48 -7.48
C ASP B 51 -2.14 2.15 -8.79
N PHE B 52 -1.65 3.32 -9.06
CA PHE B 52 -2.04 4.02 -10.32
C PHE B 52 -3.56 4.03 -10.49
N THR B 53 -4.24 4.87 -9.76
CA THR B 53 -5.72 4.92 -9.87
C THR B 53 -6.18 6.38 -9.93
N LYS B 54 -7.41 6.62 -10.31
CA LYS B 54 -7.89 8.03 -10.40
C LYS B 54 -8.56 8.44 -9.08
N ASN B 55 -7.88 9.21 -8.27
CA ASN B 55 -8.46 9.64 -6.97
C ASN B 55 -9.87 10.22 -7.17
N ASP B 56 -10.85 9.66 -6.52
CA ASP B 56 -12.24 10.19 -6.66
C ASP B 56 -12.69 10.80 -5.32
N ILE B 57 -11.83 10.79 -4.34
CA ILE B 57 -12.16 11.35 -3.01
C ILE B 57 -11.31 12.61 -2.78
N VAL B 58 -10.96 12.92 -1.56
CA VAL B 58 -10.15 14.15 -1.32
C VAL B 58 -8.84 13.81 -0.60
N GLN B 59 -8.96 13.44 0.63
CA GLN B 59 -7.75 13.08 1.43
C GLN B 59 -6.80 14.29 1.52
N ASN B 60 -5.55 14.04 1.83
CA ASN B 60 -4.57 15.16 1.94
C ASN B 60 -3.34 14.87 1.09
N TYR B 61 -2.27 15.59 1.31
CA TYR B 61 -1.01 15.37 0.53
C TYR B 61 -0.60 13.90 0.54
N LEU B 62 -1.15 13.10 1.44
CA LEU B 62 -0.74 11.67 1.52
C LEU B 62 0.69 11.61 2.04
N TYR B 63 1.57 12.18 1.29
CA TYR B 63 3.00 12.21 1.69
C TYR B 63 3.57 10.79 1.76
N ASP B 64 4.80 10.66 2.17
CA ASP B 64 5.40 9.30 2.23
C ASP B 64 5.34 8.68 0.84
N ARG B 65 5.49 9.49 -0.18
CA ARG B 65 5.42 8.97 -1.57
C ARG B 65 6.61 9.47 -2.39
N TYR B 66 7.79 9.40 -1.84
CA TYR B 66 9.00 9.86 -2.60
C TYR B 66 9.59 8.67 -3.36
N LEU B 67 8.94 8.26 -4.41
CA LEU B 67 9.42 7.10 -5.21
C LEU B 67 10.94 7.15 -5.41
N ILE B 68 11.51 6.08 -5.90
CA ILE B 68 12.98 6.04 -6.13
C ILE B 68 13.44 7.27 -6.93
N ASP B 69 13.40 7.20 -8.23
CA ASP B 69 13.83 8.36 -9.07
C ASP B 69 13.29 9.66 -8.45
N TYR B 70 14.07 10.72 -8.49
CA TYR B 70 13.60 12.00 -7.89
C TYR B 70 12.89 12.85 -8.94
N GLU B 71 12.67 12.27 -10.09
CA GLU B 71 12.00 13.01 -11.19
C GLU B 71 10.49 12.94 -11.03
N ASN B 72 9.91 11.78 -11.23
CA ASN B 72 8.43 11.66 -11.11
C ASN B 72 8.01 11.76 -9.64
N LYS B 73 6.73 11.67 -9.37
CA LYS B 73 6.26 11.77 -7.97
C LYS B 73 4.77 11.42 -7.88
N LEU B 74 4.42 10.47 -7.06
CA LEU B 74 2.98 10.08 -6.94
C LEU B 74 2.13 11.32 -6.60
N GLU B 75 1.15 11.61 -7.39
CA GLU B 75 0.29 12.79 -7.11
C GLU B 75 -0.90 12.41 -6.23
N LEU B 76 -1.70 13.36 -5.86
CA LEU B 76 -2.89 13.05 -5.02
C LEU B 76 -3.93 12.32 -5.86
N ASN B 77 -3.66 12.13 -7.13
CA ASN B 77 -4.64 11.44 -8.01
C ASN B 77 -4.26 9.97 -8.19
N GLU B 78 -3.62 9.37 -7.22
CA GLU B 78 -3.24 7.93 -7.38
C GLU B 78 -3.00 7.26 -6.02
N GLY B 79 -1.87 7.50 -5.42
CA GLY B 79 -1.58 6.88 -4.10
C GLY B 79 -2.55 7.41 -3.04
N PHE B 80 -2.42 6.95 -1.82
CA PHE B 80 -3.34 7.45 -0.76
C PHE B 80 -2.72 7.18 0.62
N LYS B 81 -3.28 7.75 1.64
CA LYS B 81 -2.71 7.54 3.01
C LYS B 81 -3.57 6.56 3.82
N ALA B 82 -3.02 6.03 4.88
CA ALA B 82 -3.78 5.07 5.72
C ALA B 82 -3.13 4.92 7.09
N ILE B 83 -3.86 4.43 8.06
CA ILE B 83 -3.27 4.25 9.42
C ILE B 83 -3.69 2.91 10.00
N MET B 84 -2.83 2.29 10.78
CA MET B 84 -3.17 0.97 11.36
C MET B 84 -2.68 0.89 12.80
N TYR B 85 -3.54 0.53 13.71
CA TYR B 85 -3.10 0.42 15.13
C TYR B 85 -1.74 -0.27 15.20
N LYS B 86 -0.81 0.29 15.92
CA LYS B 86 0.54 -0.35 16.01
C LYS B 86 0.38 -1.84 16.32
N ASN B 87 -0.46 -2.17 17.26
CA ASN B 87 -0.67 -3.61 17.58
C ASN B 87 -1.05 -4.37 16.32
N GLN B 88 -2.05 -3.90 15.61
CA GLN B 88 -2.45 -4.59 14.36
C GLN B 88 -1.33 -4.46 13.35
N PHE B 89 -0.48 -3.47 13.51
CA PHE B 89 0.66 -3.28 12.58
C PHE B 89 1.78 -4.28 12.91
N GLU B 90 2.05 -4.52 14.16
CA GLU B 90 3.13 -5.49 14.51
C GLU B 90 2.87 -6.76 13.73
N THR B 91 1.64 -7.15 13.67
CA THR B 91 1.28 -8.38 12.93
C THR B 91 1.83 -8.29 11.50
N PHE B 92 1.55 -7.21 10.81
CA PHE B 92 2.07 -7.06 9.43
C PHE B 92 3.61 -7.17 9.42
N ASP B 93 4.27 -6.38 10.22
CA ASP B 93 5.74 -6.44 10.27
C ASP B 93 6.18 -7.89 10.44
N SER B 94 5.68 -8.56 11.44
CA SER B 94 6.07 -9.99 11.63
C SER B 94 5.84 -10.74 10.31
N LYS B 95 4.73 -10.50 9.68
CA LYS B 95 4.46 -11.18 8.39
C LYS B 95 5.52 -10.78 7.37
N LEU B 96 6.01 -9.57 7.49
CA LEU B 96 7.04 -9.06 6.55
C LEU B 96 8.44 -9.57 6.92
N ARG B 97 8.76 -9.61 8.19
CA ARG B 97 10.11 -10.08 8.58
C ARG B 97 10.42 -11.45 7.94
N LYS B 98 9.44 -12.30 7.85
CA LYS B 98 9.69 -13.64 7.24
C LYS B 98 9.84 -13.53 5.73
N ILE B 99 9.41 -12.45 5.17
CA ILE B 99 9.55 -12.28 3.70
C ILE B 99 10.90 -11.63 3.40
N PHE B 100 11.50 -11.04 4.40
CA PHE B 100 12.80 -10.38 4.20
C PHE B 100 13.76 -10.79 5.33
N ASN B 101 13.77 -10.07 6.41
CA ASN B 101 14.68 -10.42 7.55
C ASN B 101 14.54 -9.45 8.75
N ASN B 102 13.65 -8.51 8.68
CA ASN B 102 13.49 -7.54 9.80
C ASN B 102 12.12 -6.87 9.73
N GLY B 103 11.91 -5.83 10.49
CA GLY B 103 10.59 -5.14 10.45
C GLY B 103 10.72 -3.82 9.70
N LEU B 104 9.63 -3.25 9.28
CA LEU B 104 9.70 -1.96 8.55
C LEU B 104 10.69 -1.01 9.24
N ARG B 105 10.55 -0.83 10.52
CA ARG B 105 11.50 0.07 11.26
C ARG B 105 12.94 -0.25 10.88
N ASP B 106 13.27 -1.51 10.75
CA ASP B 106 14.67 -1.88 10.37
C ASP B 106 14.89 -1.61 8.88
N LEU B 107 13.84 -1.68 8.10
CA LEU B 107 13.99 -1.41 6.64
C LEU B 107 14.19 0.08 6.40
N GLN B 108 13.66 0.90 7.27
CA GLN B 108 13.82 2.37 7.10
C GLN B 108 14.79 2.92 8.15
N ASN B 109 15.39 4.04 7.89
CA ASN B 109 16.34 4.63 8.88
C ASN B 109 15.58 5.52 9.86
N GLY B 110 14.31 5.70 9.66
CA GLY B 110 13.52 6.55 10.59
C GLY B 110 13.34 7.94 9.98
N ARG B 111 14.37 8.48 9.38
CA ARG B 111 14.25 9.84 8.76
C ARG B 111 13.87 9.71 7.29
N ASP B 112 14.83 9.80 6.43
CA ASP B 112 14.56 9.68 4.97
C ASP B 112 15.28 8.45 4.40
N GLU B 113 14.57 7.41 4.10
CA GLU B 113 15.23 6.18 3.56
C GLU B 113 14.54 5.72 2.27
N ASN B 114 13.28 5.97 2.13
CA ASN B 114 12.57 5.54 0.89
C ASN B 114 12.52 4.00 0.82
N LEU B 115 11.39 3.42 1.13
CA LEU B 115 11.29 1.93 1.09
C LEU B 115 10.58 1.48 -0.19
N SER B 116 10.51 2.33 -1.18
CA SER B 116 9.83 1.95 -2.45
C SER B 116 10.81 1.26 -3.40
N GLN B 117 11.88 0.71 -2.89
CA GLN B 117 12.86 0.02 -3.76
C GLN B 117 12.63 -1.50 -3.72
N TYR B 118 12.10 -2.00 -2.65
CA TYR B 118 11.87 -3.47 -2.55
C TYR B 118 10.58 -3.85 -3.30
N GLY B 119 9.52 -3.14 -3.08
CA GLY B 119 8.24 -3.47 -3.78
C GLY B 119 7.41 -4.40 -2.90
N ILE B 120 6.75 -3.87 -1.91
CA ILE B 120 5.92 -4.72 -1.02
C ILE B 120 4.43 -4.52 -1.33
N VAL B 121 3.78 -5.52 -1.87
CA VAL B 121 2.34 -5.39 -2.20
C VAL B 121 1.49 -6.15 -1.16
N CYS B 122 0.39 -5.57 -0.74
CA CYS B 122 -0.47 -6.27 0.27
C CYS B 122 -1.90 -5.73 0.21
N LYS B 123 -2.83 -6.45 0.80
CA LYS B 123 -4.25 -5.98 0.81
C LYS B 123 -4.58 -5.46 2.21
N MET B 124 -5.51 -4.54 2.34
CA MET B 124 -5.83 -4.03 3.70
C MET B 124 -7.26 -3.53 3.77
N ASN B 125 -8.01 -3.98 4.73
CA ASN B 125 -9.40 -3.49 4.87
C ASN B 125 -9.37 -2.20 5.67
N ILE B 126 -9.72 -1.10 5.06
CA ILE B 126 -9.65 0.18 5.80
C ILE B 126 -11.03 0.81 5.94
N LYS B 127 -11.24 1.56 7.00
CA LYS B 127 -12.56 2.25 7.15
C LYS B 127 -12.40 3.67 6.60
N VAL B 128 -13.39 4.18 5.93
CA VAL B 128 -13.22 5.54 5.36
C VAL B 128 -14.38 6.47 5.71
N LYS B 129 -14.06 7.71 5.95
CA LYS B 129 -15.12 8.72 6.27
C LYS B 129 -14.63 10.09 5.82
N MET B 130 -15.50 11.04 5.69
CA MET B 130 -15.07 12.38 5.22
C MET B 130 -14.69 13.29 6.39
N TYR B 131 -13.52 13.87 6.31
CA TYR B 131 -13.06 14.79 7.38
C TYR B 131 -13.35 16.23 6.98
N ASN B 132 -14.60 16.60 6.93
CA ASN B 132 -14.95 17.98 6.51
C ASN B 132 -14.66 18.15 5.01
N GLY B 133 -14.31 17.08 4.35
CA GLY B 133 -14.02 17.18 2.88
C GLY B 133 -12.87 16.23 2.51
N LYS B 134 -12.22 15.64 3.49
CA LYS B 134 -11.11 14.73 3.21
C LYS B 134 -11.53 13.29 3.46
N LEU B 135 -10.59 12.41 3.66
CA LEU B 135 -10.97 10.99 3.91
C LEU B 135 -10.08 10.35 4.99
N ASN B 136 -10.66 9.98 6.09
CA ASN B 136 -9.89 9.32 7.18
C ASN B 136 -9.90 7.81 6.90
N ALA B 137 -8.78 7.24 6.56
CA ALA B 137 -8.77 5.79 6.24
C ALA B 137 -8.04 5.00 7.33
N ILE B 138 -8.77 4.28 8.13
CA ILE B 138 -8.12 3.44 9.18
C ILE B 138 -7.94 2.03 8.65
N VAL B 139 -6.91 1.35 9.04
CA VAL B 139 -6.69 -0.03 8.52
C VAL B 139 -7.22 -1.05 9.53
N ARG B 140 -7.99 -2.00 9.07
CA ARG B 140 -8.54 -3.03 9.98
C ARG B 140 -7.78 -4.35 9.80
N GLU B 141 -7.26 -4.59 8.62
CA GLU B 141 -6.50 -5.85 8.40
C GLU B 141 -5.12 -5.54 7.80
N CYS B 142 -4.28 -6.52 7.68
CA CYS B 142 -2.94 -6.26 7.11
C CYS B 142 -2.28 -7.58 6.67
N GLU B 143 -2.44 -7.93 5.42
CA GLU B 143 -1.83 -9.19 4.92
C GLU B 143 -0.92 -8.89 3.73
N PRO B 144 0.35 -9.10 3.92
CA PRO B 144 1.33 -8.83 2.84
C PRO B 144 1.15 -9.81 1.69
N VAL B 145 1.34 -9.36 0.48
CA VAL B 145 1.18 -10.25 -0.70
C VAL B 145 2.37 -10.08 -1.65
N PRO B 146 3.45 -10.72 -1.30
CA PRO B 146 4.69 -10.64 -2.11
C PRO B 146 4.56 -11.48 -3.39
N HIS B 147 4.99 -12.70 -3.36
CA HIS B 147 4.91 -13.56 -4.57
C HIS B 147 5.10 -15.03 -4.21
N SER B 148 4.58 -15.45 -3.09
CA SER B 148 4.74 -16.88 -2.68
C SER B 148 3.48 -17.36 -1.96
N GLN B 149 2.89 -16.52 -1.16
CA GLN B 149 1.65 -16.92 -0.43
C GLN B 149 0.42 -16.32 -1.11
N ILE B 150 0.62 -15.59 -2.16
CA ILE B 150 -0.54 -14.98 -2.87
C ILE B 150 -1.62 -16.03 -3.13
N SER B 151 -1.23 -17.20 -3.57
CA SER B 151 -2.23 -18.27 -3.84
C SER B 151 -2.92 -18.71 -2.56
N SER B 152 -2.48 -18.21 -1.43
CA SER B 152 -3.14 -18.59 -0.14
C SER B 152 -3.85 -17.37 0.43
N ILE B 153 -3.51 -16.22 -0.07
CA ILE B 153 -4.14 -14.97 0.42
C ILE B 153 -5.06 -14.41 -0.68
N ALA B 154 -4.73 -14.68 -1.91
CA ALA B 154 -5.57 -14.19 -3.05
C ALA B 154 -5.78 -15.32 -4.05
N SER B 155 -6.80 -15.23 -4.87
CA SER B 155 -7.04 -16.31 -5.86
C SER B 155 -8.18 -15.94 -6.82
N PRO B 156 -9.35 -15.76 -6.26
CA PRO B 156 -10.54 -15.40 -7.07
C PRO B 156 -10.41 -13.98 -7.62
N SER B 157 -10.03 -13.85 -8.87
CA SER B 157 -9.89 -12.49 -9.48
C SER B 157 -8.69 -11.75 -8.89
N GLN B 158 -8.63 -11.65 -7.58
CA GLN B 158 -7.48 -10.94 -6.95
C GLN B 158 -6.15 -11.49 -7.46
N CYS B 159 -6.14 -12.71 -7.93
CA CYS B 159 -4.87 -13.29 -8.44
C CYS B 159 -4.47 -12.61 -9.75
N GLU B 160 -5.35 -12.60 -10.72
CA GLU B 160 -5.01 -11.95 -12.02
C GLU B 160 -4.87 -10.44 -11.81
N HIS B 161 -5.73 -9.86 -11.02
CA HIS B 161 -5.65 -8.39 -10.77
C HIS B 161 -4.26 -8.03 -10.25
N LEU B 162 -3.70 -8.86 -9.41
CA LEU B 162 -2.35 -8.58 -8.87
C LEU B 162 -1.29 -8.82 -9.96
N ARG B 163 -1.41 -9.91 -10.67
CA ARG B 163 -0.43 -10.21 -11.75
C ARG B 163 -0.35 -9.03 -12.73
N LEU B 164 -1.47 -8.49 -13.11
CA LEU B 164 -1.47 -7.36 -14.06
C LEU B 164 -0.90 -6.10 -13.40
N PHE B 165 -1.04 -5.98 -12.11
CA PHE B 165 -0.49 -4.78 -11.41
C PHE B 165 1.05 -4.80 -11.48
N TYR B 166 1.63 -5.97 -11.52
CA TYR B 166 3.12 -6.05 -11.59
C TYR B 166 3.58 -5.64 -13.00
N GLN B 167 2.89 -6.08 -14.02
CA GLN B 167 3.29 -5.71 -15.40
C GLN B 167 3.39 -4.19 -15.53
N ARG B 168 2.37 -3.48 -15.10
CA ARG B 168 2.40 -1.99 -15.19
C ARG B 168 3.47 -1.42 -14.24
N ALA B 169 3.47 -1.86 -13.01
CA ALA B 169 4.49 -1.34 -12.05
C ALA B 169 5.89 -1.67 -12.53
N PHE B 170 6.07 -2.82 -13.13
CA PHE B 170 7.44 -3.20 -13.62
C PHE B 170 7.95 -2.19 -14.65
N LYS B 171 7.05 -1.52 -15.32
CA LYS B 171 7.49 -0.53 -16.35
C LYS B 171 7.07 0.88 -15.93
N ARG B 172 6.11 0.99 -15.06
CA ARG B 172 5.65 2.34 -14.61
C ARG B 172 6.52 2.84 -13.46
N ILE B 173 7.06 1.95 -12.66
CA ILE B 173 7.91 2.39 -11.53
C ILE B 173 9.13 3.15 -12.05
N GLY B 174 9.77 2.66 -13.08
CA GLY B 174 10.96 3.36 -13.64
C GLY B 174 11.99 2.33 -14.09
N GLU B 175 12.09 2.12 -15.37
CA GLU B 175 13.08 1.13 -15.88
C GLU B 175 14.44 1.37 -15.23
N SER B 176 14.81 2.60 -15.05
CA SER B 176 16.12 2.91 -14.41
C SER B 176 16.16 2.36 -12.98
N ALA B 177 15.12 2.57 -12.23
CA ALA B 177 15.09 2.06 -10.83
C ALA B 177 15.45 0.58 -10.81
N ILE B 178 14.93 -0.19 -11.73
CA ILE B 178 15.24 -1.64 -11.78
C ILE B 178 16.77 -1.84 -11.80
N SER B 179 17.47 -0.97 -12.46
CA SER B 179 18.95 -1.11 -12.53
C SER B 179 19.58 -0.68 -11.19
N ARG B 180 18.92 0.20 -10.48
CA ARG B 180 19.46 0.66 -9.17
C ARG B 180 19.56 -0.51 -8.20
N TYR B 181 18.66 -1.46 -8.29
CA TYR B 181 18.73 -2.65 -7.38
C TYR B 181 18.28 -3.87 -8.17
N PHE B 182 18.96 -4.16 -9.24
CA PHE B 182 18.55 -5.32 -10.07
C PHE B 182 18.27 -6.55 -9.20
N GLU B 183 19.21 -6.92 -8.38
CA GLU B 183 19.01 -8.12 -7.50
C GLU B 183 17.81 -7.92 -6.58
N GLU B 184 17.84 -6.87 -5.79
CA GLU B 184 16.71 -6.62 -4.85
C GLU B 184 15.37 -6.57 -5.58
N TYR B 185 15.37 -6.26 -6.86
CA TYR B 185 14.08 -6.18 -7.60
C TYR B 185 13.64 -7.57 -8.07
N ARG B 186 14.55 -8.37 -8.55
CA ARG B 186 14.17 -9.72 -9.04
C ARG B 186 13.68 -10.59 -7.87
N ARG B 187 13.89 -10.12 -6.67
CA ARG B 187 13.46 -10.88 -5.46
C ARG B 187 13.47 -12.40 -5.71
N PHE B 188 12.35 -12.93 -6.14
CA PHE B 188 12.29 -14.40 -6.41
C PHE B 188 11.95 -14.64 -7.88
N PHE B 189 12.78 -14.20 -8.78
CA PHE B 189 12.51 -14.39 -10.23
C PHE B 189 13.72 -13.95 -11.06
N PRO B 190 13.95 -14.65 -12.13
CA PRO B 190 15.09 -14.33 -13.02
C PRO B 190 14.75 -13.12 -13.91
N ILE B 191 14.19 -12.08 -13.35
CA ILE B 191 13.84 -10.88 -14.17
C ILE B 191 13.32 -11.29 -15.55
#